data_2FM4
#
_entry.id   2FM4
#
_entity_poly.entity_id   1
_entity_poly.type   'polypeptide(L)'
_entity_poly.pdbx_seq_one_letter_code
;AALKAGEVIGSALPASPGAAAGKVYFTADEAKAAHEKGERVILVRLETSPEDIEGMHAAEGILTVRGGMTSHAAVVARGM
GTCCVSGCGEIKINEEAKTFELGGHTFAEGDYISLDGSTGKIYKGDIE
;
_entity_poly.pdbx_strand_id   A
#
# COMPACT_ATOMS: atom_id res chain seq x y z
N ALA A 1 -1.83 14.84 -16.60
CA ALA A 1 -0.44 14.34 -16.62
C ALA A 1 -0.37 12.91 -16.10
N ALA A 2 0.35 12.08 -16.82
CA ALA A 2 0.46 10.66 -16.38
C ALA A 2 -0.92 10.05 -16.16
N LEU A 3 -0.96 9.00 -15.39
CA LEU A 3 -2.25 8.35 -15.13
C LEU A 3 -2.99 8.11 -16.43
N LYS A 4 -2.27 8.27 -17.49
CA LYS A 4 -2.85 8.07 -18.83
C LYS A 4 -1.93 7.16 -19.60
N ALA A 5 -0.84 6.86 -18.97
CA ALA A 5 0.16 5.99 -19.59
C ALA A 5 1.25 5.64 -18.58
N GLY A 6 0.90 5.72 -17.32
CA GLY A 6 1.89 5.41 -16.26
C GLY A 6 2.32 3.94 -16.35
N GLU A 7 3.56 3.70 -16.07
CA GLU A 7 4.07 2.30 -16.13
C GLU A 7 3.44 1.45 -15.01
N VAL A 8 2.19 1.72 -14.73
CA VAL A 8 1.49 0.95 -13.66
C VAL A 8 1.84 -0.53 -13.72
N ILE A 9 1.94 -1.12 -12.56
CA ILE A 9 2.29 -2.56 -12.49
C ILE A 9 1.04 -3.44 -12.57
N GLY A 10 0.10 -3.21 -11.70
CA GLY A 10 -1.14 -4.04 -11.73
C GLY A 10 -2.32 -3.28 -11.13
N SER A 11 -3.30 -4.01 -10.68
CA SER A 11 -4.50 -3.35 -10.09
C SER A 11 -5.33 -4.35 -9.30
N ALA A 12 -5.30 -4.22 -8.00
CA ALA A 12 -6.09 -5.15 -7.16
C ALA A 12 -7.53 -4.67 -7.02
N LEU A 13 -8.12 -4.92 -5.87
CA LEU A 13 -9.52 -4.48 -5.66
C LEU A 13 -9.57 -3.14 -4.91
N PRO A 14 -10.47 -2.26 -5.31
CA PRO A 14 -10.60 -0.95 -4.67
C PRO A 14 -11.17 -1.09 -3.25
N ALA A 15 -10.31 -1.18 -2.27
CA ALA A 15 -10.82 -1.32 -0.88
C ALA A 15 -11.57 -0.06 -0.49
N SER A 16 -10.85 1.03 -0.32
CA SER A 16 -11.50 2.31 0.05
C SER A 16 -10.97 3.45 -0.84
N PRO A 17 -11.86 4.33 -1.26
CA PRO A 17 -11.46 5.45 -2.12
C PRO A 17 -10.33 6.23 -1.46
N GLY A 18 -9.12 5.98 -1.90
CA GLY A 18 -7.97 6.73 -1.29
C GLY A 18 -6.80 6.88 -2.27
N ALA A 19 -5.94 7.80 -1.95
CA ALA A 19 -4.76 8.04 -2.83
C ALA A 19 -3.55 8.33 -1.94
N ALA A 20 -2.47 7.63 -2.15
CA ALA A 20 -1.29 7.90 -1.29
C ALA A 20 0.03 7.64 -1.98
N ALA A 21 1.05 8.22 -1.43
CA ALA A 21 2.41 8.07 -1.96
C ALA A 21 3.36 7.90 -0.79
N GLY A 22 3.86 6.72 -0.63
CA GLY A 22 4.80 6.48 0.51
C GLY A 22 5.78 5.36 0.18
N LYS A 23 6.82 5.27 0.98
CA LYS A 23 7.82 4.22 0.73
C LYS A 23 7.40 2.92 1.40
N VAL A 24 7.58 1.85 0.69
CA VAL A 24 7.20 0.52 1.23
C VAL A 24 7.85 0.21 2.58
N TYR A 25 7.13 -0.54 3.39
CA TYR A 25 7.63 -0.94 4.74
C TYR A 25 6.68 -1.99 5.32
N PHE A 26 7.22 -2.98 5.98
CA PHE A 26 6.34 -4.05 6.57
C PHE A 26 6.38 -4.06 8.09
N THR A 27 6.36 -2.90 8.69
CA THR A 27 6.39 -2.87 10.17
C THR A 27 5.87 -1.56 10.72
N ALA A 28 5.21 -1.66 11.84
CA ALA A 28 4.65 -0.44 12.45
C ALA A 28 5.78 0.33 13.12
N ASP A 29 6.86 -0.37 13.35
CA ASP A 29 8.02 0.28 13.99
C ASP A 29 8.72 1.20 12.99
N GLU A 30 8.82 0.73 11.77
CA GLU A 30 9.47 1.55 10.74
C GLU A 30 8.64 2.78 10.47
N ALA A 31 7.36 2.67 10.70
CA ALA A 31 6.47 3.82 10.47
C ALA A 31 6.73 4.84 11.55
N LYS A 32 6.94 4.36 12.74
CA LYS A 32 7.19 5.28 13.86
C LYS A 32 8.40 6.13 13.52
N ALA A 33 9.42 5.50 12.98
CA ALA A 33 10.64 6.25 12.63
C ALA A 33 10.35 7.15 11.46
N ALA A 34 9.77 6.59 10.48
CA ALA A 34 9.44 7.38 9.27
C ALA A 34 8.54 8.52 9.67
N HIS A 35 7.38 8.17 10.18
CA HIS A 35 6.43 9.21 10.59
C HIS A 35 7.14 10.35 11.32
N GLU A 36 8.22 10.02 11.98
CA GLU A 36 8.98 11.04 12.70
C GLU A 36 10.03 11.68 11.81
N LYS A 37 10.44 10.98 10.79
CA LYS A 37 11.47 11.52 9.88
C LYS A 37 10.88 12.23 8.66
N GLY A 38 9.97 11.58 8.00
CA GLY A 38 9.35 12.23 6.80
C GLY A 38 7.93 11.71 6.53
N GLU A 39 7.54 10.67 7.21
CA GLU A 39 6.19 10.12 6.98
C GLU A 39 6.02 9.60 5.57
N ARG A 40 4.85 9.74 5.04
CA ARG A 40 4.63 9.23 3.67
C ARG A 40 5.14 7.81 3.60
N VAL A 41 4.48 6.94 4.33
CA VAL A 41 4.88 5.53 4.34
C VAL A 41 3.75 4.60 3.90
N ILE A 42 4.12 3.46 3.40
CA ILE A 42 3.12 2.46 2.95
C ILE A 42 3.27 1.18 3.76
N LEU A 43 2.23 0.35 3.76
CA LEU A 43 2.33 -0.92 4.55
C LEU A 43 1.83 -2.15 3.78
N VAL A 44 2.68 -3.15 3.70
CA VAL A 44 2.30 -4.40 2.97
C VAL A 44 2.22 -5.56 3.96
N ARG A 45 1.12 -6.26 3.96
CA ARG A 45 1.00 -7.39 4.90
C ARG A 45 0.04 -8.47 4.38
N LEU A 46 0.34 -9.71 4.70
CA LEU A 46 -0.53 -10.81 4.26
C LEU A 46 -1.77 -10.90 5.13
N GLU A 47 -1.97 -9.88 5.92
CA GLU A 47 -3.15 -9.84 6.83
C GLU A 47 -3.19 -8.51 7.56
N THR A 48 -4.38 -7.96 7.71
CA THR A 48 -4.51 -6.66 8.42
C THR A 48 -5.11 -6.84 9.81
N SER A 49 -4.78 -5.93 10.71
CA SER A 49 -5.32 -6.03 12.09
C SER A 49 -5.68 -4.64 12.64
N PRO A 50 -6.54 -4.61 13.64
CA PRO A 50 -6.98 -3.34 14.26
C PRO A 50 -5.84 -2.63 14.98
N GLU A 51 -5.40 -3.21 16.07
CA GLU A 51 -4.29 -2.60 16.87
C GLU A 51 -3.25 -1.90 15.99
N ASP A 52 -3.07 -2.41 14.81
CA ASP A 52 -2.06 -1.78 13.90
C ASP A 52 -2.44 -0.34 13.56
N ILE A 53 -3.63 0.06 13.95
CA ILE A 53 -4.10 1.46 13.66
C ILE A 53 -2.95 2.47 13.66
N GLU A 54 -2.24 2.57 14.75
CA GLU A 54 -1.13 3.54 14.77
C GLU A 54 -0.30 3.38 13.51
N GLY A 55 -0.08 2.15 13.15
CA GLY A 55 0.71 1.88 11.93
C GLY A 55 -0.13 2.25 10.71
N MET A 56 -1.44 2.20 10.86
CA MET A 56 -2.31 2.55 9.72
C MET A 56 -2.24 4.04 9.45
N HIS A 57 -2.34 4.84 10.49
CA HIS A 57 -2.28 6.31 10.26
C HIS A 57 -0.96 6.65 9.60
N ALA A 58 0.11 6.37 10.28
CA ALA A 58 1.43 6.68 9.69
C ALA A 58 1.48 6.14 8.27
N ALA A 59 0.80 5.05 8.08
CA ALA A 59 0.77 4.43 6.74
C ALA A 59 -0.50 4.85 6.01
N GLU A 60 -0.53 6.10 5.62
CA GLU A 60 -1.73 6.60 4.91
C GLU A 60 -2.03 5.76 3.66
N GLY A 61 -1.25 4.73 3.47
CA GLY A 61 -1.48 3.85 2.29
C GLY A 61 -1.19 2.39 2.69
N ILE A 62 -1.92 1.45 2.13
CA ILE A 62 -1.66 0.04 2.50
C ILE A 62 -1.94 -0.92 1.35
N LEU A 63 -0.92 -1.60 0.93
CA LEU A 63 -1.06 -2.57 -0.19
C LEU A 63 -0.80 -3.97 0.34
N THR A 64 -1.86 -4.69 0.65
CA THR A 64 -1.69 -6.06 1.18
C THR A 64 -2.05 -7.13 0.17
N VAL A 65 -1.57 -8.32 0.42
CA VAL A 65 -1.86 -9.43 -0.49
C VAL A 65 -3.17 -10.09 -0.12
N ARG A 66 -3.58 -9.88 1.10
CA ARG A 66 -4.86 -10.47 1.56
C ARG A 66 -5.99 -9.47 1.51
N GLY A 67 -6.77 -9.46 2.55
CA GLY A 67 -7.92 -8.50 2.59
C GLY A 67 -9.01 -8.98 1.63
N GLY A 68 -10.00 -8.15 1.41
CA GLY A 68 -11.09 -8.57 0.48
C GLY A 68 -12.14 -7.45 0.33
N MET A 69 -13.23 -7.78 -0.31
CA MET A 69 -14.29 -6.77 -0.50
C MET A 69 -14.58 -6.02 0.80
N THR A 70 -14.54 -6.73 1.89
CA THR A 70 -14.81 -6.07 3.19
C THR A 70 -14.23 -6.88 4.34
N SER A 71 -13.49 -6.21 5.16
CA SER A 71 -12.88 -6.89 6.33
C SER A 71 -12.18 -5.86 7.21
N HIS A 72 -11.57 -6.31 8.27
CA HIS A 72 -10.87 -5.35 9.15
C HIS A 72 -10.06 -4.37 8.32
N ALA A 73 -9.46 -4.88 7.28
CA ALA A 73 -8.65 -4.00 6.40
C ALA A 73 -9.47 -2.86 5.81
N ALA A 74 -10.58 -3.21 5.22
CA ALA A 74 -11.45 -2.16 4.62
C ALA A 74 -12.25 -1.45 5.69
N VAL A 75 -12.92 -2.21 6.49
CA VAL A 75 -13.73 -1.59 7.55
C VAL A 75 -12.91 -0.54 8.29
N VAL A 76 -11.74 -0.92 8.72
CA VAL A 76 -10.90 0.05 9.44
C VAL A 76 -10.53 1.20 8.52
N ALA A 77 -10.25 0.87 7.28
CA ALA A 77 -9.88 1.93 6.32
C ALA A 77 -11.06 2.87 6.08
N ARG A 78 -12.20 2.29 5.78
CA ARG A 78 -13.39 3.13 5.54
C ARG A 78 -13.63 4.08 6.71
N GLY A 79 -13.22 3.65 7.88
CA GLY A 79 -13.41 4.51 9.07
C GLY A 79 -12.32 5.58 9.14
N MET A 80 -11.13 5.21 8.72
CA MET A 80 -10.01 6.17 8.75
C MET A 80 -9.82 6.82 7.38
N GLY A 81 -10.72 6.54 6.48
CA GLY A 81 -10.61 7.11 5.12
C GLY A 81 -9.20 6.94 4.55
N THR A 82 -8.50 5.95 5.03
CA THR A 82 -7.13 5.73 4.53
C THR A 82 -7.15 4.89 3.24
N CYS A 83 -6.22 5.17 2.36
CA CYS A 83 -6.17 4.41 1.08
C CYS A 83 -5.60 3.03 1.33
N CYS A 84 -6.28 2.02 0.86
CA CYS A 84 -5.75 0.66 1.08
C CYS A 84 -6.19 -0.30 -0.02
N VAL A 85 -5.32 -1.25 -0.32
CA VAL A 85 -5.67 -2.25 -1.37
C VAL A 85 -5.71 -3.62 -0.77
N SER A 86 -6.36 -4.52 -1.45
CA SER A 86 -6.44 -5.86 -0.91
C SER A 86 -6.57 -6.92 -2.01
N GLY A 87 -6.01 -8.08 -1.72
CA GLY A 87 -6.08 -9.17 -2.72
C GLY A 87 -5.60 -8.73 -4.09
N CYS A 88 -4.32 -8.93 -4.34
CA CYS A 88 -3.75 -8.53 -5.65
C CYS A 88 -3.61 -9.75 -6.54
N GLY A 89 -2.77 -9.67 -7.53
CA GLY A 89 -2.59 -10.84 -8.44
C GLY A 89 -1.96 -12.00 -7.68
N GLU A 90 -0.67 -12.15 -7.85
CA GLU A 90 0.06 -13.24 -7.15
C GLU A 90 1.34 -12.68 -6.53
N ILE A 91 1.19 -11.54 -5.91
CA ILE A 91 2.37 -10.89 -5.28
C ILE A 91 3.28 -11.89 -4.59
N LYS A 92 4.44 -12.05 -5.17
CA LYS A 92 5.41 -12.99 -4.57
C LYS A 92 6.32 -12.17 -3.68
N ILE A 93 6.39 -12.51 -2.42
CA ILE A 93 7.27 -11.70 -1.55
C ILE A 93 8.69 -12.20 -1.53
N ASN A 94 9.61 -11.27 -1.71
CA ASN A 94 11.05 -11.63 -1.73
C ASN A 94 11.73 -11.22 -0.42
N GLU A 95 12.25 -12.20 0.27
CA GLU A 95 12.95 -11.94 1.56
C GLU A 95 14.20 -11.05 1.42
N GLU A 96 14.65 -10.80 0.21
CA GLU A 96 15.88 -9.93 0.08
C GLU A 96 15.71 -8.74 0.99
N ALA A 97 14.50 -8.52 1.30
CA ALA A 97 14.09 -7.44 2.17
C ALA A 97 12.63 -7.72 2.42
N LYS A 98 11.80 -6.98 1.78
CA LYS A 98 10.33 -7.19 1.96
C LYS A 98 9.61 -6.68 0.73
N THR A 99 9.87 -7.34 -0.38
CA THR A 99 9.23 -6.93 -1.66
C THR A 99 8.00 -7.75 -2.02
N PHE A 100 7.44 -7.40 -3.16
CA PHE A 100 6.23 -8.08 -3.71
C PHE A 100 6.28 -7.99 -5.24
N GLU A 101 6.36 -9.12 -5.90
CA GLU A 101 6.41 -9.09 -7.39
C GLU A 101 5.02 -9.14 -8.00
N LEU A 102 4.70 -8.10 -8.74
CA LEU A 102 3.35 -8.06 -9.38
C LEU A 102 3.44 -7.40 -10.75
N GLY A 103 2.50 -7.74 -11.61
CA GLY A 103 2.51 -7.16 -12.98
C GLY A 103 3.83 -7.44 -13.67
N GLY A 104 4.58 -6.39 -13.94
CA GLY A 104 5.90 -6.58 -14.63
C GLY A 104 7.02 -5.86 -13.87
N HIS A 105 6.86 -5.72 -12.58
CA HIS A 105 7.91 -5.02 -11.80
C HIS A 105 7.95 -5.54 -10.38
N THR A 106 9.11 -5.46 -9.77
CA THR A 106 9.25 -5.93 -8.37
C THR A 106 9.41 -4.76 -7.42
N PHE A 107 8.42 -4.56 -6.59
CA PHE A 107 8.49 -3.44 -5.63
C PHE A 107 9.15 -3.94 -4.35
N ALA A 108 10.33 -3.47 -4.09
CA ALA A 108 11.04 -3.91 -2.87
C ALA A 108 10.90 -2.94 -1.74
N GLU A 109 10.91 -3.48 -0.53
CA GLU A 109 10.79 -2.61 0.65
C GLU A 109 12.02 -1.80 0.74
N GLY A 110 12.13 -0.92 -0.18
CA GLY A 110 13.29 -0.07 -0.20
C GLY A 110 13.14 1.00 -1.28
N ASP A 111 11.89 1.28 -1.68
CA ASP A 111 11.67 2.32 -2.74
C ASP A 111 10.45 3.20 -2.46
N TYR A 112 10.14 4.05 -3.43
CA TYR A 112 8.96 4.97 -3.30
C TYR A 112 7.90 4.66 -4.36
N ILE A 113 6.66 4.51 -3.92
CA ILE A 113 5.58 4.20 -4.91
C ILE A 113 4.29 4.99 -4.63
N SER A 114 3.46 5.09 -5.66
CA SER A 114 2.17 5.83 -5.50
C SER A 114 1.03 4.91 -5.90
N LEU A 115 0.21 4.53 -4.94
CA LEU A 115 -0.90 3.64 -5.26
C LEU A 115 -2.25 4.37 -5.18
N ASP A 116 -3.13 4.04 -6.11
CA ASP A 116 -4.46 4.70 -6.13
C ASP A 116 -5.50 3.90 -5.37
N GLY A 117 -6.54 4.59 -5.05
CA GLY A 117 -7.63 3.98 -4.32
C GLY A 117 -8.89 4.71 -4.72
N SER A 118 -9.51 4.15 -5.64
CA SER A 118 -10.76 4.71 -6.18
C SER A 118 -11.17 3.87 -7.37
N THR A 119 -10.36 2.89 -7.60
CA THR A 119 -10.58 1.95 -8.72
C THR A 119 -9.64 0.79 -8.53
N GLY A 120 -8.60 1.04 -7.75
CA GLY A 120 -7.59 -0.01 -7.48
C GLY A 120 -6.53 -0.07 -8.57
N LYS A 121 -5.68 0.91 -8.58
CA LYS A 121 -4.59 0.95 -9.60
C LYS A 121 -3.31 1.41 -8.96
N ILE A 122 -2.35 0.54 -8.87
CA ILE A 122 -1.08 0.94 -8.24
C ILE A 122 -0.08 1.52 -9.26
N TYR A 123 0.74 2.43 -8.80
CA TYR A 123 1.74 3.06 -9.69
C TYR A 123 2.99 3.39 -8.89
N LYS A 124 4.09 3.60 -9.56
CA LYS A 124 5.34 3.93 -8.81
C LYS A 124 5.86 5.32 -9.16
N GLY A 125 6.70 5.85 -8.30
CA GLY A 125 7.25 7.21 -8.56
C GLY A 125 6.21 8.29 -8.24
N ASP A 126 6.60 9.24 -7.45
CA ASP A 126 5.66 10.33 -7.09
C ASP A 126 5.23 11.11 -8.33
N ILE A 127 3.97 11.03 -8.65
CA ILE A 127 3.48 11.76 -9.84
C ILE A 127 3.63 13.27 -9.66
N GLU A 128 3.51 13.99 -10.74
CA GLU A 128 3.64 15.46 -10.64
C GLU A 128 3.05 16.14 -11.88
N ALA A 1 -1.32 13.92 -16.51
CA ALA A 1 -0.74 13.80 -17.88
C ALA A 1 0.24 12.63 -17.94
N ALA A 2 0.18 11.77 -16.95
CA ALA A 2 1.10 10.61 -16.92
C ALA A 2 0.36 9.37 -16.49
N LEU A 3 -0.94 9.44 -16.53
CA LEU A 3 -1.75 8.27 -16.12
C LEU A 3 -2.13 7.48 -17.34
N LYS A 4 -1.52 7.85 -18.43
CA LYS A 4 -1.78 7.17 -19.71
C LYS A 4 -0.50 6.59 -20.23
N ALA A 5 0.52 6.76 -19.48
CA ALA A 5 1.84 6.24 -19.88
C ALA A 5 2.78 6.21 -18.69
N GLY A 6 2.22 6.20 -17.52
CA GLY A 6 3.08 6.18 -16.29
C GLY A 6 3.62 4.76 -16.06
N GLU A 7 3.42 4.25 -14.87
CA GLU A 7 3.91 2.89 -14.56
C GLU A 7 2.98 2.19 -13.58
N VAL A 8 1.96 1.57 -14.11
CA VAL A 8 1.01 0.85 -13.23
C VAL A 8 1.35 -0.63 -13.14
N ILE A 9 1.31 -1.14 -11.95
CA ILE A 9 1.62 -2.58 -11.76
C ILE A 9 0.35 -3.42 -11.86
N GLY A 10 -0.75 -2.85 -11.45
CA GLY A 10 -2.03 -3.61 -11.52
C GLY A 10 -3.11 -2.94 -10.66
N SER A 11 -4.25 -3.58 -10.60
CA SER A 11 -5.36 -3.02 -9.79
C SER A 11 -6.12 -4.14 -9.08
N ALA A 12 -6.70 -3.83 -7.94
CA ALA A 12 -7.44 -4.87 -7.20
C ALA A 12 -8.70 -4.30 -6.55
N LEU A 13 -9.13 -4.92 -5.48
CA LEU A 13 -10.34 -4.44 -4.77
C LEU A 13 -10.15 -3.02 -4.21
N PRO A 14 -10.91 -2.05 -4.73
CA PRO A 14 -10.80 -0.67 -4.25
C PRO A 14 -11.32 -0.54 -2.83
N ALA A 15 -10.43 -0.51 -1.88
CA ALA A 15 -10.88 -0.38 -0.47
C ALA A 15 -11.68 0.91 -0.27
N SER A 16 -10.97 2.02 -0.20
CA SER A 16 -11.68 3.32 0.00
C SER A 16 -11.08 4.41 -0.92
N PRO A 17 -11.90 5.38 -1.29
CA PRO A 17 -11.46 6.47 -2.15
C PRO A 17 -10.26 7.21 -1.52
N GLY A 18 -9.08 6.95 -2.03
CA GLY A 18 -7.89 7.65 -1.45
C GLY A 18 -6.73 7.83 -2.46
N ALA A 19 -5.83 8.71 -2.12
CA ALA A 19 -4.67 8.97 -3.02
C ALA A 19 -3.41 9.09 -2.15
N ALA A 20 -2.39 8.27 -2.41
CA ALA A 20 -1.18 8.39 -1.55
C ALA A 20 0.11 8.01 -2.25
N ALA A 21 1.19 8.47 -1.66
CA ALA A 21 2.55 8.21 -2.21
C ALA A 21 3.52 8.13 -1.03
N GLY A 22 3.97 6.94 -0.72
CA GLY A 22 4.93 6.81 0.44
C GLY A 22 5.84 5.59 0.30
N LYS A 23 6.86 5.54 1.14
CA LYS A 23 7.80 4.39 1.07
C LYS A 23 7.24 3.22 1.86
N VAL A 24 7.27 2.08 1.25
CA VAL A 24 6.75 0.86 1.90
C VAL A 24 7.63 0.39 3.08
N TYR A 25 7.01 -0.39 3.95
CA TYR A 25 7.74 -0.94 5.13
C TYR A 25 7.11 -2.27 5.54
N PHE A 26 7.49 -2.80 6.69
CA PHE A 26 6.90 -4.12 7.13
C PHE A 26 6.66 -4.16 8.62
N THR A 27 6.88 -3.05 9.28
CA THR A 27 6.67 -3.01 10.74
C THR A 27 6.05 -1.70 11.17
N ALA A 28 5.18 -1.78 12.12
CA ALA A 28 4.53 -0.54 12.61
C ALA A 28 5.55 0.33 13.30
N ASP A 29 6.70 -0.25 13.56
CA ASP A 29 7.76 0.53 14.24
C ASP A 29 8.38 1.53 13.28
N GLU A 30 8.61 1.10 12.07
CA GLU A 30 9.20 2.01 11.08
C GLU A 30 8.24 3.15 10.79
N ALA A 31 6.97 2.84 10.76
CA ALA A 31 5.97 3.89 10.50
C ALA A 31 5.92 4.85 11.67
N LYS A 32 6.22 4.35 12.83
CA LYS A 32 6.20 5.21 14.02
C LYS A 32 7.35 6.21 13.97
N ALA A 33 8.49 5.75 13.50
CA ALA A 33 9.65 6.68 13.41
C ALA A 33 9.70 7.38 12.08
N ALA A 34 8.93 6.90 11.19
CA ALA A 34 8.90 7.52 9.84
C ALA A 34 7.84 8.59 9.84
N HIS A 35 6.66 8.22 10.23
CA HIS A 35 5.58 9.21 10.25
C HIS A 35 6.06 10.49 10.92
N GLU A 36 7.10 10.34 11.72
CA GLU A 36 7.66 11.51 12.42
C GLU A 36 8.63 12.28 11.52
N LYS A 37 9.76 11.68 11.23
CA LYS A 37 10.77 12.35 10.37
C LYS A 37 10.60 11.98 8.91
N GLY A 38 10.04 10.84 8.66
CA GLY A 38 9.85 10.41 7.24
C GLY A 38 8.52 10.90 6.65
N GLU A 39 7.44 10.64 7.34
CA GLU A 39 6.13 11.10 6.83
C GLU A 39 5.83 10.41 5.50
N ARG A 40 4.58 10.48 5.06
CA ARG A 40 4.24 9.84 3.76
C ARG A 40 4.86 8.45 3.71
N VAL A 41 4.21 7.51 4.35
CA VAL A 41 4.74 6.12 4.36
C VAL A 41 3.66 5.10 3.99
N ILE A 42 4.10 3.93 3.61
CA ILE A 42 3.15 2.85 3.22
C ILE A 42 3.54 1.53 3.90
N LEU A 43 2.62 0.61 3.98
CA LEU A 43 2.94 -0.71 4.63
C LEU A 43 2.50 -1.89 3.78
N VAL A 44 3.19 -3.01 3.92
CA VAL A 44 2.84 -4.22 3.13
C VAL A 44 2.76 -5.45 4.03
N ARG A 45 1.65 -6.12 3.97
CA ARG A 45 1.48 -7.33 4.80
C ARG A 45 0.52 -8.31 4.12
N LEU A 46 0.71 -9.57 4.38
CA LEU A 46 -0.19 -10.56 3.76
C LEU A 46 -1.64 -10.30 4.17
N GLU A 47 -1.83 -10.04 5.44
CA GLU A 47 -3.22 -9.78 5.94
C GLU A 47 -3.26 -8.52 6.81
N THR A 48 -4.43 -8.23 7.33
CA THR A 48 -4.57 -7.03 8.18
C THR A 48 -4.11 -7.32 9.61
N SER A 49 -4.24 -6.33 10.46
CA SER A 49 -3.81 -6.53 11.88
C SER A 49 -4.32 -5.37 12.76
N PRO A 50 -5.09 -5.68 13.81
CA PRO A 50 -5.61 -4.64 14.69
C PRO A 50 -4.49 -3.85 15.37
N GLU A 51 -3.41 -4.52 15.66
CA GLU A 51 -2.27 -3.83 16.31
C GLU A 51 -1.54 -2.92 15.34
N ASP A 52 -1.88 -3.02 14.08
CA ASP A 52 -1.22 -2.18 13.06
C ASP A 52 -1.93 -0.84 12.91
N ILE A 53 -3.06 -0.69 13.54
CA ILE A 53 -3.80 0.57 13.44
C ILE A 53 -2.89 1.79 13.49
N GLU A 54 -2.02 1.84 14.45
CA GLU A 54 -1.13 3.02 14.49
C GLU A 54 -0.32 3.06 13.23
N GLY A 55 -0.04 1.90 12.73
CA GLY A 55 0.75 1.80 11.49
C GLY A 55 -0.16 2.16 10.33
N MET A 56 -1.44 1.92 10.48
CA MET A 56 -2.37 2.24 9.37
C MET A 56 -2.43 3.74 9.17
N HIS A 57 -2.51 4.47 10.25
CA HIS A 57 -2.57 5.94 10.10
C HIS A 57 -1.26 6.43 9.54
N ALA A 58 -0.19 6.17 10.26
CA ALA A 58 1.13 6.61 9.76
C ALA A 58 1.25 6.19 8.32
N ALA A 59 0.72 5.03 8.02
CA ALA A 59 0.79 4.53 6.65
C ALA A 59 -0.47 4.93 5.90
N GLU A 60 -0.49 6.14 5.43
CA GLU A 60 -1.67 6.63 4.69
C GLU A 60 -1.97 5.79 3.44
N GLY A 61 -1.46 4.58 3.43
CA GLY A 61 -1.68 3.68 2.26
C GLY A 61 -1.30 2.25 2.66
N ILE A 62 -1.94 1.25 2.08
CA ILE A 62 -1.59 -0.13 2.46
C ILE A 62 -1.79 -1.11 1.30
N LEU A 63 -0.78 -1.92 1.06
CA LEU A 63 -0.86 -2.92 -0.04
C LEU A 63 -0.62 -4.29 0.53
N THR A 64 -1.64 -5.08 0.59
CA THR A 64 -1.49 -6.46 1.15
C THR A 64 -1.88 -7.54 0.16
N VAL A 65 -1.40 -8.73 0.41
CA VAL A 65 -1.72 -9.86 -0.48
C VAL A 65 -3.11 -10.42 -0.20
N ARG A 66 -3.58 -10.21 1.02
CA ARG A 66 -4.94 -10.72 1.38
C ARG A 66 -5.83 -9.58 1.83
N GLY A 67 -6.64 -9.83 2.81
CA GLY A 67 -7.54 -8.76 3.32
C GLY A 67 -8.77 -8.65 2.41
N GLY A 68 -9.25 -7.45 2.23
CA GLY A 68 -10.44 -7.26 1.37
C GLY A 68 -11.59 -8.11 1.88
N MET A 69 -12.34 -8.69 0.98
CA MET A 69 -13.47 -9.54 1.40
C MET A 69 -14.26 -8.86 2.52
N THR A 70 -14.39 -7.56 2.41
CA THR A 70 -15.14 -6.80 3.44
C THR A 70 -14.77 -7.26 4.85
N SER A 71 -13.74 -6.67 5.39
CA SER A 71 -13.32 -7.06 6.75
C SER A 71 -12.46 -5.96 7.37
N HIS A 72 -11.77 -6.29 8.42
CA HIS A 72 -10.92 -5.27 9.08
C HIS A 72 -10.14 -4.48 8.03
N ALA A 73 -9.47 -5.18 7.15
CA ALA A 73 -8.69 -4.49 6.09
C ALA A 73 -9.45 -3.31 5.51
N ALA A 74 -10.64 -3.58 5.03
CA ALA A 74 -11.44 -2.48 4.44
C ALA A 74 -12.19 -1.73 5.52
N VAL A 75 -12.90 -2.45 6.32
CA VAL A 75 -13.67 -1.80 7.40
C VAL A 75 -12.79 -0.80 8.14
N VAL A 76 -11.55 -1.18 8.37
CA VAL A 76 -10.65 -0.25 9.08
C VAL A 76 -10.22 0.87 8.16
N ALA A 77 -9.92 0.51 6.93
CA ALA A 77 -9.50 1.55 5.96
C ALA A 77 -10.64 2.50 5.66
N ARG A 78 -11.84 1.99 5.62
CA ARG A 78 -12.99 2.87 5.32
C ARG A 78 -13.22 3.83 6.48
N GLY A 79 -13.09 3.35 7.67
CA GLY A 79 -13.30 4.22 8.85
C GLY A 79 -12.30 5.38 8.84
N MET A 80 -11.10 5.10 8.41
CA MET A 80 -10.08 6.16 8.37
C MET A 80 -10.08 6.89 7.03
N GLY A 81 -10.71 6.29 6.07
CA GLY A 81 -10.77 6.93 4.72
C GLY A 81 -9.36 7.08 4.13
N THR A 82 -8.67 5.97 4.01
CA THR A 82 -7.29 6.02 3.44
C THR A 82 -7.21 5.32 2.10
N CYS A 83 -6.18 5.61 1.36
CA CYS A 83 -6.02 4.97 0.03
C CYS A 83 -5.42 3.60 0.21
N CYS A 84 -6.28 2.61 0.32
CA CYS A 84 -5.78 1.22 0.50
C CYS A 84 -6.40 0.24 -0.48
N VAL A 85 -5.72 -0.85 -0.68
CA VAL A 85 -6.24 -1.89 -1.60
C VAL A 85 -6.05 -3.25 -0.98
N SER A 86 -6.75 -4.23 -1.48
CA SER A 86 -6.60 -5.57 -0.91
C SER A 86 -6.67 -6.68 -1.94
N GLY A 87 -6.16 -7.82 -1.57
CA GLY A 87 -6.17 -8.99 -2.49
C GLY A 87 -5.68 -8.60 -3.88
N CYS A 88 -4.40 -8.42 -4.02
CA CYS A 88 -3.86 -8.04 -5.35
C CYS A 88 -3.63 -9.29 -6.20
N GLY A 89 -3.00 -9.11 -7.33
CA GLY A 89 -2.73 -10.29 -8.22
C GLY A 89 -2.09 -11.43 -7.43
N GLU A 90 -0.79 -11.42 -7.40
CA GLU A 90 -0.07 -12.48 -6.67
C GLU A 90 1.30 -11.96 -6.29
N ILE A 91 1.30 -10.99 -5.41
CA ILE A 91 2.57 -10.40 -4.98
C ILE A 91 3.47 -11.41 -4.27
N LYS A 92 4.50 -11.83 -4.94
CA LYS A 92 5.43 -12.81 -4.32
C LYS A 92 6.50 -12.03 -3.59
N ILE A 93 6.65 -12.28 -2.31
CA ILE A 93 7.69 -11.54 -1.54
C ILE A 93 9.05 -12.20 -1.62
N ASN A 94 10.02 -11.41 -2.02
CA ASN A 94 11.39 -11.94 -2.14
C ASN A 94 12.21 -11.60 -0.90
N GLU A 95 12.57 -12.62 -0.17
CA GLU A 95 13.36 -12.41 1.07
C GLU A 95 14.79 -11.91 0.78
N GLU A 96 15.17 -11.85 -0.48
CA GLU A 96 16.55 -11.35 -0.80
C GLU A 96 16.75 -10.03 -0.11
N ALA A 97 15.69 -9.59 0.42
CA ALA A 97 15.63 -8.31 1.14
C ALA A 97 14.21 -8.18 1.61
N LYS A 98 13.38 -7.72 0.72
CA LYS A 98 11.98 -7.54 1.05
C LYS A 98 11.30 -6.76 -0.02
N THR A 99 10.83 -7.49 -0.96
CA THR A 99 10.12 -6.88 -2.11
C THR A 99 9.09 -7.81 -2.70
N PHE A 100 7.95 -7.26 -3.04
CA PHE A 100 6.88 -8.09 -3.63
C PHE A 100 6.89 -7.97 -5.14
N GLU A 101 6.45 -9.01 -5.82
CA GLU A 101 6.44 -8.97 -7.30
C GLU A 101 5.05 -9.12 -7.90
N LEU A 102 4.64 -8.08 -8.57
CA LEU A 102 3.30 -8.07 -9.20
C LEU A 102 3.35 -7.17 -10.44
N GLY A 103 2.51 -7.45 -11.39
CA GLY A 103 2.52 -6.60 -12.61
C GLY A 103 3.80 -6.82 -13.40
N GLY A 104 4.67 -5.84 -13.38
CA GLY A 104 5.96 -5.98 -14.13
C GLY A 104 7.14 -5.45 -13.31
N HIS A 105 7.02 -5.50 -12.00
CA HIS A 105 8.14 -5.01 -11.16
C HIS A 105 8.19 -5.74 -9.82
N THR A 106 9.38 -5.82 -9.25
CA THR A 106 9.53 -6.52 -7.94
C THR A 106 10.06 -5.58 -6.86
N PHE A 107 9.17 -5.02 -6.08
CA PHE A 107 9.63 -4.09 -5.02
C PHE A 107 8.63 -3.99 -3.85
N ALA A 108 9.14 -3.62 -2.69
CA ALA A 108 8.29 -3.47 -1.49
C ALA A 108 8.90 -2.46 -0.59
N GLU A 109 9.14 -2.84 0.63
CA GLU A 109 9.75 -1.88 1.59
C GLU A 109 11.17 -1.59 1.16
N GLY A 110 11.30 -1.28 -0.08
CA GLY A 110 12.62 -0.97 -0.64
C GLY A 110 12.45 0.23 -1.58
N ASP A 111 11.22 0.73 -1.62
CA ASP A 111 10.95 1.90 -2.51
C ASP A 111 9.58 2.50 -2.18
N TYR A 112 9.16 3.47 -2.98
CA TYR A 112 7.84 4.10 -2.71
C TYR A 112 6.92 4.01 -3.93
N ILE A 113 5.66 3.78 -3.63
CA ILE A 113 4.67 3.66 -4.71
C ILE A 113 3.57 4.69 -4.58
N SER A 114 2.89 4.92 -5.68
CA SER A 114 1.77 5.90 -5.70
C SER A 114 0.53 5.11 -5.98
N LEU A 115 -0.21 4.78 -4.95
CA LEU A 115 -1.42 4.01 -5.17
C LEU A 115 -2.68 4.88 -5.18
N ASP A 116 -3.59 4.53 -6.07
CA ASP A 116 -4.85 5.30 -6.17
C ASP A 116 -5.95 4.69 -5.33
N GLY A 117 -6.91 5.48 -5.06
CA GLY A 117 -8.04 5.04 -4.27
C GLY A 117 -9.23 5.81 -4.76
N SER A 118 -9.88 5.17 -5.61
CA SER A 118 -11.09 5.72 -6.25
C SER A 118 -11.47 4.79 -7.36
N THR A 119 -10.72 3.74 -7.40
CA THR A 119 -10.90 2.69 -8.42
C THR A 119 -10.05 1.51 -8.00
N GLY A 120 -9.05 1.81 -7.21
CA GLY A 120 -8.13 0.76 -6.71
C GLY A 120 -6.86 0.66 -7.55
N LYS A 121 -6.82 1.39 -8.64
CA LYS A 121 -5.61 1.34 -9.49
C LYS A 121 -4.39 1.74 -8.68
N ILE A 122 -3.23 1.27 -9.08
CA ILE A 122 -2.00 1.62 -8.33
C ILE A 122 -0.87 2.03 -9.28
N TYR A 123 -0.04 2.95 -8.83
CA TYR A 123 1.09 3.42 -9.67
C TYR A 123 2.36 3.46 -8.84
N LYS A 124 3.50 3.49 -9.48
CA LYS A 124 4.77 3.53 -8.71
C LYS A 124 5.67 4.67 -9.16
N GLY A 125 6.52 5.12 -8.25
CA GLY A 125 7.44 6.24 -8.60
C GLY A 125 6.67 7.55 -8.69
N ASP A 126 7.10 8.52 -7.93
CA ASP A 126 6.40 9.84 -7.96
C ASP A 126 6.05 10.24 -9.39
N ILE A 127 4.78 10.20 -9.70
CA ILE A 127 4.36 10.56 -11.06
C ILE A 127 4.44 12.08 -11.25
N GLU A 128 4.16 12.53 -12.44
CA GLU A 128 4.21 13.98 -12.71
C GLU A 128 3.59 14.32 -14.05
N ALA A 1 6.05 12.22 -18.10
CA ALA A 1 6.47 12.13 -16.68
C ALA A 1 5.27 12.16 -15.76
N ALA A 2 4.17 11.61 -16.23
CA ALA A 2 2.95 11.58 -15.40
C ALA A 2 2.82 10.24 -14.75
N LEU A 3 2.82 10.21 -13.44
CA LEU A 3 2.70 8.92 -12.77
C LEU A 3 3.76 8.03 -13.37
N LYS A 4 4.94 8.59 -13.47
CA LYS A 4 6.03 7.82 -14.06
C LYS A 4 5.54 7.31 -15.38
N ALA A 5 4.74 8.15 -16.01
CA ALA A 5 4.17 7.78 -17.32
C ALA A 5 2.99 6.85 -17.11
N GLY A 6 2.39 6.91 -15.94
CA GLY A 6 1.23 6.03 -15.67
C GLY A 6 1.57 4.58 -16.00
N GLU A 7 2.62 4.08 -15.42
CA GLU A 7 3.03 2.69 -15.68
C GLU A 7 2.40 1.74 -14.67
N VAL A 8 1.10 1.73 -14.61
CA VAL A 8 0.41 0.84 -13.64
C VAL A 8 0.99 -0.56 -13.69
N ILE A 9 0.82 -1.28 -12.59
CA ILE A 9 1.35 -2.67 -12.53
C ILE A 9 0.27 -3.65 -12.08
N GLY A 10 -0.84 -3.14 -11.60
CA GLY A 10 -1.92 -4.06 -11.15
C GLY A 10 -3.18 -3.27 -10.73
N SER A 11 -4.09 -3.97 -10.09
CA SER A 11 -5.35 -3.31 -9.64
C SER A 11 -6.26 -4.33 -8.98
N ALA A 12 -6.63 -4.07 -7.74
CA ALA A 12 -7.53 -5.01 -7.01
C ALA A 12 -8.87 -4.36 -6.70
N LEU A 13 -9.49 -4.80 -5.64
CA LEU A 13 -10.81 -4.23 -5.27
C LEU A 13 -10.63 -2.88 -4.53
N PRO A 14 -11.29 -1.83 -5.00
CA PRO A 14 -11.18 -0.52 -4.37
C PRO A 14 -11.71 -0.56 -2.93
N ALA A 15 -10.82 -0.71 -1.98
CA ALA A 15 -11.26 -0.75 -0.57
C ALA A 15 -11.97 0.54 -0.21
N SER A 16 -11.25 1.63 -0.34
CA SER A 16 -11.84 2.95 -0.02
C SER A 16 -11.32 4.00 -1.01
N PRO A 17 -12.21 4.82 -1.55
CA PRO A 17 -11.81 5.84 -2.50
C PRO A 17 -10.71 6.74 -1.91
N GLY A 18 -9.48 6.44 -2.25
CA GLY A 18 -8.36 7.28 -1.70
C GLY A 18 -7.12 7.27 -2.63
N ALA A 19 -6.28 8.26 -2.47
CA ALA A 19 -5.05 8.35 -3.32
C ALA A 19 -3.83 8.63 -2.44
N ALA A 20 -2.75 7.88 -2.64
CA ALA A 20 -1.56 8.14 -1.79
C ALA A 20 -0.24 7.80 -2.50
N ALA A 21 0.82 8.35 -1.96
CA ALA A 21 2.17 8.11 -2.52
C ALA A 21 3.15 8.01 -1.37
N GLY A 22 3.69 6.84 -1.14
CA GLY A 22 4.64 6.68 -0.01
C GLY A 22 5.63 5.55 -0.26
N LYS A 23 6.65 5.50 0.56
CA LYS A 23 7.65 4.42 0.39
C LYS A 23 7.16 3.17 1.09
N VAL A 24 7.65 2.06 0.67
CA VAL A 24 7.23 0.79 1.29
C VAL A 24 7.93 0.52 2.63
N TYR A 25 7.38 -0.42 3.35
CA TYR A 25 7.94 -0.81 4.67
C TYR A 25 7.24 -2.07 5.17
N PHE A 26 7.75 -2.67 6.22
CA PHE A 26 7.10 -3.91 6.73
C PHE A 26 7.01 -3.91 8.27
N THR A 27 7.04 -2.75 8.84
CA THR A 27 6.95 -2.68 10.31
C THR A 27 6.23 -1.43 10.76
N ALA A 28 5.45 -1.57 11.78
CA ALA A 28 4.70 -0.41 12.29
C ALA A 28 5.65 0.55 12.96
N ASP A 29 6.85 0.09 13.19
CA ASP A 29 7.86 0.95 13.82
C ASP A 29 8.43 1.92 12.81
N GLU A 30 8.57 1.45 11.61
CA GLU A 30 9.12 2.32 10.55
C GLU A 30 8.16 3.45 10.26
N ALA A 31 6.90 3.13 10.24
CA ALA A 31 5.91 4.19 9.97
C ALA A 31 5.89 5.17 11.12
N LYS A 32 6.00 4.65 12.32
CA LYS A 32 5.99 5.53 13.49
C LYS A 32 7.11 6.56 13.36
N ALA A 33 8.20 6.16 12.77
CA ALA A 33 9.33 7.10 12.60
C ALA A 33 9.22 7.84 11.30
N ALA A 34 9.04 7.09 10.27
CA ALA A 34 8.92 7.71 8.93
C ALA A 34 7.82 8.73 8.92
N HIS A 35 6.68 8.36 9.44
CA HIS A 35 5.55 9.31 9.47
C HIS A 35 6.04 10.68 9.91
N GLU A 36 6.92 10.70 10.88
CA GLU A 36 7.44 11.99 11.37
C GLU A 36 8.73 12.38 10.64
N LYS A 37 9.42 11.39 10.14
CA LYS A 37 10.68 11.67 9.42
C LYS A 37 10.48 11.82 7.92
N GLY A 38 9.86 10.85 7.35
CA GLY A 38 9.61 10.90 5.87
C GLY A 38 8.17 11.32 5.57
N GLU A 39 7.27 10.95 6.44
CA GLU A 39 5.86 11.32 6.21
C GLU A 39 5.31 10.60 4.99
N ARG A 40 4.04 10.29 5.01
CA ARG A 40 3.44 9.60 3.84
C ARG A 40 4.20 8.30 3.56
N VAL A 41 3.70 7.22 4.12
CA VAL A 41 4.36 5.90 3.91
C VAL A 41 3.34 4.82 3.57
N ILE A 42 3.84 3.73 3.04
CA ILE A 42 2.94 2.60 2.66
C ILE A 42 3.37 1.33 3.39
N LEU A 43 2.47 0.37 3.50
CA LEU A 43 2.83 -0.90 4.21
C LEU A 43 2.33 -2.12 3.45
N VAL A 44 3.21 -3.12 3.32
CA VAL A 44 2.81 -4.35 2.59
C VAL A 44 2.83 -5.57 3.48
N ARG A 45 1.71 -6.20 3.59
CA ARG A 45 1.61 -7.41 4.42
C ARG A 45 0.53 -8.34 3.89
N LEU A 46 0.56 -9.57 4.27
CA LEU A 46 -0.47 -10.49 3.76
C LEU A 46 -1.84 -10.03 4.26
N GLU A 47 -2.03 -10.12 5.55
CA GLU A 47 -3.33 -9.70 6.14
C GLU A 47 -3.20 -8.42 6.94
N THR A 48 -4.20 -8.14 7.73
CA THR A 48 -4.19 -6.91 8.56
C THR A 48 -3.75 -7.21 10.00
N SER A 49 -4.00 -6.29 10.89
CA SER A 49 -3.61 -6.49 12.31
C SER A 49 -4.11 -5.32 13.19
N PRO A 50 -4.64 -5.64 14.37
CA PRO A 50 -5.15 -4.60 15.28
C PRO A 50 -4.04 -3.66 15.75
N GLU A 51 -3.24 -4.12 16.68
CA GLU A 51 -2.14 -3.27 17.20
C GLU A 51 -1.40 -2.55 16.06
N ASP A 52 -1.55 -3.05 14.87
CA ASP A 52 -0.86 -2.40 13.72
C ASP A 52 -1.64 -1.21 13.21
N ILE A 53 -2.84 -1.04 13.70
CA ILE A 53 -3.65 0.09 13.26
C ILE A 53 -2.84 1.37 13.25
N GLU A 54 -2.40 1.80 14.40
CA GLU A 54 -1.62 3.04 14.44
C GLU A 54 -0.49 2.93 13.44
N GLY A 55 -0.09 1.72 13.19
CA GLY A 55 1.00 1.49 12.24
C GLY A 55 0.42 1.54 10.82
N MET A 56 -0.85 1.26 10.72
CA MET A 56 -1.49 1.27 9.38
C MET A 56 -1.76 2.71 8.97
N HIS A 57 -2.22 3.51 9.90
CA HIS A 57 -2.50 4.91 9.54
C HIS A 57 -1.19 5.59 9.19
N ALA A 58 -0.21 5.42 10.05
CA ALA A 58 1.09 6.06 9.77
C ALA A 58 1.46 5.72 8.35
N ALA A 59 0.84 4.68 7.87
CA ALA A 59 1.08 4.23 6.49
C ALA A 59 -0.21 4.36 5.69
N GLU A 60 -0.67 5.58 5.59
CA GLU A 60 -1.94 5.88 4.85
C GLU A 60 -2.24 4.85 3.77
N GLY A 61 -1.36 4.69 2.84
CA GLY A 61 -1.63 3.69 1.78
C GLY A 61 -1.27 2.29 2.29
N ILE A 62 -2.01 1.28 1.88
CA ILE A 62 -1.69 -0.08 2.37
C ILE A 62 -2.01 -1.15 1.34
N LEU A 63 -0.98 -1.78 0.84
CA LEU A 63 -1.18 -2.85 -0.17
C LEU A 63 -1.06 -4.19 0.53
N THR A 64 -1.91 -5.12 0.21
CA THR A 64 -1.80 -6.44 0.90
C THR A 64 -2.26 -7.57 0.02
N VAL A 65 -1.70 -8.73 0.25
CA VAL A 65 -2.08 -9.91 -0.56
C VAL A 65 -3.42 -10.47 -0.10
N ARG A 66 -3.75 -10.19 1.14
CA ARG A 66 -5.04 -10.70 1.68
C ARG A 66 -6.03 -9.56 1.87
N GLY A 67 -6.81 -9.65 2.91
CA GLY A 67 -7.82 -8.58 3.15
C GLY A 67 -8.97 -8.72 2.16
N GLY A 68 -9.75 -7.68 2.02
CA GLY A 68 -10.89 -7.75 1.05
C GLY A 68 -12.05 -8.54 1.66
N MET A 69 -11.72 -9.62 2.32
CA MET A 69 -12.79 -10.45 2.93
C MET A 69 -13.49 -9.67 4.04
N THR A 70 -13.33 -8.36 4.00
CA THR A 70 -13.96 -7.50 5.02
C THR A 70 -13.41 -7.81 6.41
N SER A 71 -12.72 -6.85 6.96
CA SER A 71 -12.13 -7.05 8.31
C SER A 71 -11.53 -5.75 8.81
N HIS A 72 -10.58 -5.87 9.70
CA HIS A 72 -9.94 -4.64 10.23
C HIS A 72 -9.32 -3.80 9.11
N ALA A 73 -8.78 -4.46 8.13
CA ALA A 73 -8.16 -3.71 7.01
C ALA A 73 -9.18 -2.87 6.25
N ALA A 74 -10.31 -3.46 5.97
CA ALA A 74 -11.35 -2.72 5.23
C ALA A 74 -12.11 -1.81 6.16
N VAL A 75 -12.69 -2.39 7.17
CA VAL A 75 -13.45 -1.58 8.13
C VAL A 75 -12.68 -0.33 8.52
N VAL A 76 -11.40 -0.48 8.73
CA VAL A 76 -10.59 0.70 9.10
C VAL A 76 -10.54 1.70 7.96
N ALA A 77 -10.15 1.22 6.81
CA ALA A 77 -10.07 2.12 5.63
C ALA A 77 -11.43 2.75 5.35
N ARG A 78 -12.47 1.98 5.55
CA ARG A 78 -13.83 2.53 5.29
C ARG A 78 -14.19 3.59 6.32
N GLY A 79 -13.55 3.50 7.46
CA GLY A 79 -13.84 4.49 8.54
C GLY A 79 -13.06 5.78 8.31
N MET A 80 -11.78 5.64 8.05
CA MET A 80 -10.96 6.85 7.81
C MET A 80 -11.17 7.40 6.40
N GLY A 81 -11.25 6.50 5.47
CA GLY A 81 -11.46 6.94 4.05
C GLY A 81 -10.11 7.10 3.34
N THR A 82 -9.10 6.45 3.85
CA THR A 82 -7.76 6.56 3.21
C THR A 82 -7.71 5.72 1.94
N CYS A 83 -6.53 5.57 1.40
CA CYS A 83 -6.39 4.78 0.16
C CYS A 83 -5.90 3.38 0.51
N CYS A 84 -6.66 2.38 0.18
CA CYS A 84 -6.19 1.01 0.51
C CYS A 84 -6.73 -0.02 -0.47
N VAL A 85 -5.93 -1.03 -0.70
CA VAL A 85 -6.35 -2.10 -1.63
C VAL A 85 -6.20 -3.45 -0.96
N SER A 86 -6.84 -4.43 -1.51
CA SER A 86 -6.74 -5.78 -0.91
C SER A 86 -6.83 -6.89 -1.94
N GLY A 87 -6.36 -8.06 -1.55
CA GLY A 87 -6.39 -9.22 -2.50
C GLY A 87 -5.86 -8.82 -3.87
N CYS A 88 -4.58 -8.64 -3.97
CA CYS A 88 -3.99 -8.26 -5.27
C CYS A 88 -3.77 -9.51 -6.12
N GLY A 89 -2.89 -9.41 -7.08
CA GLY A 89 -2.63 -10.60 -7.95
C GLY A 89 -1.93 -11.71 -7.13
N GLU A 90 -0.65 -11.81 -7.31
CA GLU A 90 0.13 -12.84 -6.58
C GLU A 90 1.41 -12.24 -6.03
N ILE A 91 1.26 -11.18 -5.29
CA ILE A 91 2.45 -10.52 -4.71
C ILE A 91 3.41 -11.51 -4.10
N LYS A 92 4.45 -11.81 -4.81
CA LYS A 92 5.44 -12.76 -4.28
C LYS A 92 6.46 -11.97 -3.49
N ILE A 93 6.61 -12.27 -2.23
CA ILE A 93 7.59 -11.51 -1.44
C ILE A 93 8.97 -12.10 -1.54
N ASN A 94 9.89 -11.29 -1.99
CA ASN A 94 11.29 -11.75 -2.12
C ASN A 94 12.14 -11.29 -0.94
N GLU A 95 12.55 -12.24 -0.14
CA GLU A 95 13.38 -11.91 1.05
C GLU A 95 14.71 -11.24 0.66
N GLU A 96 14.94 -11.03 -0.61
CA GLU A 96 16.22 -10.38 -1.02
C GLU A 96 16.26 -8.95 -0.48
N ALA A 97 15.40 -8.74 0.46
CA ALA A 97 15.26 -7.43 1.13
C ALA A 97 13.85 -7.41 1.66
N LYS A 98 12.94 -7.29 0.73
CA LYS A 98 11.48 -7.25 1.04
C LYS A 98 10.76 -6.58 -0.11
N THR A 99 10.55 -7.34 -1.16
CA THR A 99 9.84 -6.78 -2.35
C THR A 99 8.72 -7.69 -2.85
N PHE A 100 7.64 -7.10 -3.31
CA PHE A 100 6.50 -7.91 -3.82
C PHE A 100 6.53 -8.01 -5.33
N GLU A 101 6.15 -9.16 -5.85
CA GLU A 101 6.15 -9.35 -7.32
C GLU A 101 4.76 -9.23 -7.88
N LEU A 102 4.53 -8.17 -8.62
CA LEU A 102 3.20 -7.96 -9.22
C LEU A 102 3.32 -7.56 -10.68
N GLY A 103 2.76 -8.40 -11.53
CA GLY A 103 2.77 -8.17 -13.01
C GLY A 103 3.89 -7.19 -13.50
N GLY A 104 3.70 -5.93 -13.25
CA GLY A 104 4.70 -4.93 -13.68
C GLY A 104 6.12 -5.25 -13.24
N HIS A 105 6.37 -5.19 -11.96
CA HIS A 105 7.76 -5.50 -11.50
C HIS A 105 7.81 -6.01 -10.07
N THR A 106 8.93 -6.59 -9.72
CA THR A 106 9.07 -7.12 -8.34
C THR A 106 9.74 -6.08 -7.45
N PHE A 107 8.95 -5.38 -6.69
CA PHE A 107 9.54 -4.35 -5.80
C PHE A 107 8.71 -4.05 -4.54
N ALA A 108 9.41 -3.60 -3.53
CA ALA A 108 8.82 -3.23 -2.20
C ALA A 108 9.94 -2.98 -1.22
N GLU A 109 9.58 -2.50 -0.06
CA GLU A 109 10.60 -2.18 1.01
C GLU A 109 11.93 -1.89 0.36
N GLY A 110 11.86 -1.17 -0.69
CA GLY A 110 13.07 -0.80 -1.42
C GLY A 110 12.74 0.29 -2.45
N ASP A 111 11.48 0.71 -2.46
CA ASP A 111 11.06 1.78 -3.42
C ASP A 111 9.81 2.49 -2.91
N TYR A 112 9.01 3.00 -3.81
CA TYR A 112 7.76 3.72 -3.40
C TYR A 112 6.72 3.67 -4.52
N ILE A 113 5.49 3.49 -4.13
CA ILE A 113 4.39 3.42 -5.15
C ILE A 113 3.30 4.45 -4.91
N SER A 114 2.55 4.70 -5.98
CA SER A 114 1.43 5.68 -5.89
C SER A 114 0.16 4.91 -6.12
N LEU A 115 -0.52 4.55 -5.06
CA LEU A 115 -1.76 3.80 -5.22
C LEU A 115 -3.00 4.68 -5.27
N ASP A 116 -3.94 4.29 -6.11
CA ASP A 116 -5.20 5.07 -6.25
C ASP A 116 -6.36 4.37 -5.61
N GLY A 117 -7.35 5.12 -5.37
CA GLY A 117 -8.56 4.60 -4.75
C GLY A 117 -9.69 5.54 -5.14
N SER A 118 -10.31 5.13 -6.13
CA SER A 118 -11.47 5.87 -6.70
C SER A 118 -11.99 5.06 -7.85
N THR A 119 -11.42 3.91 -7.95
CA THR A 119 -11.79 2.96 -9.01
C THR A 119 -11.01 1.68 -8.76
N GLY A 120 -9.97 1.82 -7.99
CA GLY A 120 -9.10 0.66 -7.65
C GLY A 120 -8.02 0.43 -8.71
N LYS A 121 -7.03 1.28 -8.68
CA LYS A 121 -5.93 1.15 -9.67
C LYS A 121 -4.68 1.79 -9.09
N ILE A 122 -3.67 1.01 -8.85
CA ILE A 122 -2.43 1.59 -8.30
C ILE A 122 -1.42 1.96 -9.37
N TYR A 123 -0.52 2.82 -9.00
CA TYR A 123 0.54 3.28 -9.93
C TYR A 123 1.85 3.43 -9.16
N LYS A 124 2.96 3.46 -9.85
CA LYS A 124 4.25 3.60 -9.13
C LYS A 124 4.85 4.99 -9.33
N GLY A 125 5.67 5.40 -8.38
CA GLY A 125 6.30 6.74 -8.50
C GLY A 125 5.29 7.84 -8.14
N ASP A 126 5.79 8.89 -7.52
CA ASP A 126 4.89 10.00 -7.13
C ASP A 126 4.24 10.63 -8.37
N ILE A 127 3.12 11.27 -8.17
CA ILE A 127 2.43 11.91 -9.32
C ILE A 127 2.64 13.41 -9.31
N GLU A 128 2.34 14.02 -10.41
CA GLU A 128 2.53 15.49 -10.51
C GLU A 128 1.70 16.07 -11.65
N ALA A 1 0.72 13.36 -13.59
CA ALA A 1 0.60 13.63 -15.03
C ALA A 1 0.69 12.33 -15.83
N ALA A 2 1.47 11.42 -15.34
CA ALA A 2 1.62 10.12 -16.05
C ALA A 2 0.75 9.06 -15.40
N LEU A 3 -0.38 9.47 -14.91
CA LEU A 3 -1.30 8.49 -14.27
C LEU A 3 -2.44 8.16 -15.19
N LYS A 4 -2.28 8.54 -16.42
CA LYS A 4 -3.33 8.28 -17.43
C LYS A 4 -2.74 7.53 -18.60
N ALA A 5 -1.46 7.37 -18.55
CA ALA A 5 -0.78 6.65 -19.65
C ALA A 5 0.66 6.36 -19.27
N GLY A 6 0.94 6.39 -17.99
CA GLY A 6 2.33 6.11 -17.56
C GLY A 6 2.63 4.62 -17.64
N GLU A 7 2.75 4.01 -16.49
CA GLU A 7 3.03 2.56 -16.48
C GLU A 7 2.53 1.94 -15.18
N VAL A 8 1.31 1.49 -15.20
CA VAL A 8 0.74 0.87 -13.99
C VAL A 8 1.14 -0.60 -13.89
N ILE A 9 1.49 -1.02 -12.71
CA ILE A 9 1.90 -2.43 -12.52
C ILE A 9 0.67 -3.34 -12.48
N GLY A 10 -0.37 -2.87 -11.84
CA GLY A 10 -1.61 -3.70 -11.76
C GLY A 10 -2.70 -2.95 -10.99
N SER A 11 -3.69 -3.68 -10.55
CA SER A 11 -4.80 -3.02 -9.79
C SER A 11 -5.67 -4.07 -9.11
N ALA A 12 -5.77 -3.98 -7.81
CA ALA A 12 -6.60 -4.96 -7.08
C ALA A 12 -8.01 -4.42 -6.85
N LEU A 13 -8.56 -4.72 -5.71
CA LEU A 13 -9.92 -4.23 -5.41
C LEU A 13 -9.85 -2.86 -4.70
N PRO A 14 -10.59 -1.88 -5.21
CA PRO A 14 -10.59 -0.55 -4.60
C PRO A 14 -11.14 -0.57 -3.18
N ALA A 15 -10.25 -0.60 -2.21
CA ALA A 15 -10.72 -0.63 -0.81
C ALA A 15 -11.49 0.64 -0.50
N SER A 16 -10.77 1.74 -0.36
CA SER A 16 -11.43 3.04 -0.05
C SER A 16 -10.86 4.15 -0.97
N PRO A 17 -11.70 5.10 -1.35
CA PRO A 17 -11.28 6.20 -2.22
C PRO A 17 -10.04 6.90 -1.67
N GLY A 18 -8.87 6.57 -2.21
CA GLY A 18 -7.64 7.23 -1.68
C GLY A 18 -6.50 7.32 -2.72
N ALA A 19 -5.57 8.20 -2.45
CA ALA A 19 -4.42 8.38 -3.36
C ALA A 19 -3.22 8.85 -2.54
N ALA A 20 -2.16 8.05 -2.51
CA ALA A 20 -0.99 8.49 -1.72
C ALA A 20 0.32 7.95 -2.27
N ALA A 21 1.39 8.58 -1.85
CA ALA A 21 2.74 8.16 -2.30
C ALA A 21 3.57 7.93 -1.06
N GLY A 22 4.08 6.74 -0.89
CA GLY A 22 4.90 6.49 0.33
C GLY A 22 5.93 5.38 0.11
N LYS A 23 6.86 5.30 1.03
CA LYS A 23 7.91 4.27 0.92
C LYS A 23 7.38 2.97 1.51
N VAL A 24 7.58 1.89 0.81
CA VAL A 24 7.09 0.59 1.31
C VAL A 24 7.80 0.13 2.59
N TYR A 25 7.00 -0.39 3.49
CA TYR A 25 7.55 -0.88 4.79
C TYR A 25 6.65 -1.97 5.33
N PHE A 26 7.22 -2.94 6.01
CA PHE A 26 6.40 -4.06 6.56
C PHE A 26 6.33 -4.04 8.09
N THR A 27 6.18 -2.88 8.65
CA THR A 27 6.12 -2.81 10.12
C THR A 27 5.49 -1.51 10.58
N ALA A 28 4.73 -1.58 11.64
CA ALA A 28 4.09 -0.35 12.14
C ALA A 28 5.11 0.45 12.90
N ASP A 29 6.21 -0.20 13.18
CA ASP A 29 7.29 0.49 13.93
C ASP A 29 8.09 1.34 12.96
N GLU A 30 8.34 0.79 11.80
CA GLU A 30 9.11 1.53 10.80
C GLU A 30 8.33 2.76 10.39
N ALA A 31 7.04 2.58 10.23
CA ALA A 31 6.18 3.71 9.83
C ALA A 31 6.21 4.77 10.92
N LYS A 32 6.13 4.32 12.14
CA LYS A 32 6.14 5.28 13.26
C LYS A 32 7.47 6.01 13.31
N ALA A 33 8.54 5.30 13.03
CA ALA A 33 9.86 5.94 13.05
C ALA A 33 10.10 6.67 11.76
N ALA A 34 9.33 6.33 10.79
CA ALA A 34 9.47 6.97 9.47
C ALA A 34 8.57 8.18 9.42
N HIS A 35 7.32 7.97 9.73
CA HIS A 35 6.37 9.10 9.70
C HIS A 35 6.82 10.17 10.69
N GLU A 36 7.66 9.77 11.62
CA GLU A 36 8.15 10.75 12.61
C GLU A 36 8.97 11.83 11.92
N LYS A 37 9.88 11.40 11.08
CA LYS A 37 10.73 12.37 10.37
C LYS A 37 9.85 13.33 9.56
N GLY A 38 8.57 13.12 9.63
CA GLY A 38 7.63 14.00 8.87
C GLY A 38 7.63 13.61 7.40
N GLU A 39 7.17 12.42 7.11
CA GLU A 39 7.13 11.98 5.70
C GLU A 39 5.93 11.07 5.43
N ARG A 40 5.96 10.41 4.30
CA ARG A 40 4.83 9.49 3.92
C ARG A 40 5.32 8.05 3.85
N VAL A 41 4.45 7.12 4.17
CA VAL A 41 4.86 5.69 4.11
C VAL A 41 3.69 4.76 3.76
N ILE A 42 4.03 3.56 3.34
CA ILE A 42 2.97 2.56 2.97
C ILE A 42 3.18 1.28 3.79
N LEU A 43 2.14 0.45 3.89
CA LEU A 43 2.30 -0.81 4.69
C LEU A 43 1.90 -2.05 3.90
N VAL A 44 2.84 -2.98 3.76
CA VAL A 44 2.54 -4.23 3.00
C VAL A 44 2.53 -5.40 3.95
N ARG A 45 1.41 -6.02 4.05
CA ARG A 45 1.32 -7.18 4.94
C ARG A 45 0.25 -8.16 4.48
N LEU A 46 0.40 -9.38 4.86
CA LEU A 46 -0.59 -10.42 4.47
C LEU A 46 -1.44 -10.79 5.66
N GLU A 47 -1.57 -9.84 6.50
CA GLU A 47 -2.37 -10.05 7.73
C GLU A 47 -2.79 -8.70 8.34
N THR A 48 -4.08 -8.49 8.46
CA THR A 48 -4.58 -7.22 9.04
C THR A 48 -4.40 -7.20 10.57
N SER A 49 -4.79 -6.12 11.19
CA SER A 49 -4.65 -6.03 12.66
C SER A 49 -5.23 -4.69 13.20
N PRO A 50 -5.93 -4.76 14.34
CA PRO A 50 -6.53 -3.56 14.94
C PRO A 50 -5.47 -2.58 15.44
N GLU A 51 -4.81 -2.94 16.52
CA GLU A 51 -3.77 -2.04 17.08
C GLU A 51 -2.93 -1.41 15.99
N ASP A 52 -2.74 -2.11 14.91
CA ASP A 52 -1.93 -1.54 13.81
C ASP A 52 -2.59 -0.28 13.26
N ILE A 53 -3.79 -0.02 13.69
CA ILE A 53 -4.49 1.16 13.22
C ILE A 53 -3.60 2.39 13.30
N GLU A 54 -2.89 2.54 14.38
CA GLU A 54 -2.02 3.71 14.46
C GLU A 54 -1.00 3.61 13.36
N GLY A 55 -0.71 2.40 12.96
CA GLY A 55 0.27 2.20 11.89
C GLY A 55 -0.41 2.47 10.55
N MET A 56 -1.72 2.29 10.52
CA MET A 56 -2.44 2.54 9.24
C MET A 56 -2.38 4.02 8.91
N HIS A 57 -2.51 4.85 9.92
CA HIS A 57 -2.46 6.30 9.64
C HIS A 57 -1.03 6.70 9.36
N ALA A 58 -0.11 6.15 10.11
CA ALA A 58 1.29 6.49 9.88
C ALA A 58 1.61 6.21 8.42
N ALA A 59 0.90 5.26 7.89
CA ALA A 59 1.10 4.88 6.47
C ALA A 59 -0.14 5.25 5.68
N GLU A 60 -0.16 6.45 5.17
CA GLU A 60 -1.33 6.90 4.38
C GLU A 60 -1.51 6.09 3.10
N GLY A 61 -1.23 4.83 3.20
CA GLY A 61 -1.37 3.93 2.02
C GLY A 61 -1.19 2.49 2.46
N ILE A 62 -1.97 1.58 1.93
CA ILE A 62 -1.82 0.16 2.34
C ILE A 62 -1.93 -0.77 1.14
N LEU A 63 -1.01 -1.68 1.06
CA LEU A 63 -1.03 -2.64 -0.06
C LEU A 63 -0.73 -4.03 0.48
N THR A 64 -1.78 -4.76 0.74
CA THR A 64 -1.61 -6.14 1.29
C THR A 64 -1.94 -7.22 0.30
N VAL A 65 -1.45 -8.40 0.57
CA VAL A 65 -1.72 -9.54 -0.34
C VAL A 65 -3.05 -10.21 -0.04
N ARG A 66 -3.54 -10.02 1.17
CA ARG A 66 -4.84 -10.65 1.54
C ARG A 66 -5.99 -9.65 1.60
N GLY A 67 -6.92 -9.91 2.47
CA GLY A 67 -8.09 -8.99 2.60
C GLY A 67 -9.20 -9.44 1.63
N GLY A 68 -9.81 -8.51 0.96
CA GLY A 68 -10.89 -8.89 0.00
C GLY A 68 -12.23 -9.08 0.73
N MET A 69 -13.30 -9.08 -0.02
CA MET A 69 -14.64 -9.25 0.61
C MET A 69 -14.77 -8.35 1.82
N THR A 70 -13.87 -7.41 1.94
CA THR A 70 -13.91 -6.49 3.08
C THR A 70 -13.64 -7.23 4.39
N SER A 71 -12.77 -6.69 5.17
CA SER A 71 -12.44 -7.33 6.45
C SER A 71 -11.72 -6.35 7.36
N HIS A 72 -11.20 -6.83 8.45
CA HIS A 72 -10.49 -5.93 9.38
C HIS A 72 -9.61 -4.96 8.60
N ALA A 73 -8.87 -5.49 7.65
CA ALA A 73 -7.99 -4.61 6.85
C ALA A 73 -8.78 -3.57 6.08
N ALA A 74 -9.81 -3.99 5.42
CA ALA A 74 -10.64 -3.04 4.63
C ALA A 74 -11.50 -2.19 5.55
N VAL A 75 -12.28 -2.84 6.36
CA VAL A 75 -13.16 -2.07 7.27
C VAL A 75 -12.36 -1.02 8.01
N VAL A 76 -11.31 -1.44 8.65
CA VAL A 76 -10.50 -0.45 9.40
C VAL A 76 -10.08 0.69 8.49
N ALA A 77 -9.66 0.37 7.30
CA ALA A 77 -9.24 1.44 6.37
C ALA A 77 -10.41 2.38 6.08
N ARG A 78 -11.50 1.82 5.62
CA ARG A 78 -12.68 2.66 5.31
C ARG A 78 -13.08 3.48 6.53
N GLY A 79 -12.79 2.96 7.70
CA GLY A 79 -13.15 3.68 8.95
C GLY A 79 -12.22 4.89 9.14
N MET A 80 -11.02 4.78 8.64
CA MET A 80 -10.07 5.89 8.80
C MET A 80 -10.14 6.84 7.60
N GLY A 81 -10.25 6.27 6.44
CA GLY A 81 -10.34 7.13 5.22
C GLY A 81 -8.95 7.30 4.59
N THR A 82 -8.55 6.34 3.79
CA THR A 82 -7.23 6.43 3.14
C THR A 82 -7.14 5.48 1.95
N CYS A 83 -6.06 5.59 1.20
CA CYS A 83 -5.92 4.71 0.02
C CYS A 83 -5.46 3.33 0.48
N CYS A 84 -6.17 2.33 0.08
CA CYS A 84 -5.79 0.97 0.49
C CYS A 84 -6.21 -0.07 -0.53
N VAL A 85 -5.42 -1.11 -0.63
CA VAL A 85 -5.75 -2.21 -1.60
C VAL A 85 -5.77 -3.54 -0.88
N SER A 86 -6.40 -4.49 -1.47
CA SER A 86 -6.46 -5.81 -0.84
C SER A 86 -6.57 -6.95 -1.85
N GLY A 87 -6.08 -8.10 -1.47
CA GLY A 87 -6.13 -9.27 -2.38
C GLY A 87 -5.74 -8.89 -3.80
N CYS A 88 -4.45 -8.94 -4.07
CA CYS A 88 -3.98 -8.60 -5.43
C CYS A 88 -3.71 -9.86 -6.25
N GLY A 89 -3.18 -9.70 -7.43
CA GLY A 89 -2.91 -10.89 -8.28
C GLY A 89 -2.19 -11.96 -7.47
N GLU A 90 -0.90 -11.84 -7.37
CA GLU A 90 -0.12 -12.85 -6.60
C GLU A 90 1.20 -12.26 -6.16
N ILE A 91 1.13 -11.29 -5.30
CA ILE A 91 2.37 -10.65 -4.81
C ILE A 91 3.28 -11.61 -4.08
N LYS A 92 4.31 -12.04 -4.74
CA LYS A 92 5.24 -12.98 -4.09
C LYS A 92 6.29 -12.17 -3.38
N ILE A 93 6.40 -12.34 -2.08
CA ILE A 93 7.41 -11.55 -1.35
C ILE A 93 8.75 -12.25 -1.31
N ASN A 94 9.79 -11.47 -1.52
CA ASN A 94 11.16 -12.04 -1.50
C ASN A 94 11.90 -11.60 -0.24
N GLU A 95 12.35 -12.58 0.50
CA GLU A 95 13.10 -12.31 1.75
C GLU A 95 14.31 -11.39 1.56
N GLU A 96 14.63 -11.07 0.32
CA GLU A 96 15.80 -10.17 0.11
C GLU A 96 15.70 -9.02 1.06
N ALA A 97 14.52 -8.88 1.52
CA ALA A 97 14.15 -7.83 2.46
C ALA A 97 12.67 -8.00 2.68
N LYS A 98 11.93 -7.22 1.98
CA LYS A 98 10.45 -7.31 2.12
C LYS A 98 9.84 -6.96 0.76
N THR A 99 10.48 -7.45 -0.26
CA THR A 99 10.03 -7.21 -1.65
C THR A 99 8.73 -7.87 -2.02
N PHE A 100 8.25 -7.52 -3.20
CA PHE A 100 6.97 -8.10 -3.71
C PHE A 100 7.00 -8.13 -5.24
N GLU A 101 6.34 -9.12 -5.81
CA GLU A 101 6.31 -9.22 -7.30
C GLU A 101 4.88 -9.44 -7.79
N LEU A 102 4.36 -8.48 -8.49
CA LEU A 102 2.98 -8.62 -9.00
C LEU A 102 2.80 -7.84 -10.30
N GLY A 103 1.77 -8.17 -11.02
CA GLY A 103 1.53 -7.46 -12.30
C GLY A 103 2.68 -7.71 -13.26
N GLY A 104 3.40 -6.66 -13.60
CA GLY A 104 4.55 -6.82 -14.53
C GLY A 104 5.82 -6.16 -13.97
N HIS A 105 5.92 -6.13 -12.66
CA HIS A 105 7.12 -5.50 -12.06
C HIS A 105 7.46 -6.11 -10.71
N THR A 106 8.73 -6.13 -10.41
CA THR A 106 9.18 -6.71 -9.10
C THR A 106 9.84 -5.63 -8.26
N PHE A 107 9.10 -5.09 -7.34
CA PHE A 107 9.67 -4.03 -6.47
C PHE A 107 10.30 -4.65 -5.25
N ALA A 108 11.17 -3.92 -4.60
CA ALA A 108 11.82 -4.46 -3.38
C ALA A 108 11.67 -3.52 -2.21
N GLU A 109 11.16 -4.03 -1.10
CA GLU A 109 10.98 -3.14 0.07
C GLU A 109 12.21 -2.33 0.26
N GLY A 110 12.13 -1.14 -0.12
CA GLY A 110 13.28 -0.28 0.02
C GLY A 110 13.14 0.89 -0.95
N ASP A 111 11.95 1.07 -1.47
CA ASP A 111 11.68 2.17 -2.42
C ASP A 111 10.33 2.81 -2.11
N TYR A 112 9.72 3.39 -3.11
CA TYR A 112 8.40 4.03 -2.88
C TYR A 112 7.55 4.05 -4.13
N ILE A 113 6.28 3.80 -3.95
CA ILE A 113 5.35 3.78 -5.12
C ILE A 113 4.15 4.69 -4.89
N SER A 114 3.50 5.03 -5.97
CA SER A 114 2.30 5.91 -5.86
C SER A 114 1.10 5.04 -6.06
N LEU A 115 0.43 4.70 -4.97
CA LEU A 115 -0.73 3.86 -5.10
C LEU A 115 -2.03 4.66 -5.00
N ASP A 116 -2.92 4.37 -5.91
CA ASP A 116 -4.22 5.06 -5.92
C ASP A 116 -5.33 4.05 -5.77
N GLY A 117 -6.34 4.42 -5.06
CA GLY A 117 -7.47 3.52 -4.85
C GLY A 117 -8.73 4.33 -4.73
N SER A 118 -9.28 4.50 -5.84
CA SER A 118 -10.54 5.26 -5.99
C SER A 118 -11.10 4.85 -7.32
N THR A 119 -10.44 3.87 -7.83
CA THR A 119 -10.78 3.28 -9.12
C THR A 119 -9.90 2.04 -9.29
N GLY A 120 -8.87 2.01 -8.47
CA GLY A 120 -7.92 0.86 -8.51
C GLY A 120 -6.83 1.09 -9.54
N LYS A 121 -5.81 1.77 -9.14
CA LYS A 121 -4.68 2.04 -10.06
C LYS A 121 -3.41 2.36 -9.29
N ILE A 122 -2.52 1.41 -9.21
CA ILE A 122 -1.27 1.65 -8.46
C ILE A 122 -0.13 2.04 -9.40
N TYR A 123 0.56 3.10 -9.05
CA TYR A 123 1.69 3.58 -9.89
C TYR A 123 2.96 3.64 -9.07
N LYS A 124 4.08 3.68 -9.73
CA LYS A 124 5.36 3.73 -8.98
C LYS A 124 6.02 5.10 -9.11
N GLY A 125 6.80 5.45 -8.12
CA GLY A 125 7.48 6.78 -8.17
C GLY A 125 6.46 7.90 -8.06
N ASP A 126 6.82 8.92 -7.35
CA ASP A 126 5.88 10.06 -7.18
C ASP A 126 5.49 10.63 -8.53
N ILE A 127 4.27 11.10 -8.63
CA ILE A 127 3.80 11.68 -9.92
C ILE A 127 2.94 12.91 -9.68
N GLU A 128 2.71 13.67 -10.71
CA GLU A 128 1.88 14.89 -10.55
C GLU A 128 2.40 15.75 -9.41
N ALA A 1 1.53 13.30 -20.16
CA ALA A 1 1.63 13.96 -18.83
C ALA A 1 1.35 12.94 -17.72
N ALA A 2 2.24 12.00 -17.56
CA ALA A 2 2.05 10.99 -16.50
C ALA A 2 0.77 10.20 -16.73
N LEU A 3 0.58 9.18 -15.93
CA LEU A 3 -0.63 8.35 -16.08
C LEU A 3 -0.84 8.01 -17.54
N LYS A 4 0.18 8.22 -18.29
CA LYS A 4 0.12 7.94 -19.73
C LYS A 4 1.40 7.26 -20.13
N ALA A 5 2.24 7.12 -19.17
CA ALA A 5 3.53 6.47 -19.40
C ALA A 5 4.04 5.84 -18.11
N GLY A 6 3.15 5.71 -17.16
CA GLY A 6 3.56 5.10 -15.87
C GLY A 6 3.45 3.59 -15.94
N GLU A 7 4.43 2.92 -15.37
CA GLU A 7 4.40 1.44 -15.41
C GLU A 7 3.47 0.89 -14.33
N VAL A 8 2.23 1.27 -14.39
CA VAL A 8 1.26 0.78 -13.37
C VAL A 8 1.34 -0.74 -13.23
N ILE A 9 1.40 -1.17 -12.00
CA ILE A 9 1.49 -2.63 -11.76
C ILE A 9 0.11 -3.30 -11.91
N GLY A 10 -0.86 -2.78 -11.21
CA GLY A 10 -2.23 -3.38 -11.33
C GLY A 10 -3.19 -2.78 -10.28
N SER A 11 -4.34 -3.38 -10.17
CA SER A 11 -5.34 -2.87 -9.19
C SER A 11 -6.11 -4.04 -8.56
N ALA A 12 -6.40 -3.92 -7.28
CA ALA A 12 -7.15 -4.99 -6.58
C ALA A 12 -8.52 -4.49 -6.13
N LEU A 13 -8.98 -4.98 -5.01
CA LEU A 13 -10.31 -4.54 -4.51
C LEU A 13 -10.22 -3.13 -3.87
N PRO A 14 -11.05 -2.20 -4.35
CA PRO A 14 -11.04 -0.85 -3.82
C PRO A 14 -11.53 -0.82 -2.37
N ALA A 15 -10.60 -0.71 -1.45
CA ALA A 15 -11.01 -0.69 -0.02
C ALA A 15 -11.71 0.63 0.31
N SER A 16 -10.99 1.71 0.16
CA SER A 16 -11.58 3.03 0.46
C SER A 16 -11.00 4.10 -0.49
N PRO A 17 -11.83 5.02 -0.95
CA PRO A 17 -11.36 6.07 -1.85
C PRO A 17 -10.24 6.89 -1.21
N GLY A 18 -9.03 6.64 -1.62
CA GLY A 18 -7.89 7.40 -1.02
C GLY A 18 -6.72 7.56 -2.00
N ALA A 19 -5.87 8.51 -1.70
CA ALA A 19 -4.69 8.75 -2.57
C ALA A 19 -3.48 8.94 -1.68
N ALA A 20 -2.45 8.16 -1.89
CA ALA A 20 -1.25 8.32 -1.04
C ALA A 20 0.03 7.97 -1.76
N ALA A 21 1.11 8.44 -1.20
CA ALA A 21 2.44 8.17 -1.79
C ALA A 21 3.44 7.96 -0.68
N GLY A 22 3.90 6.75 -0.54
CA GLY A 22 4.88 6.48 0.54
C GLY A 22 5.78 5.31 0.18
N LYS A 23 6.85 5.16 0.92
CA LYS A 23 7.77 4.05 0.63
C LYS A 23 7.25 2.84 1.36
N VAL A 24 7.44 1.70 0.79
CA VAL A 24 6.94 0.51 1.47
C VAL A 24 7.82 0.04 2.62
N TYR A 25 7.16 -0.43 3.65
CA TYR A 25 7.88 -0.92 4.85
C TYR A 25 7.09 -2.08 5.44
N PHE A 26 7.79 -3.02 6.02
CA PHE A 26 7.08 -4.19 6.63
C PHE A 26 7.10 -4.12 8.15
N THR A 27 6.97 -2.92 8.67
CA THR A 27 6.97 -2.78 10.14
C THR A 27 6.25 -1.51 10.55
N ALA A 28 5.53 -1.60 11.63
CA ALA A 28 4.79 -0.42 12.11
C ALA A 28 5.74 0.50 12.85
N ASP A 29 6.90 -0.03 13.15
CA ASP A 29 7.90 0.78 13.87
C ASP A 29 8.49 1.81 12.93
N GLU A 30 8.80 1.38 11.74
CA GLU A 30 9.38 2.33 10.76
C GLU A 30 8.43 3.48 10.55
N ALA A 31 7.16 3.17 10.43
CA ALA A 31 6.18 4.25 10.22
C ALA A 31 6.21 5.20 11.41
N LYS A 32 6.34 4.64 12.58
CA LYS A 32 6.38 5.49 13.79
C LYS A 32 7.52 6.48 13.69
N ALA A 33 8.58 6.07 13.01
CA ALA A 33 9.74 6.98 12.87
C ALA A 33 9.58 7.86 11.66
N ALA A 34 9.06 7.30 10.64
CA ALA A 34 8.86 8.08 9.41
C ALA A 34 7.77 9.09 9.63
N HIS A 35 6.60 8.61 9.95
CA HIS A 35 5.48 9.54 10.19
C HIS A 35 5.95 10.70 11.05
N GLU A 36 6.98 10.45 11.84
CA GLU A 36 7.52 11.50 12.69
C GLU A 36 8.62 12.27 11.97
N LYS A 37 9.36 11.55 11.14
CA LYS A 37 10.48 12.20 10.39
C LYS A 37 10.42 11.82 8.92
N GLY A 38 9.26 11.96 8.33
CA GLY A 38 9.11 11.61 6.90
C GLY A 38 7.68 11.90 6.44
N GLU A 39 6.73 11.45 7.21
CA GLU A 39 5.31 11.69 6.85
C GLU A 39 5.05 11.32 5.39
N ARG A 40 5.06 10.04 5.13
CA ARG A 40 4.81 9.54 3.75
C ARG A 40 5.28 8.08 3.67
N VAL A 41 4.42 7.17 4.08
CA VAL A 41 4.81 5.75 4.03
C VAL A 41 3.63 4.80 3.75
N ILE A 42 3.95 3.61 3.30
CA ILE A 42 2.90 2.59 2.98
C ILE A 42 3.15 1.34 3.84
N LEU A 43 2.13 0.49 4.00
CA LEU A 43 2.33 -0.74 4.84
C LEU A 43 1.92 -2.01 4.10
N VAL A 44 2.88 -2.89 3.88
CA VAL A 44 2.57 -4.16 3.16
C VAL A 44 2.48 -5.34 4.13
N ARG A 45 1.43 -6.08 4.02
CA ARG A 45 1.27 -7.25 4.90
C ARG A 45 0.41 -8.30 4.21
N LEU A 46 0.68 -9.53 4.45
CA LEU A 46 -0.14 -10.56 3.79
C LEU A 46 -1.61 -10.33 4.13
N GLU A 47 -1.90 -10.40 5.41
CA GLU A 47 -3.30 -10.20 5.88
C GLU A 47 -3.44 -8.91 6.70
N THR A 48 -4.62 -8.71 7.24
CA THR A 48 -4.86 -7.50 8.06
C THR A 48 -4.64 -7.78 9.55
N SER A 49 -4.76 -6.75 10.35
CA SER A 49 -4.56 -6.93 11.82
C SER A 49 -4.92 -5.63 12.57
N PRO A 50 -5.77 -5.73 13.59
CA PRO A 50 -6.16 -4.54 14.36
C PRO A 50 -4.97 -3.90 15.04
N GLU A 51 -4.27 -4.67 15.83
CA GLU A 51 -3.08 -4.11 16.54
C GLU A 51 -2.22 -3.30 15.60
N ASP A 52 -2.47 -3.43 14.32
CA ASP A 52 -1.67 -2.67 13.33
C ASP A 52 -2.30 -1.32 13.02
N ILE A 53 -3.49 -1.10 13.52
CA ILE A 53 -4.17 0.17 13.27
C ILE A 53 -3.21 1.34 13.39
N GLU A 54 -2.63 1.50 14.55
CA GLU A 54 -1.69 2.61 14.71
C GLU A 54 -0.70 2.61 13.56
N GLY A 55 -0.38 1.43 13.10
CA GLY A 55 0.57 1.32 11.98
C GLY A 55 -0.15 1.68 10.68
N MET A 56 -1.46 1.53 10.68
CA MET A 56 -2.22 1.86 9.45
C MET A 56 -2.28 3.36 9.24
N HIS A 57 -2.36 4.10 10.33
CA HIS A 57 -2.43 5.57 10.15
C HIS A 57 -1.05 6.11 9.81
N ALA A 58 -0.06 5.64 10.51
CA ALA A 58 1.31 6.12 10.22
C ALA A 58 1.53 6.04 8.73
N ALA A 59 0.96 5.01 8.14
CA ALA A 59 1.09 4.82 6.69
C ALA A 59 -0.23 5.15 6.04
N GLU A 60 -0.37 6.38 5.62
CA GLU A 60 -1.64 6.79 4.97
C GLU A 60 -1.88 6.02 3.67
N GLY A 61 -1.37 4.83 3.62
CA GLY A 61 -1.56 3.99 2.42
C GLY A 61 -1.30 2.53 2.81
N ILE A 62 -2.19 1.64 2.41
CA ILE A 62 -2.00 0.20 2.76
C ILE A 62 -2.10 -0.67 1.52
N LEU A 63 -1.28 -1.68 1.47
CA LEU A 63 -1.31 -2.59 0.31
C LEU A 63 -0.89 -3.98 0.74
N THR A 64 -1.88 -4.82 0.99
CA THR A 64 -1.58 -6.21 1.44
C THR A 64 -1.90 -7.22 0.36
N VAL A 65 -1.31 -8.39 0.48
CA VAL A 65 -1.56 -9.44 -0.53
C VAL A 65 -2.93 -10.07 -0.33
N ARG A 66 -3.26 -10.38 0.90
CA ARG A 66 -4.58 -10.98 1.19
C ARG A 66 -5.60 -9.92 1.55
N GLY A 67 -6.54 -10.30 2.37
CA GLY A 67 -7.58 -9.31 2.77
C GLY A 67 -8.59 -9.15 1.63
N GLY A 68 -9.84 -9.28 1.95
CA GLY A 68 -10.88 -9.13 0.88
C GLY A 68 -12.26 -9.43 1.45
N MET A 69 -13.20 -9.67 0.57
CA MET A 69 -14.58 -9.96 1.04
C MET A 69 -14.97 -9.01 2.17
N THR A 70 -14.26 -7.91 2.23
CA THR A 70 -14.56 -6.91 3.28
C THR A 70 -14.22 -7.46 4.66
N SER A 71 -13.37 -6.77 5.36
CA SER A 71 -12.98 -7.22 6.71
C SER A 71 -12.26 -6.12 7.45
N HIS A 72 -11.46 -6.49 8.41
CA HIS A 72 -10.71 -5.47 9.18
C HIS A 72 -9.97 -4.51 8.24
N ALA A 73 -9.22 -5.07 7.33
CA ALA A 73 -8.46 -4.21 6.38
C ALA A 73 -9.37 -3.21 5.69
N ALA A 74 -10.52 -3.66 5.28
CA ALA A 74 -11.46 -2.74 4.59
C ALA A 74 -12.27 -1.96 5.61
N VAL A 75 -12.87 -2.68 6.51
CA VAL A 75 -13.68 -2.00 7.54
C VAL A 75 -12.87 -0.94 8.26
N VAL A 76 -11.66 -1.27 8.63
CA VAL A 76 -10.82 -0.29 9.33
C VAL A 76 -10.47 0.86 8.41
N ALA A 77 -9.89 0.53 7.29
CA ALA A 77 -9.52 1.60 6.32
C ALA A 77 -10.75 2.40 5.93
N ARG A 78 -11.90 1.75 5.95
CA ARG A 78 -13.14 2.45 5.57
C ARG A 78 -13.46 3.57 6.57
N GLY A 79 -13.35 3.24 7.82
CA GLY A 79 -13.63 4.25 8.87
C GLY A 79 -12.58 5.36 8.83
N MET A 80 -11.43 5.03 8.31
CA MET A 80 -10.35 6.05 8.24
C MET A 80 -10.51 6.90 6.99
N GLY A 81 -11.21 6.38 6.03
CA GLY A 81 -11.41 7.14 4.76
C GLY A 81 -10.07 7.37 4.05
N THR A 82 -9.10 6.57 4.38
CA THR A 82 -7.77 6.74 3.73
C THR A 82 -7.64 5.84 2.51
N CYS A 83 -6.45 5.72 1.98
CA CYS A 83 -6.24 4.87 0.79
C CYS A 83 -5.75 3.50 1.20
N CYS A 84 -6.47 2.49 0.83
CA CYS A 84 -6.02 1.13 1.20
C CYS A 84 -6.49 0.10 0.20
N VAL A 85 -5.70 -0.93 0.05
CA VAL A 85 -6.07 -2.01 -0.92
C VAL A 85 -6.05 -3.36 -0.25
N SER A 86 -6.69 -4.31 -0.85
CA SER A 86 -6.72 -5.65 -0.25
C SER A 86 -6.86 -6.75 -1.30
N GLY A 87 -6.41 -7.94 -0.95
CA GLY A 87 -6.49 -9.09 -1.91
C GLY A 87 -5.87 -8.73 -3.26
N CYS A 88 -4.56 -8.72 -3.29
CA CYS A 88 -3.88 -8.37 -4.56
C CYS A 88 -3.77 -9.60 -5.46
N GLY A 89 -3.18 -9.41 -6.61
CA GLY A 89 -3.04 -10.55 -7.56
C GLY A 89 -2.29 -11.70 -6.90
N GLU A 90 -1.01 -11.76 -7.15
CA GLU A 90 -0.18 -12.83 -6.55
C GLU A 90 1.16 -12.26 -6.13
N ILE A 91 1.10 -11.29 -5.27
CA ILE A 91 2.35 -10.65 -4.79
C ILE A 91 3.34 -11.66 -4.24
N LYS A 92 4.35 -11.93 -5.02
CA LYS A 92 5.37 -12.88 -4.55
C LYS A 92 6.40 -12.09 -3.79
N ILE A 93 6.52 -12.35 -2.52
CA ILE A 93 7.52 -11.59 -1.75
C ILE A 93 8.89 -12.22 -1.76
N ASN A 94 9.88 -11.37 -1.94
CA ASN A 94 11.30 -11.87 -1.97
C ASN A 94 12.10 -11.34 -0.78
N GLU A 95 12.71 -12.24 -0.07
CA GLU A 95 13.53 -11.86 1.11
C GLU A 95 14.74 -10.96 0.76
N GLU A 96 14.99 -10.74 -0.52
CA GLU A 96 16.17 -9.88 -0.88
C GLU A 96 16.14 -8.65 0.01
N ALA A 97 15.00 -8.45 0.51
CA ALA A 97 14.70 -7.34 1.41
C ALA A 97 13.29 -7.59 1.84
N LYS A 98 12.40 -6.88 1.26
CA LYS A 98 10.96 -7.06 1.62
C LYS A 98 10.13 -6.66 0.40
N THR A 99 10.42 -7.31 -0.70
CA THR A 99 9.70 -7.01 -1.97
C THR A 99 8.41 -7.77 -2.15
N PHE A 100 7.77 -7.42 -3.23
CA PHE A 100 6.48 -8.03 -3.63
C PHE A 100 6.36 -7.94 -5.15
N GLU A 101 6.24 -9.07 -5.81
CA GLU A 101 6.13 -9.04 -7.30
C GLU A 101 4.68 -8.98 -7.76
N LEU A 102 4.31 -7.88 -8.38
CA LEU A 102 2.91 -7.74 -8.85
C LEU A 102 2.87 -7.11 -10.24
N GLY A 103 1.81 -7.37 -10.95
CA GLY A 103 1.68 -6.80 -12.33
C GLY A 103 2.81 -7.33 -13.22
N GLY A 104 3.74 -6.48 -13.52
CA GLY A 104 4.88 -6.91 -14.38
C GLY A 104 6.19 -6.33 -13.86
N HIS A 105 6.25 -6.11 -12.58
CA HIS A 105 7.48 -5.55 -12.00
C HIS A 105 7.67 -6.01 -10.57
N THR A 106 8.88 -5.91 -10.09
CA THR A 106 9.17 -6.34 -8.70
C THR A 106 9.57 -5.17 -7.83
N PHE A 107 8.68 -4.79 -6.95
CA PHE A 107 8.99 -3.63 -6.05
C PHE A 107 9.68 -4.16 -4.81
N ALA A 108 10.89 -3.71 -4.56
CA ALA A 108 11.62 -4.19 -3.36
C ALA A 108 11.57 -3.19 -2.24
N GLU A 109 11.34 -3.68 -1.03
CA GLU A 109 11.28 -2.76 0.11
C GLU A 109 12.48 -1.89 0.07
N GLY A 110 12.32 -0.77 -0.50
CA GLY A 110 13.44 0.12 -0.57
C GLY A 110 13.20 1.17 -1.67
N ASP A 111 11.92 1.32 -2.08
CA ASP A 111 11.61 2.32 -3.13
C ASP A 111 10.47 3.27 -2.72
N TYR A 112 9.87 3.91 -3.70
CA TYR A 112 8.75 4.85 -3.42
C TYR A 112 7.63 4.65 -4.46
N ILE A 113 6.40 4.56 -3.98
CA ILE A 113 5.27 4.36 -4.94
C ILE A 113 4.05 5.23 -4.62
N SER A 114 3.19 5.39 -5.61
CA SER A 114 1.96 6.21 -5.41
C SER A 114 0.77 5.42 -5.87
N LEU A 115 -0.09 5.06 -4.94
CA LEU A 115 -1.27 4.28 -5.33
C LEU A 115 -2.57 5.09 -5.24
N ASP A 116 -3.53 4.70 -6.06
CA ASP A 116 -4.84 5.42 -6.06
C ASP A 116 -5.91 4.70 -5.27
N GLY A 117 -6.90 5.44 -4.91
CA GLY A 117 -8.00 4.90 -4.15
C GLY A 117 -9.21 5.78 -4.42
N SER A 118 -9.95 5.32 -5.31
CA SER A 118 -11.17 6.03 -5.73
C SER A 118 -11.77 5.28 -6.88
N THR A 119 -11.14 4.18 -7.14
CA THR A 119 -11.54 3.29 -8.23
C THR A 119 -10.67 2.05 -8.16
N GLY A 120 -9.53 2.23 -7.55
CA GLY A 120 -8.58 1.10 -7.40
C GLY A 120 -7.53 1.14 -8.51
N LYS A 121 -6.50 1.88 -8.27
CA LYS A 121 -5.42 1.98 -9.27
C LYS A 121 -4.08 2.27 -8.60
N ILE A 122 -3.28 1.25 -8.47
CA ILE A 122 -1.97 1.45 -7.82
C ILE A 122 -0.90 1.84 -8.85
N TYR A 123 0.05 2.67 -8.46
CA TYR A 123 1.11 3.07 -9.41
C TYR A 123 2.40 3.32 -8.66
N LYS A 124 3.50 3.33 -9.36
CA LYS A 124 4.81 3.58 -8.68
C LYS A 124 5.57 4.73 -9.33
N GLY A 125 6.45 5.33 -8.56
CA GLY A 125 7.24 6.46 -9.11
C GLY A 125 6.44 7.77 -8.99
N ASP A 126 7.14 8.83 -8.70
CA ASP A 126 6.44 10.14 -8.55
C ASP A 126 5.58 10.44 -9.77
N ILE A 127 4.57 11.25 -9.57
CA ILE A 127 3.67 11.60 -10.69
C ILE A 127 4.19 12.83 -11.44
N GLU A 128 3.53 13.18 -12.50
CA GLU A 128 3.97 14.36 -13.27
C GLU A 128 5.46 14.27 -13.60
N ALA A 1 -2.41 9.27 -19.02
CA ALA A 1 -2.28 8.13 -18.08
C ALA A 1 -1.19 8.37 -17.06
N ALA A 2 -0.35 9.33 -17.33
CA ALA A 2 0.74 9.63 -16.37
C ALA A 2 0.24 10.55 -15.30
N LEU A 3 -1.03 10.40 -14.97
CA LEU A 3 -1.59 11.27 -13.93
C LEU A 3 -1.52 10.65 -12.57
N LYS A 4 -0.70 9.68 -12.50
CA LYS A 4 -0.50 8.96 -11.25
C LYS A 4 0.88 8.42 -11.32
N ALA A 5 1.65 9.09 -12.14
CA ALA A 5 3.06 8.73 -12.35
C ALA A 5 3.07 7.66 -13.40
N GLY A 6 1.98 7.62 -14.15
CA GLY A 6 1.86 6.60 -15.25
C GLY A 6 2.48 5.24 -14.85
N GLU A 7 2.76 4.44 -15.85
CA GLU A 7 3.36 3.09 -15.60
C GLU A 7 2.64 2.33 -14.49
N VAL A 8 1.69 1.52 -14.88
CA VAL A 8 0.92 0.72 -13.87
C VAL A 8 1.20 -0.75 -13.99
N ILE A 9 1.31 -1.40 -12.88
CA ILE A 9 1.59 -2.85 -12.88
C ILE A 9 0.28 -3.67 -12.85
N GLY A 10 -0.77 -3.07 -12.33
CA GLY A 10 -2.07 -3.82 -12.27
C GLY A 10 -3.03 -3.16 -11.27
N SER A 11 -4.14 -3.82 -11.03
CA SER A 11 -5.14 -3.25 -10.07
C SER A 11 -5.81 -4.38 -9.27
N ALA A 12 -5.84 -4.23 -7.97
CA ALA A 12 -6.47 -5.26 -7.12
C ALA A 12 -7.94 -4.92 -6.83
N LEU A 13 -8.40 -5.28 -5.66
CA LEU A 13 -9.81 -4.99 -5.31
C LEU A 13 -9.94 -3.57 -4.71
N PRO A 14 -11.00 -2.86 -5.07
CA PRO A 14 -11.21 -1.51 -4.56
C PRO A 14 -11.51 -1.51 -3.06
N ALA A 15 -10.51 -1.28 -2.25
CA ALA A 15 -10.76 -1.27 -0.78
C ALA A 15 -11.46 0.02 -0.38
N SER A 16 -10.74 1.11 -0.39
CA SER A 16 -11.34 2.41 -0.01
C SER A 16 -10.89 3.51 -0.97
N PRO A 17 -11.79 4.46 -1.27
CA PRO A 17 -11.45 5.55 -2.18
C PRO A 17 -10.28 6.36 -1.62
N GLY A 18 -9.09 6.15 -2.14
CA GLY A 18 -7.92 6.94 -1.59
C GLY A 18 -6.79 7.15 -2.60
N ALA A 19 -5.95 8.10 -2.31
CA ALA A 19 -4.80 8.41 -3.20
C ALA A 19 -3.56 8.63 -2.34
N ALA A 20 -2.53 7.82 -2.52
CA ALA A 20 -1.33 8.03 -1.67
C ALA A 20 -0.02 7.61 -2.35
N ALA A 21 1.05 8.13 -1.79
CA ALA A 21 2.40 7.83 -2.31
C ALA A 21 3.35 7.76 -1.13
N GLY A 22 3.86 6.60 -0.84
CA GLY A 22 4.80 6.47 0.32
C GLY A 22 5.79 5.32 0.14
N LYS A 23 6.78 5.30 1.00
CA LYS A 23 7.78 4.23 0.91
C LYS A 23 7.28 3.00 1.65
N VAL A 24 7.56 1.84 1.13
CA VAL A 24 7.09 0.60 1.79
C VAL A 24 7.95 0.21 3.00
N TYR A 25 7.32 -0.39 3.96
CA TYR A 25 8.03 -0.83 5.19
C TYR A 25 7.21 -1.91 5.91
N PHE A 26 7.59 -3.14 5.71
CA PHE A 26 6.84 -4.25 6.37
C PHE A 26 6.82 -4.09 7.88
N THR A 27 7.43 -3.04 8.37
CA THR A 27 7.45 -2.81 9.84
C THR A 27 6.53 -1.68 10.23
N ALA A 28 5.86 -1.86 11.32
CA ALA A 28 4.93 -0.80 11.78
C ALA A 28 5.69 0.20 12.62
N ASP A 29 6.81 -0.23 13.13
CA ASP A 29 7.61 0.68 13.98
C ASP A 29 8.23 1.75 13.10
N GLU A 30 8.63 1.35 11.93
CA GLU A 30 9.24 2.33 11.00
C GLU A 30 8.21 3.38 10.65
N ALA A 31 7.06 2.93 10.22
CA ALA A 31 6.00 3.89 9.86
C ALA A 31 5.74 4.84 11.02
N LYS A 32 5.92 4.34 12.21
CA LYS A 32 5.68 5.20 13.40
C LYS A 32 6.78 6.24 13.52
N ALA A 33 8.00 5.81 13.40
CA ALA A 33 9.12 6.76 13.53
C ALA A 33 9.42 7.43 12.20
N ALA A 34 8.80 6.92 11.19
CA ALA A 34 9.02 7.49 9.84
C ALA A 34 8.02 8.59 9.59
N HIS A 35 6.77 8.25 9.73
CA HIS A 35 5.72 9.27 9.50
C HIS A 35 5.95 10.45 10.41
N GLU A 36 6.56 10.20 11.55
CA GLU A 36 6.83 11.31 12.50
C GLU A 36 7.61 12.42 11.81
N LYS A 37 8.63 12.02 11.08
CA LYS A 37 9.43 13.04 10.37
C LYS A 37 8.57 13.84 9.41
N GLY A 38 7.33 13.43 9.29
CA GLY A 38 6.42 14.16 8.37
C GLY A 38 6.61 13.69 6.93
N GLU A 39 6.60 12.39 6.75
CA GLU A 39 6.77 11.82 5.38
C GLU A 39 5.73 10.74 5.11
N ARG A 40 5.43 10.54 3.86
CA ARG A 40 4.44 9.50 3.51
C ARG A 40 5.06 8.11 3.55
N VAL A 41 4.28 7.14 3.93
CA VAL A 41 4.81 5.76 4.00
C VAL A 41 3.73 4.75 3.59
N ILE A 42 4.16 3.56 3.24
CA ILE A 42 3.19 2.50 2.83
C ILE A 42 3.41 1.24 3.66
N LEU A 43 2.42 0.38 3.71
CA LEU A 43 2.58 -0.88 4.50
C LEU A 43 2.15 -2.12 3.72
N VAL A 44 3.07 -3.05 3.56
CA VAL A 44 2.75 -4.29 2.81
C VAL A 44 2.72 -5.48 3.76
N ARG A 45 1.60 -6.12 3.82
CA ARG A 45 1.48 -7.29 4.71
C ARG A 45 0.48 -8.27 4.15
N LEU A 46 0.69 -9.52 4.39
CA LEU A 46 -0.27 -10.50 3.87
C LEU A 46 -1.67 -10.11 4.30
N GLU A 47 -1.80 -9.85 5.58
CA GLU A 47 -3.13 -9.46 6.13
C GLU A 47 -2.98 -8.28 7.09
N THR A 48 -4.11 -7.69 7.45
CA THR A 48 -4.06 -6.53 8.39
C THR A 48 -4.60 -6.93 9.77
N SER A 49 -4.28 -6.13 10.76
CA SER A 49 -4.76 -6.44 12.13
C SER A 49 -4.95 -5.14 12.95
N PRO A 50 -5.73 -5.26 14.01
CA PRO A 50 -6.00 -4.11 14.89
C PRO A 50 -4.73 -3.52 15.50
N GLU A 51 -3.76 -4.37 15.74
CA GLU A 51 -2.49 -3.86 16.34
C GLU A 51 -1.70 -3.02 15.33
N ASP A 52 -2.10 -3.10 14.09
CA ASP A 52 -1.39 -2.33 13.04
C ASP A 52 -2.01 -0.95 12.84
N ILE A 53 -3.15 -0.72 13.45
CA ILE A 53 -3.83 0.61 13.29
C ILE A 53 -2.81 1.76 13.23
N GLU A 54 -1.97 1.87 14.20
CA GLU A 54 -0.98 2.96 14.17
C GLU A 54 -0.11 2.78 12.95
N GLY A 55 0.21 1.56 12.66
CA GLY A 55 1.06 1.28 11.48
C GLY A 55 0.23 1.50 10.21
N MET A 56 -1.07 1.43 10.37
CA MET A 56 -1.93 1.62 9.19
C MET A 56 -2.08 3.10 8.88
N HIS A 57 -2.34 3.89 9.89
CA HIS A 57 -2.48 5.34 9.62
C HIS A 57 -1.12 5.93 9.31
N ALA A 58 -0.11 5.41 9.95
CA ALA A 58 1.24 5.93 9.69
C ALA A 58 1.50 5.79 8.21
N ALA A 59 0.79 4.86 7.61
CA ALA A 59 0.94 4.62 6.17
C ALA A 59 -0.39 4.91 5.48
N GLU A 60 -0.58 6.16 5.14
CA GLU A 60 -1.84 6.56 4.47
C GLU A 60 -2.11 5.69 3.24
N GLY A 61 -1.21 4.78 2.98
CA GLY A 61 -1.40 3.87 1.81
C GLY A 61 -1.06 2.45 2.22
N ILE A 62 -1.83 1.48 1.75
CA ILE A 62 -1.54 0.08 2.13
C ILE A 62 -1.77 -0.87 0.96
N LEU A 63 -0.92 -1.85 0.88
CA LEU A 63 -1.02 -2.85 -0.20
C LEU A 63 -0.72 -4.23 0.35
N THR A 64 -1.77 -4.98 0.64
CA THR A 64 -1.58 -6.36 1.20
C THR A 64 -2.00 -7.43 0.23
N VAL A 65 -1.52 -8.63 0.48
CA VAL A 65 -1.86 -9.76 -0.39
C VAL A 65 -3.24 -10.32 -0.07
N ARG A 66 -3.70 -10.10 1.14
CA ARG A 66 -5.05 -10.63 1.52
C ARG A 66 -6.12 -9.55 1.48
N GLY A 67 -6.75 -9.34 2.59
CA GLY A 67 -7.82 -8.30 2.64
C GLY A 67 -8.99 -8.76 1.78
N GLY A 68 -10.20 -8.45 2.20
CA GLY A 68 -11.40 -8.87 1.40
C GLY A 68 -12.35 -7.70 1.17
N MET A 69 -13.43 -7.98 0.49
CA MET A 69 -14.42 -6.93 0.21
C MET A 69 -14.69 -6.09 1.44
N THR A 70 -14.53 -6.69 2.60
CA THR A 70 -14.78 -5.93 3.84
C THR A 70 -14.12 -6.60 5.03
N SER A 71 -13.43 -5.81 5.79
CA SER A 71 -12.74 -6.35 6.99
C SER A 71 -12.00 -5.22 7.69
N HIS A 72 -11.27 -5.55 8.74
CA HIS A 72 -10.52 -4.49 9.46
C HIS A 72 -9.84 -3.55 8.46
N ALA A 73 -9.15 -4.13 7.52
CA ALA A 73 -8.46 -3.30 6.51
C ALA A 73 -9.38 -2.23 5.93
N ALA A 74 -10.55 -2.64 5.53
CA ALA A 74 -11.50 -1.67 4.94
C ALA A 74 -12.24 -0.89 6.01
N VAL A 75 -12.92 -1.59 6.86
CA VAL A 75 -13.66 -0.90 7.94
C VAL A 75 -12.80 0.16 8.60
N VAL A 76 -11.58 -0.18 8.88
CA VAL A 76 -10.68 0.80 9.52
C VAL A 76 -10.30 1.89 8.54
N ALA A 77 -10.05 1.50 7.31
CA ALA A 77 -9.68 2.51 6.30
C ALA A 77 -10.86 3.41 5.97
N ARG A 78 -12.05 2.86 6.03
CA ARG A 78 -13.24 3.68 5.73
C ARG A 78 -13.45 4.74 6.80
N GLY A 79 -13.17 4.39 8.02
CA GLY A 79 -13.34 5.37 9.13
C GLY A 79 -12.22 6.41 9.12
N MET A 80 -11.05 5.98 8.73
CA MET A 80 -9.91 6.93 8.68
C MET A 80 -9.75 7.53 7.29
N GLY A 81 -10.62 7.14 6.40
CA GLY A 81 -10.53 7.68 5.00
C GLY A 81 -9.12 7.47 4.42
N THR A 82 -8.54 6.34 4.70
CA THR A 82 -7.19 6.05 4.18
C THR A 82 -7.26 5.27 2.88
N CYS A 83 -6.23 5.38 2.08
CA CYS A 83 -6.22 4.63 0.79
C CYS A 83 -5.63 3.26 1.00
N CYS A 84 -6.31 2.24 0.54
CA CYS A 84 -5.74 0.89 0.73
C CYS A 84 -6.22 -0.08 -0.33
N VAL A 85 -5.44 -1.12 -0.52
CA VAL A 85 -5.80 -2.15 -1.54
C VAL A 85 -5.83 -3.51 -0.88
N SER A 86 -6.46 -4.43 -1.53
CA SER A 86 -6.51 -5.78 -0.94
C SER A 86 -6.61 -6.87 -2.01
N GLY A 87 -6.03 -8.01 -1.72
CA GLY A 87 -6.07 -9.14 -2.70
C GLY A 87 -5.45 -8.72 -4.04
N CYS A 88 -4.16 -8.93 -4.17
CA CYS A 88 -3.48 -8.56 -5.45
C CYS A 88 -3.29 -9.80 -6.33
N GLY A 89 -2.88 -9.57 -7.55
CA GLY A 89 -2.68 -10.73 -8.49
C GLY A 89 -1.91 -11.86 -7.77
N GLU A 90 -0.61 -11.74 -7.71
CA GLU A 90 0.18 -12.80 -7.04
C GLU A 90 1.50 -12.22 -6.57
N ILE A 91 1.42 -11.36 -5.60
CA ILE A 91 2.65 -10.75 -5.06
C ILE A 91 3.54 -11.76 -4.36
N LYS A 92 4.57 -12.16 -5.03
CA LYS A 92 5.49 -13.14 -4.41
C LYS A 92 6.51 -12.35 -3.65
N ILE A 93 6.59 -12.56 -2.37
CA ILE A 93 7.58 -11.79 -1.61
C ILE A 93 8.92 -12.45 -1.56
N ASN A 94 9.93 -11.65 -1.84
CA ASN A 94 11.32 -12.19 -1.84
C ASN A 94 12.09 -11.69 -0.61
N GLU A 95 12.56 -12.64 0.14
CA GLU A 95 13.34 -12.34 1.38
C GLU A 95 14.51 -11.41 1.14
N GLU A 96 14.84 -11.11 -0.11
CA GLU A 96 16.00 -10.19 -0.34
C GLU A 96 15.88 -9.01 0.59
N ALA A 97 14.71 -8.89 1.05
CA ALA A 97 14.31 -7.86 1.98
C ALA A 97 12.88 -8.16 2.28
N LYS A 98 12.03 -7.42 1.67
CA LYS A 98 10.57 -7.64 1.88
C LYS A 98 9.87 -7.22 0.59
N THR A 99 10.48 -7.63 -0.48
CA THR A 99 9.97 -7.31 -1.84
C THR A 99 8.68 -8.00 -2.21
N PHE A 100 8.15 -7.62 -3.37
CA PHE A 100 6.88 -8.22 -3.88
C PHE A 100 6.87 -8.17 -5.42
N GLU A 101 6.52 -9.28 -6.04
CA GLU A 101 6.48 -9.33 -7.53
C GLU A 101 5.06 -9.49 -8.04
N LEU A 102 4.58 -8.50 -8.77
CA LEU A 102 3.19 -8.60 -9.29
C LEU A 102 3.05 -7.83 -10.59
N GLY A 103 2.01 -8.13 -11.32
CA GLY A 103 1.79 -7.43 -12.62
C GLY A 103 2.93 -7.73 -13.58
N GLY A 104 3.70 -6.73 -13.89
CA GLY A 104 4.85 -6.93 -14.82
C GLY A 104 6.13 -6.32 -14.26
N HIS A 105 6.21 -6.21 -12.96
CA HIS A 105 7.44 -5.62 -12.38
C HIS A 105 7.70 -6.19 -11.00
N THR A 106 8.96 -6.19 -10.62
CA THR A 106 9.34 -6.72 -9.29
C THR A 106 9.90 -5.62 -8.41
N PHE A 107 9.08 -5.11 -7.53
CA PHE A 107 9.57 -4.03 -6.64
C PHE A 107 10.17 -4.64 -5.40
N ALA A 108 11.02 -3.89 -4.73
CA ALA A 108 11.65 -4.43 -3.49
C ALA A 108 11.45 -3.50 -2.30
N GLU A 109 10.96 -4.05 -1.21
CA GLU A 109 10.75 -3.20 -0.01
C GLU A 109 11.99 -2.40 0.22
N GLY A 110 11.98 -1.23 -0.28
CA GLY A 110 13.14 -0.38 -0.12
C GLY A 110 12.98 0.84 -1.04
N ASP A 111 11.77 1.01 -1.53
CA ASP A 111 11.47 2.14 -2.43
C ASP A 111 10.07 2.69 -2.13
N TYR A 112 9.45 3.29 -3.11
CA TYR A 112 8.09 3.83 -2.88
C TYR A 112 7.22 3.78 -4.12
N ILE A 113 5.93 3.75 -3.91
CA ILE A 113 4.99 3.69 -5.05
C ILE A 113 3.82 4.64 -4.83
N SER A 114 3.12 4.93 -5.91
CA SER A 114 1.95 5.86 -5.80
C SER A 114 0.75 5.20 -6.43
N LEU A 115 -0.20 4.80 -5.61
CA LEU A 115 -1.40 4.12 -6.18
C LEU A 115 -2.67 4.88 -5.94
N ASP A 116 -3.63 4.56 -6.76
CA ASP A 116 -4.94 5.19 -6.66
C ASP A 116 -5.89 4.36 -5.84
N GLY A 117 -6.91 5.01 -5.39
CA GLY A 117 -7.93 4.35 -4.58
C GLY A 117 -9.23 4.98 -4.97
N SER A 118 -9.81 4.32 -5.86
CA SER A 118 -11.13 4.70 -6.43
C SER A 118 -11.39 3.73 -7.55
N THR A 119 -10.37 2.97 -7.78
CA THR A 119 -10.39 1.94 -8.83
C THR A 119 -9.40 0.85 -8.45
N GLY A 120 -8.39 1.27 -7.70
CA GLY A 120 -7.35 0.29 -7.25
C GLY A 120 -6.08 0.39 -8.11
N LYS A 121 -6.17 1.09 -9.20
CA LYS A 121 -4.97 1.20 -10.09
C LYS A 121 -3.76 1.63 -9.28
N ILE A 122 -2.70 0.87 -9.37
CA ILE A 122 -1.46 1.21 -8.62
C ILE A 122 -0.32 1.58 -9.56
N TYR A 123 0.37 2.65 -9.22
CA TYR A 123 1.50 3.11 -10.05
C TYR A 123 2.70 3.28 -9.12
N LYS A 124 3.90 3.28 -9.65
CA LYS A 124 5.09 3.45 -8.75
C LYS A 124 5.90 4.69 -9.09
N GLY A 125 6.70 5.14 -8.13
CA GLY A 125 7.52 6.35 -8.39
C GLY A 125 6.67 7.61 -8.36
N ASP A 126 7.13 8.61 -7.67
CA ASP A 126 6.36 9.88 -7.59
C ASP A 126 5.91 10.34 -8.99
N ILE A 127 4.83 11.07 -9.03
CA ILE A 127 4.32 11.56 -10.34
C ILE A 127 4.79 12.99 -10.59
N GLU A 128 4.74 13.38 -11.84
CA GLU A 128 5.17 14.76 -12.18
C GLU A 128 4.20 15.40 -13.15
N ALA A 1 -3.96 14.09 -16.55
CA ALA A 1 -2.55 14.29 -16.96
C ALA A 1 -1.64 13.24 -16.36
N ALA A 2 -1.51 13.27 -15.06
CA ALA A 2 -0.64 12.27 -14.40
C ALA A 2 -1.42 11.03 -14.02
N LEU A 3 -0.84 10.23 -13.14
CA LEU A 3 -1.52 8.97 -12.69
C LEU A 3 -2.33 8.36 -13.82
N LYS A 4 -1.93 8.65 -15.01
CA LYS A 4 -2.63 8.13 -16.18
C LYS A 4 -1.61 7.76 -17.22
N ALA A 5 -0.41 8.17 -16.95
CA ALA A 5 0.70 7.88 -17.86
C ALA A 5 1.94 7.50 -17.08
N GLY A 6 1.75 7.22 -15.83
CA GLY A 6 2.91 6.83 -14.98
C GLY A 6 3.36 5.40 -15.30
N GLU A 7 3.75 4.67 -14.26
CA GLU A 7 4.19 3.27 -14.47
C GLU A 7 3.32 2.30 -13.68
N VAL A 8 2.11 2.11 -14.16
CA VAL A 8 1.18 1.19 -13.47
C VAL A 8 1.65 -0.25 -13.54
N ILE A 9 1.30 -1.01 -12.52
CA ILE A 9 1.71 -2.45 -12.47
C ILE A 9 0.49 -3.36 -12.50
N GLY A 10 -0.47 -3.06 -11.66
CA GLY A 10 -1.70 -3.89 -11.62
C GLY A 10 -2.86 -3.12 -10.99
N SER A 11 -3.83 -3.84 -10.48
CA SER A 11 -4.99 -3.16 -9.85
C SER A 11 -5.89 -4.16 -9.14
N ALA A 12 -6.00 -4.03 -7.85
CA ALA A 12 -6.85 -4.98 -7.09
C ALA A 12 -8.26 -4.43 -6.89
N LEU A 13 -8.85 -4.74 -5.77
CA LEU A 13 -10.22 -4.24 -5.51
C LEU A 13 -10.17 -2.85 -4.85
N PRO A 14 -11.00 -1.92 -5.34
CA PRO A 14 -11.03 -0.58 -4.78
C PRO A 14 -11.60 -0.59 -3.36
N ALA A 15 -10.75 -0.82 -2.40
CA ALA A 15 -11.25 -0.84 -1.00
C ALA A 15 -11.85 0.51 -0.65
N SER A 16 -11.04 1.54 -0.70
CA SER A 16 -11.55 2.89 -0.37
C SER A 16 -10.88 3.95 -1.27
N PRO A 17 -11.64 4.98 -1.61
CA PRO A 17 -11.10 6.05 -2.46
C PRO A 17 -9.81 6.60 -1.86
N GLY A 18 -8.71 6.49 -2.58
CA GLY A 18 -7.43 7.03 -1.98
C GLY A 18 -6.39 7.50 -3.01
N ALA A 19 -5.45 8.28 -2.52
CA ALA A 19 -4.36 8.81 -3.38
C ALA A 19 -3.14 9.04 -2.49
N ALA A 20 -2.12 8.21 -2.62
CA ALA A 20 -0.92 8.43 -1.75
C ALA A 20 0.39 7.96 -2.40
N ALA A 21 1.47 8.48 -1.86
CA ALA A 21 2.83 8.12 -2.37
C ALA A 21 3.79 7.99 -1.20
N GLY A 22 4.17 6.78 -0.89
CA GLY A 22 5.11 6.57 0.26
C GLY A 22 5.96 5.31 0.06
N LYS A 23 6.97 5.16 0.87
CA LYS A 23 7.83 3.97 0.72
C LYS A 23 7.18 2.82 1.45
N VAL A 24 7.58 1.62 1.14
CA VAL A 24 6.96 0.47 1.83
C VAL A 24 7.77 -0.08 3.01
N TYR A 25 7.04 -0.61 3.95
CA TYR A 25 7.66 -1.20 5.15
C TYR A 25 6.71 -2.27 5.68
N PHE A 26 7.12 -3.00 6.71
CA PHE A 26 6.21 -4.07 7.23
C PHE A 26 6.02 -3.99 8.74
N THR A 27 6.91 -3.33 9.42
CA THR A 27 6.77 -3.23 10.89
C THR A 27 6.18 -1.90 11.30
N ALA A 28 5.25 -1.95 12.20
CA ALA A 28 4.63 -0.68 12.67
C ALA A 28 5.69 0.18 13.32
N ASP A 29 6.73 -0.48 13.77
CA ASP A 29 7.82 0.28 14.41
C ASP A 29 8.54 1.11 13.37
N GLU A 30 8.74 0.52 12.22
CA GLU A 30 9.43 1.27 11.14
C GLU A 30 8.63 2.50 10.81
N ALA A 31 7.33 2.33 10.77
CA ALA A 31 6.46 3.49 10.45
C ALA A 31 6.72 4.60 11.44
N LYS A 32 6.94 4.21 12.67
CA LYS A 32 7.20 5.23 13.72
C LYS A 32 8.49 5.97 13.43
N ALA A 33 9.46 5.28 12.88
CA ALA A 33 10.75 5.94 12.57
C ALA A 33 10.71 6.51 11.18
N ALA A 34 9.75 6.11 10.44
CA ALA A 34 9.61 6.61 9.07
C ALA A 34 8.75 7.84 9.07
N HIS A 35 7.57 7.70 9.62
CA HIS A 35 6.65 8.84 9.69
C HIS A 35 7.27 9.96 10.52
N GLU A 36 8.23 9.60 11.34
CA GLU A 36 8.89 10.62 12.18
C GLU A 36 9.73 11.53 11.30
N LYS A 37 10.36 10.94 10.33
CA LYS A 37 11.20 11.74 9.42
C LYS A 37 10.36 12.74 8.63
N GLY A 38 9.07 12.70 8.86
CA GLY A 38 8.17 13.64 8.14
C GLY A 38 8.01 13.24 6.68
N GLU A 39 7.83 11.95 6.45
CA GLU A 39 7.67 11.46 5.05
C GLU A 39 6.56 10.44 4.96
N ARG A 40 5.74 10.57 3.94
CA ARG A 40 4.62 9.60 3.77
C ARG A 40 5.16 8.18 3.72
N VAL A 41 4.32 7.23 4.07
CA VAL A 41 4.79 5.83 4.04
C VAL A 41 3.65 4.86 3.68
N ILE A 42 4.04 3.68 3.22
CA ILE A 42 3.03 2.64 2.83
C ILE A 42 3.33 1.33 3.57
N LEU A 43 2.34 0.47 3.69
CA LEU A 43 2.58 -0.83 4.41
C LEU A 43 2.14 -2.03 3.59
N VAL A 44 2.91 -3.10 3.69
CA VAL A 44 2.58 -4.34 2.93
C VAL A 44 2.55 -5.53 3.86
N ARG A 45 1.43 -6.16 3.94
CA ARG A 45 1.32 -7.33 4.81
C ARG A 45 0.28 -8.29 4.28
N LEU A 46 0.47 -9.55 4.53
CA LEU A 46 -0.51 -10.51 4.03
C LEU A 46 -1.91 -10.03 4.36
N GLU A 47 -2.12 -9.84 5.64
CA GLU A 47 -3.45 -9.36 6.12
C GLU A 47 -3.28 -8.16 7.05
N THR A 48 -4.37 -7.47 7.30
CA THR A 48 -4.29 -6.29 8.20
C THR A 48 -4.79 -6.62 9.61
N SER A 49 -4.78 -5.64 10.47
CA SER A 49 -5.25 -5.87 11.87
C SER A 49 -5.51 -4.54 12.58
N PRO A 50 -6.44 -4.54 13.53
CA PRO A 50 -6.76 -3.33 14.28
C PRO A 50 -5.56 -2.78 15.06
N GLU A 51 -4.96 -3.63 15.86
CA GLU A 51 -3.77 -3.19 16.66
C GLU A 51 -2.79 -2.36 15.82
N ASP A 52 -2.90 -2.47 14.53
CA ASP A 52 -1.99 -1.71 13.64
C ASP A 52 -2.52 -0.32 13.35
N ILE A 53 -3.74 -0.05 13.79
CA ILE A 53 -4.35 1.26 13.55
C ILE A 53 -3.33 2.39 13.57
N GLU A 54 -2.53 2.46 14.59
CA GLU A 54 -1.53 3.54 14.62
C GLU A 54 -0.62 3.39 13.43
N GLY A 55 -0.22 2.16 13.18
CA GLY A 55 0.66 1.92 12.03
C GLY A 55 -0.12 2.22 10.76
N MET A 56 -1.42 2.00 10.81
CA MET A 56 -2.24 2.27 9.63
C MET A 56 -2.18 3.74 9.28
N HIS A 57 -2.29 4.59 10.28
CA HIS A 57 -2.24 6.03 10.00
C HIS A 57 -0.89 6.37 9.40
N ALA A 58 0.16 6.05 10.12
CA ALA A 58 1.51 6.36 9.59
C ALA A 58 1.58 5.92 8.16
N ALA A 59 0.86 4.86 7.88
CA ALA A 59 0.84 4.34 6.50
C ALA A 59 -0.39 4.87 5.79
N GLU A 60 -0.28 6.08 5.31
CA GLU A 60 -1.42 6.70 4.60
C GLU A 60 -1.84 5.88 3.37
N GLY A 61 -1.39 4.65 3.32
CA GLY A 61 -1.73 3.77 2.17
C GLY A 61 -1.46 2.32 2.58
N ILE A 62 -2.29 1.40 2.11
CA ILE A 62 -2.09 -0.02 2.46
C ILE A 62 -2.23 -0.93 1.25
N LEU A 63 -1.30 -1.82 1.12
CA LEU A 63 -1.32 -2.77 -0.01
C LEU A 63 -0.99 -4.15 0.53
N THR A 64 -2.02 -4.94 0.76
CA THR A 64 -1.80 -6.32 1.30
C THR A 64 -2.23 -7.42 0.36
N VAL A 65 -1.71 -8.61 0.63
CA VAL A 65 -2.05 -9.78 -0.22
C VAL A 65 -3.45 -10.28 0.10
N ARG A 66 -3.93 -9.96 1.29
CA ARG A 66 -5.29 -10.41 1.70
C ARG A 66 -6.23 -9.21 1.84
N GLY A 67 -6.87 -9.15 2.96
CA GLY A 67 -7.82 -8.02 3.20
C GLY A 67 -8.96 -8.05 2.17
N GLY A 68 -9.75 -7.01 2.16
CA GLY A 68 -10.89 -6.96 1.19
C GLY A 68 -11.87 -8.12 1.45
N MET A 69 -11.42 -9.15 2.10
CA MET A 69 -12.31 -10.29 2.38
C MET A 69 -13.37 -9.88 3.38
N THR A 70 -13.90 -8.71 3.19
CA THR A 70 -14.96 -8.19 4.10
C THR A 70 -14.57 -8.43 5.55
N SER A 71 -13.90 -7.46 6.12
CA SER A 71 -13.48 -7.59 7.53
C SER A 71 -12.86 -6.29 8.01
N HIS A 72 -12.03 -6.38 9.01
CA HIS A 72 -11.39 -5.15 9.52
C HIS A 72 -10.67 -4.40 8.40
N ALA A 73 -9.99 -5.14 7.55
CA ALA A 73 -9.27 -4.50 6.42
C ALA A 73 -10.17 -3.59 5.59
N ALA A 74 -11.26 -4.13 5.14
CA ALA A 74 -12.19 -3.31 4.31
C ALA A 74 -13.00 -2.38 5.18
N VAL A 75 -13.23 -2.79 6.38
CA VAL A 75 -14.01 -1.95 7.30
C VAL A 75 -13.15 -0.82 7.86
N VAL A 76 -12.04 -1.17 8.44
CA VAL A 76 -11.14 -0.13 9.00
C VAL A 76 -10.78 0.88 7.92
N ALA A 77 -10.53 0.39 6.75
CA ALA A 77 -10.15 1.29 5.63
C ALA A 77 -11.31 2.21 5.27
N ARG A 78 -12.45 1.64 5.04
CA ARG A 78 -13.63 2.47 4.69
C ARG A 78 -14.04 3.34 5.87
N GLY A 79 -13.54 3.02 7.02
CA GLY A 79 -13.90 3.82 8.23
C GLY A 79 -13.03 5.08 8.31
N MET A 80 -11.80 4.94 7.90
CA MET A 80 -10.88 6.11 7.95
C MET A 80 -10.92 6.88 6.63
N GLY A 81 -11.54 6.28 5.65
CA GLY A 81 -11.63 6.95 4.32
C GLY A 81 -10.23 7.15 3.72
N THR A 82 -9.30 6.35 4.13
CA THR A 82 -7.92 6.47 3.59
C THR A 82 -7.77 5.66 2.31
N CYS A 83 -6.54 5.48 1.88
CA CYS A 83 -6.28 4.71 0.64
C CYS A 83 -5.89 3.29 0.98
N CYS A 84 -6.61 2.32 0.47
CA CYS A 84 -6.26 0.93 0.79
C CYS A 84 -6.66 -0.05 -0.31
N VAL A 85 -5.79 -1.00 -0.58
CA VAL A 85 -6.08 -2.02 -1.62
C VAL A 85 -6.13 -3.36 -0.97
N SER A 86 -6.72 -4.31 -1.61
CA SER A 86 -6.79 -5.64 -0.99
C SER A 86 -6.85 -6.77 -1.99
N GLY A 87 -6.34 -7.91 -1.57
CA GLY A 87 -6.34 -9.11 -2.45
C GLY A 87 -5.83 -8.81 -3.85
N CYS A 88 -4.55 -8.95 -4.02
CA CYS A 88 -3.97 -8.68 -5.35
C CYS A 88 -3.78 -9.98 -6.12
N GLY A 89 -2.94 -9.97 -7.11
CA GLY A 89 -2.71 -11.21 -7.89
C GLY A 89 -2.03 -12.26 -7.00
N GLU A 90 -0.74 -12.32 -7.10
CA GLU A 90 0.03 -13.30 -6.29
C GLU A 90 1.33 -12.66 -5.83
N ILE A 91 1.19 -11.58 -5.12
CA ILE A 91 2.38 -10.87 -4.61
C ILE A 91 3.44 -11.81 -4.05
N LYS A 92 4.46 -12.02 -4.83
CA LYS A 92 5.55 -12.91 -4.36
C LYS A 92 6.55 -12.07 -3.60
N ILE A 93 6.66 -12.31 -2.32
CA ILE A 93 7.61 -11.50 -1.53
C ILE A 93 9.01 -12.12 -1.51
N ASN A 94 10.01 -11.28 -1.72
CA ASN A 94 11.42 -11.78 -1.72
C ASN A 94 12.20 -11.24 -0.53
N GLU A 95 12.74 -12.16 0.23
CA GLU A 95 13.52 -11.77 1.44
C GLU A 95 14.80 -10.97 1.11
N GLU A 96 15.10 -10.76 -0.16
CA GLU A 96 16.34 -9.98 -0.48
C GLU A 96 16.35 -8.74 0.37
N ALA A 97 15.21 -8.50 0.86
CA ALA A 97 14.93 -7.36 1.72
C ALA A 97 13.51 -7.58 2.13
N LYS A 98 12.64 -6.89 1.49
CA LYS A 98 11.19 -7.04 1.82
C LYS A 98 10.41 -6.55 0.60
N THR A 99 10.57 -7.31 -0.47
CA THR A 99 9.87 -6.96 -1.75
C THR A 99 8.60 -7.70 -1.98
N PHE A 100 8.00 -7.35 -3.09
CA PHE A 100 6.73 -7.96 -3.52
C PHE A 100 6.67 -7.91 -5.04
N GLU A 101 6.38 -9.03 -5.66
CA GLU A 101 6.29 -9.05 -7.14
C GLU A 101 4.84 -8.98 -7.60
N LEU A 102 4.49 -7.92 -8.30
CA LEU A 102 3.09 -7.78 -8.78
C LEU A 102 3.05 -7.30 -10.23
N GLY A 103 1.97 -7.59 -10.89
CA GLY A 103 1.84 -7.16 -12.31
C GLY A 103 3.14 -7.44 -13.07
N GLY A 104 3.76 -6.39 -13.54
CA GLY A 104 5.05 -6.56 -14.30
C GLY A 104 6.16 -5.73 -13.67
N HIS A 105 6.15 -5.64 -12.37
CA HIS A 105 7.21 -4.85 -11.70
C HIS A 105 7.52 -5.40 -10.30
N THR A 106 8.79 -5.60 -10.05
CA THR A 106 9.20 -6.13 -8.72
C THR A 106 9.76 -5.00 -7.87
N PHE A 107 9.09 -4.70 -6.79
CA PHE A 107 9.59 -3.58 -5.91
C PHE A 107 10.05 -4.10 -4.56
N ALA A 108 11.23 -3.68 -4.17
CA ALA A 108 11.78 -4.13 -2.87
C ALA A 108 11.57 -3.10 -1.80
N GLU A 109 11.57 -3.54 -0.54
CA GLU A 109 11.38 -2.56 0.55
C GLU A 109 12.54 -1.64 0.57
N GLY A 110 12.67 -0.93 -0.47
CA GLY A 110 13.76 0.00 -0.55
C GLY A 110 13.47 1.05 -1.62
N ASP A 111 12.18 1.30 -1.88
CA ASP A 111 11.85 2.33 -2.91
C ASP A 111 10.57 3.09 -2.58
N TYR A 112 10.03 3.77 -3.57
CA TYR A 112 8.78 4.55 -3.36
C TYR A 112 7.73 4.21 -4.42
N ILE A 113 6.50 4.06 -3.97
CA ILE A 113 5.41 3.74 -4.93
C ILE A 113 4.21 4.64 -4.72
N SER A 114 3.39 4.71 -5.72
CA SER A 114 2.16 5.57 -5.63
C SER A 114 0.93 4.73 -5.88
N LEU A 115 0.14 4.52 -4.86
CA LEU A 115 -1.07 3.71 -5.03
C LEU A 115 -2.31 4.61 -5.05
N ASP A 116 -3.23 4.32 -5.97
CA ASP A 116 -4.47 5.15 -6.06
C ASP A 116 -5.69 4.39 -5.59
N GLY A 117 -6.68 5.14 -5.27
CA GLY A 117 -7.92 4.60 -4.80
C GLY A 117 -9.03 5.45 -5.39
N SER A 118 -9.48 4.98 -6.46
CA SER A 118 -10.57 5.64 -7.21
C SER A 118 -10.99 4.70 -8.30
N THR A 119 -10.28 3.64 -8.33
CA THR A 119 -10.52 2.57 -9.31
C THR A 119 -9.73 1.36 -8.85
N GLY A 120 -8.81 1.63 -7.96
CA GLY A 120 -7.95 0.55 -7.41
C GLY A 120 -6.77 0.26 -8.32
N LYS A 121 -6.19 1.31 -8.85
CA LYS A 121 -5.02 1.16 -9.76
C LYS A 121 -3.79 1.79 -9.11
N ILE A 122 -2.78 1.01 -8.87
CA ILE A 122 -1.57 1.58 -8.25
C ILE A 122 -0.50 1.93 -9.27
N TYR A 123 0.40 2.78 -8.85
CA TYR A 123 1.51 3.22 -9.75
C TYR A 123 2.81 3.19 -8.96
N LYS A 124 3.92 3.20 -9.65
CA LYS A 124 5.21 3.18 -8.94
C LYS A 124 6.22 4.15 -9.55
N GLY A 125 7.01 4.78 -8.70
CA GLY A 125 8.01 5.74 -9.22
C GLY A 125 7.47 7.17 -9.19
N ASP A 126 8.32 8.10 -8.84
CA ASP A 126 7.87 9.52 -8.79
C ASP A 126 7.15 9.90 -10.08
N ILE A 127 5.87 9.70 -10.09
CA ILE A 127 5.09 10.05 -11.31
C ILE A 127 5.37 11.48 -11.73
N GLU A 128 4.99 11.80 -12.93
CA GLU A 128 5.22 13.18 -13.42
C GLU A 128 4.36 14.18 -12.67
N ALA A 1 0.98 15.59 -18.20
CA ALA A 1 0.12 14.39 -18.38
C ALA A 1 0.28 13.43 -17.21
N ALA A 2 1.21 12.52 -17.35
CA ALA A 2 1.44 11.54 -16.26
C ALA A 2 0.29 10.54 -16.19
N LEU A 3 0.52 9.47 -15.48
CA LEU A 3 -0.54 8.44 -15.35
C LEU A 3 -1.06 8.09 -16.72
N LYS A 4 -0.36 8.56 -17.70
CA LYS A 4 -0.75 8.29 -19.09
C LYS A 4 0.48 7.90 -19.85
N ALA A 5 1.56 7.88 -19.14
CA ALA A 5 2.85 7.51 -19.75
C ALA A 5 3.78 6.93 -18.69
N GLY A 6 3.22 6.63 -17.55
CA GLY A 6 4.05 6.06 -16.46
C GLY A 6 4.23 4.56 -16.66
N GLU A 7 3.87 3.79 -15.66
CA GLU A 7 4.01 2.32 -15.78
C GLU A 7 3.29 1.60 -14.66
N VAL A 8 2.01 1.41 -14.82
CA VAL A 8 1.23 0.71 -13.77
C VAL A 8 1.53 -0.78 -13.77
N ILE A 9 1.59 -1.36 -12.61
CA ILE A 9 1.87 -2.82 -12.53
C ILE A 9 0.57 -3.61 -12.47
N GLY A 10 -0.43 -3.06 -11.83
CA GLY A 10 -1.72 -3.79 -11.74
C GLY A 10 -2.76 -2.98 -10.95
N SER A 11 -3.84 -3.64 -10.60
CA SER A 11 -4.91 -2.95 -9.84
C SER A 11 -5.71 -3.96 -9.01
N ALA A 12 -5.73 -3.76 -7.72
CA ALA A 12 -6.47 -4.69 -6.85
C ALA A 12 -7.90 -4.18 -6.60
N LEU A 13 -8.39 -4.40 -5.40
CA LEU A 13 -9.76 -3.93 -5.09
C LEU A 13 -9.73 -2.54 -4.45
N PRO A 14 -10.53 -1.60 -4.97
CA PRO A 14 -10.57 -0.25 -4.43
C PRO A 14 -11.21 -0.22 -3.04
N ALA A 15 -10.41 -0.39 -2.03
CA ALA A 15 -10.98 -0.36 -0.66
C ALA A 15 -11.76 0.93 -0.45
N SER A 16 -11.08 2.02 -0.68
CA SER A 16 -11.75 3.34 -0.50
C SER A 16 -11.12 4.38 -1.46
N PRO A 17 -11.95 5.25 -2.02
CA PRO A 17 -11.47 6.29 -2.93
C PRO A 17 -10.36 7.10 -2.28
N GLY A 18 -9.13 6.80 -2.63
CA GLY A 18 -8.00 7.57 -2.02
C GLY A 18 -6.78 7.67 -2.95
N ALA A 19 -5.93 8.60 -2.64
CA ALA A 19 -4.70 8.78 -3.47
C ALA A 19 -3.54 9.08 -2.53
N ALA A 20 -2.57 8.18 -2.49
CA ALA A 20 -1.41 8.42 -1.58
C ALA A 20 -0.08 8.05 -2.22
N ALA A 21 0.95 8.60 -1.64
CA ALA A 21 2.32 8.34 -2.14
C ALA A 21 3.25 8.23 -0.95
N GLY A 22 3.74 7.06 -0.71
CA GLY A 22 4.67 6.89 0.45
C GLY A 22 5.63 5.74 0.23
N LYS A 23 6.63 5.66 1.06
CA LYS A 23 7.60 4.58 0.90
C LYS A 23 7.03 3.36 1.57
N VAL A 24 7.17 2.25 0.93
CA VAL A 24 6.62 1.03 1.52
C VAL A 24 7.56 0.37 2.54
N TYR A 25 6.95 -0.32 3.47
CA TYR A 25 7.73 -1.02 4.53
C TYR A 25 6.99 -2.28 5.00
N PHE A 26 7.21 -2.68 6.23
CA PHE A 26 6.51 -3.90 6.72
C PHE A 26 6.18 -3.81 8.21
N THR A 27 7.14 -3.42 8.97
CA THR A 27 6.90 -3.31 10.43
C THR A 27 6.32 -1.95 10.79
N ALA A 28 5.44 -1.96 11.74
CA ALA A 28 4.83 -0.69 12.15
C ALA A 28 5.86 0.18 12.85
N ASP A 29 6.98 -0.43 13.15
CA ASP A 29 8.05 0.33 13.83
C ASP A 29 8.72 1.27 12.86
N GLU A 30 8.96 0.77 11.67
CA GLU A 30 9.61 1.62 10.65
C GLU A 30 8.67 2.75 10.25
N ALA A 31 7.43 2.41 10.09
CA ALA A 31 6.45 3.45 9.70
C ALA A 31 6.27 4.44 10.84
N LYS A 32 6.53 3.98 12.04
CA LYS A 32 6.38 4.87 13.20
C LYS A 32 7.52 5.88 13.24
N ALA A 33 8.70 5.43 12.90
CA ALA A 33 9.86 6.35 12.92
C ALA A 33 10.03 7.02 11.58
N ALA A 34 9.34 6.52 10.61
CA ALA A 34 9.44 7.10 9.27
C ALA A 34 8.38 8.17 9.09
N HIS A 35 7.18 7.87 9.55
CA HIS A 35 6.09 8.86 9.42
C HIS A 35 6.34 10.04 10.36
N GLU A 36 7.01 9.78 11.45
CA GLU A 36 7.30 10.88 12.40
C GLU A 36 8.36 11.81 11.83
N LYS A 37 9.13 11.30 10.91
CA LYS A 37 10.19 12.13 10.29
C LYS A 37 9.59 13.16 9.35
N GLY A 38 8.30 13.07 9.15
CA GLY A 38 7.63 14.04 8.23
C GLY A 38 7.63 13.52 6.79
N GLU A 39 7.29 12.27 6.64
CA GLU A 39 7.26 11.68 5.28
C GLU A 39 6.16 10.63 5.16
N ARG A 40 5.39 10.71 4.11
CA ARG A 40 4.30 9.71 3.94
C ARG A 40 4.88 8.30 3.87
N VAL A 41 4.06 7.32 4.19
CA VAL A 41 4.57 5.93 4.14
C VAL A 41 3.47 4.94 3.76
N ILE A 42 3.89 3.77 3.30
CA ILE A 42 2.92 2.72 2.90
C ILE A 42 3.32 1.39 3.57
N LEU A 43 2.39 0.45 3.65
CA LEU A 43 2.76 -0.85 4.30
C LEU A 43 2.18 -2.06 3.56
N VAL A 44 2.95 -3.14 3.56
CA VAL A 44 2.49 -4.39 2.88
C VAL A 44 2.38 -5.52 3.89
N ARG A 45 1.27 -6.20 3.91
CA ARG A 45 1.13 -7.31 4.89
C ARG A 45 0.19 -8.39 4.39
N LEU A 46 0.60 -9.62 4.56
CA LEU A 46 -0.26 -10.72 4.11
C LEU A 46 -1.45 -10.89 5.03
N GLU A 47 -1.72 -9.87 5.80
CA GLU A 47 -2.88 -9.91 6.75
C GLU A 47 -2.93 -8.63 7.59
N THR A 48 -4.12 -8.21 7.95
CA THR A 48 -4.25 -6.98 8.78
C THR A 48 -4.16 -7.31 10.26
N SER A 49 -4.20 -6.29 11.09
CA SER A 49 -4.13 -6.53 12.55
C SER A 49 -4.64 -5.29 13.33
N PRO A 50 -5.53 -5.52 14.30
CA PRO A 50 -6.08 -4.43 15.10
C PRO A 50 -4.99 -3.69 15.86
N GLU A 51 -3.97 -4.40 16.25
CA GLU A 51 -2.86 -3.74 17.00
C GLU A 51 -1.99 -2.90 16.08
N ASP A 52 -2.11 -3.13 14.81
CA ASP A 52 -1.29 -2.36 13.84
C ASP A 52 -2.01 -1.09 13.39
N ILE A 53 -3.25 -0.97 13.74
CA ILE A 53 -4.03 0.22 13.34
C ILE A 53 -3.18 1.49 13.43
N GLU A 54 -2.59 1.72 14.55
CA GLU A 54 -1.77 2.95 14.66
C GLU A 54 -0.71 2.92 13.59
N GLY A 55 -0.22 1.75 13.33
CA GLY A 55 0.83 1.62 12.30
C GLY A 55 0.18 1.73 10.93
N MET A 56 -1.12 1.44 10.87
CA MET A 56 -1.81 1.52 9.57
C MET A 56 -2.04 2.97 9.18
N HIS A 57 -2.44 3.78 10.13
CA HIS A 57 -2.67 5.19 9.78
C HIS A 57 -1.34 5.87 9.51
N ALA A 58 -0.33 5.44 10.21
CA ALA A 58 0.99 6.05 9.98
C ALA A 58 1.25 6.03 8.49
N ALA A 59 0.65 5.05 7.86
CA ALA A 59 0.80 4.91 6.40
C ALA A 59 -0.54 5.25 5.74
N GLU A 60 -0.69 6.50 5.39
CA GLU A 60 -1.96 6.94 4.74
C GLU A 60 -2.30 6.07 3.54
N GLY A 61 -1.48 5.11 3.27
CA GLY A 61 -1.74 4.21 2.11
C GLY A 61 -1.35 2.79 2.49
N ILE A 62 -2.08 1.82 2.01
CA ILE A 62 -1.71 0.42 2.37
C ILE A 62 -2.00 -0.53 1.23
N LEU A 63 -1.05 -1.40 0.98
CA LEU A 63 -1.21 -2.39 -0.11
C LEU A 63 -0.87 -3.76 0.42
N THR A 64 -1.89 -4.50 0.78
CA THR A 64 -1.65 -5.86 1.32
C THR A 64 -2.05 -6.95 0.35
N VAL A 65 -1.53 -8.13 0.59
CA VAL A 65 -1.85 -9.26 -0.30
C VAL A 65 -3.14 -9.93 0.12
N ARG A 66 -3.53 -9.71 1.36
CA ARG A 66 -4.78 -10.32 1.86
C ARG A 66 -5.90 -9.29 2.00
N GLY A 67 -6.80 -9.54 2.90
CA GLY A 67 -7.93 -8.59 3.11
C GLY A 67 -9.01 -8.85 2.06
N GLY A 68 -9.75 -7.84 1.73
CA GLY A 68 -10.82 -8.01 0.71
C GLY A 68 -12.04 -8.71 1.33
N MET A 69 -11.80 -9.81 1.99
CA MET A 69 -12.93 -10.53 2.62
C MET A 69 -13.55 -9.68 3.71
N THR A 70 -13.18 -8.44 3.75
CA THR A 70 -13.73 -7.52 4.77
C THR A 70 -13.11 -7.78 6.13
N SER A 71 -12.28 -6.87 6.54
CA SER A 71 -11.60 -7.01 7.84
C SER A 71 -11.14 -5.66 8.34
N HIS A 72 -10.41 -5.66 9.42
CA HIS A 72 -9.94 -4.36 9.95
C HIS A 72 -9.28 -3.53 8.84
N ALA A 73 -8.61 -4.21 7.95
CA ALA A 73 -7.93 -3.47 6.84
C ALA A 73 -8.89 -2.55 6.09
N ALA A 74 -9.93 -3.12 5.54
CA ALA A 74 -10.90 -2.30 4.78
C ALA A 74 -11.83 -1.55 5.72
N VAL A 75 -12.42 -2.26 6.62
CA VAL A 75 -13.34 -1.60 7.56
C VAL A 75 -12.73 -0.32 8.10
N VAL A 76 -11.48 -0.38 8.44
CA VAL A 76 -10.82 0.84 8.97
C VAL A 76 -10.67 1.87 7.87
N ALA A 77 -10.25 1.41 6.71
CA ALA A 77 -10.08 2.36 5.58
C ALA A 77 -11.42 2.93 5.13
N ARG A 78 -12.42 2.09 5.09
CA ARG A 78 -13.76 2.56 4.66
C ARG A 78 -14.33 3.54 5.67
N GLY A 79 -13.93 3.40 6.91
CA GLY A 79 -14.44 4.31 7.95
C GLY A 79 -13.54 5.55 8.09
N MET A 80 -12.29 5.39 7.75
CA MET A 80 -11.35 6.53 7.85
C MET A 80 -11.25 7.28 6.51
N GLY A 81 -11.55 6.60 5.45
CA GLY A 81 -11.48 7.26 4.11
C GLY A 81 -10.09 7.08 3.50
N THR A 82 -9.11 6.82 4.33
CA THR A 82 -7.73 6.64 3.82
C THR A 82 -7.71 5.76 2.56
N CYS A 83 -6.64 5.85 1.81
CA CYS A 83 -6.55 5.03 0.56
C CYS A 83 -5.97 3.66 0.89
N CYS A 84 -6.63 2.62 0.47
CA CYS A 84 -6.08 1.28 0.77
C CYS A 84 -6.51 0.23 -0.25
N VAL A 85 -5.69 -0.79 -0.39
CA VAL A 85 -6.02 -1.86 -1.36
C VAL A 85 -6.02 -3.19 -0.64
N SER A 86 -6.63 -4.16 -1.22
CA SER A 86 -6.68 -5.46 -0.56
C SER A 86 -6.75 -6.61 -1.57
N GLY A 87 -6.29 -7.76 -1.14
CA GLY A 87 -6.32 -8.95 -2.05
C GLY A 87 -5.88 -8.56 -3.46
N CYS A 88 -4.59 -8.52 -3.67
CA CYS A 88 -4.09 -8.16 -5.01
C CYS A 88 -3.92 -9.41 -5.87
N GLY A 89 -3.13 -9.30 -6.91
CA GLY A 89 -2.93 -10.49 -7.78
C GLY A 89 -2.32 -11.62 -6.98
N GLU A 90 -1.04 -11.78 -7.12
CA GLU A 90 -0.33 -12.84 -6.39
C GLU A 90 1.05 -12.33 -6.00
N ILE A 91 1.08 -11.09 -5.60
CA ILE A 91 2.36 -10.46 -5.19
C ILE A 91 3.25 -11.43 -4.45
N LYS A 92 4.29 -11.87 -5.11
CA LYS A 92 5.22 -12.82 -4.45
C LYS A 92 6.30 -12.04 -3.73
N ILE A 93 6.45 -12.28 -2.45
CA ILE A 93 7.50 -11.54 -1.70
C ILE A 93 8.85 -12.22 -1.78
N ASN A 94 9.79 -11.49 -2.32
CA ASN A 94 11.15 -12.04 -2.46
C ASN A 94 11.97 -11.73 -1.21
N GLU A 95 12.25 -12.76 -0.47
CA GLU A 95 13.04 -12.59 0.76
C GLU A 95 14.48 -12.17 0.46
N GLU A 96 14.86 -12.21 -0.81
CA GLU A 96 16.26 -11.81 -1.14
C GLU A 96 16.55 -10.53 -0.41
N ALA A 97 15.48 -9.92 -0.06
CA ALA A 97 15.48 -8.66 0.65
C ALA A 97 14.08 -8.52 1.20
N LYS A 98 13.34 -7.63 0.63
CA LYS A 98 11.94 -7.40 1.09
C LYS A 98 11.17 -6.73 -0.03
N THR A 99 10.89 -7.47 -1.08
CA THR A 99 10.12 -6.86 -2.22
C THR A 99 9.06 -7.84 -2.77
N PHE A 100 7.96 -7.29 -3.28
CA PHE A 100 6.89 -8.17 -3.83
C PHE A 100 6.90 -8.14 -5.35
N GLU A 101 6.37 -9.18 -5.94
CA GLU A 101 6.33 -9.24 -7.43
C GLU A 101 4.92 -9.11 -7.98
N LEU A 102 4.63 -7.93 -8.49
CA LEU A 102 3.27 -7.67 -9.06
C LEU A 102 3.40 -7.14 -10.48
N GLY A 103 2.53 -7.59 -11.35
CA GLY A 103 2.59 -7.11 -12.75
C GLY A 103 3.96 -7.38 -13.37
N GLY A 104 4.71 -6.32 -13.61
CA GLY A 104 6.08 -6.49 -14.22
C GLY A 104 7.15 -5.75 -13.41
N HIS A 105 7.01 -5.75 -12.11
CA HIS A 105 8.01 -5.06 -11.26
C HIS A 105 8.12 -5.74 -9.90
N THR A 106 9.32 -6.10 -9.53
CA THR A 106 9.50 -6.77 -8.21
C THR A 106 9.99 -5.78 -7.16
N PHE A 107 9.07 -5.26 -6.37
CA PHE A 107 9.50 -4.29 -5.33
C PHE A 107 8.54 -4.20 -4.12
N ALA A 108 9.09 -3.73 -3.04
CA ALA A 108 8.32 -3.56 -1.78
C ALA A 108 9.17 -2.77 -0.83
N GLU A 109 9.22 -3.17 0.39
CA GLU A 109 10.06 -2.40 1.35
C GLU A 109 11.43 -2.18 0.74
N GLY A 110 11.58 -1.06 0.10
CA GLY A 110 12.88 -0.75 -0.52
C GLY A 110 12.64 0.17 -1.72
N ASP A 111 11.48 0.80 -1.77
CA ASP A 111 11.19 1.71 -2.91
C ASP A 111 10.13 2.75 -2.54
N TYR A 112 9.42 3.21 -3.53
CA TYR A 112 8.36 4.22 -3.29
C TYR A 112 7.24 4.05 -4.32
N ILE A 113 6.02 3.93 -3.83
CA ILE A 113 4.86 3.74 -4.76
C ILE A 113 3.72 4.71 -4.54
N SER A 114 2.91 4.81 -5.56
CA SER A 114 1.73 5.71 -5.52
C SER A 114 0.53 4.83 -5.72
N LEU A 115 -0.22 4.59 -4.67
CA LEU A 115 -1.38 3.74 -4.81
C LEU A 115 -2.62 4.56 -5.12
N ASP A 116 -3.38 4.09 -6.06
CA ASP A 116 -4.61 4.82 -6.42
C ASP A 116 -5.77 4.31 -5.59
N GLY A 117 -6.77 5.13 -5.50
CA GLY A 117 -7.95 4.77 -4.74
C GLY A 117 -9.10 5.57 -5.31
N SER A 118 -9.75 4.93 -6.17
CA SER A 118 -10.92 5.50 -6.86
C SER A 118 -11.32 4.51 -7.93
N THR A 119 -10.67 3.41 -7.86
CA THR A 119 -10.90 2.30 -8.79
C THR A 119 -10.11 1.12 -8.28
N GLY A 120 -9.16 1.43 -7.44
CA GLY A 120 -8.30 0.37 -6.84
C GLY A 120 -7.04 0.17 -7.66
N LYS A 121 -6.76 1.11 -8.50
CA LYS A 121 -5.56 0.99 -9.32
C LYS A 121 -4.33 1.28 -8.50
N ILE A 122 -3.19 1.05 -9.08
CA ILE A 122 -1.95 1.31 -8.36
C ILE A 122 -0.87 1.74 -9.36
N TYR A 123 0.05 2.53 -8.90
CA TYR A 123 1.12 2.99 -9.80
C TYR A 123 2.39 3.20 -8.99
N LYS A 124 3.53 3.25 -9.64
CA LYS A 124 4.80 3.43 -8.89
C LYS A 124 5.70 4.52 -9.46
N GLY A 125 6.47 5.12 -8.60
CA GLY A 125 7.41 6.19 -9.06
C GLY A 125 6.75 7.58 -9.14
N ASP A 126 7.47 8.55 -8.61
CA ASP A 126 7.00 9.98 -8.59
C ASP A 126 5.48 10.14 -8.49
N ILE A 127 5.03 11.27 -9.01
CA ILE A 127 3.56 11.59 -9.00
C ILE A 127 2.98 11.53 -7.60
N GLU A 128 1.69 11.47 -7.54
CA GLU A 128 1.01 11.40 -6.23
C GLU A 128 -0.38 10.80 -6.36
N ALA A 1 -3.70 14.54 -16.77
CA ALA A 1 -2.79 14.65 -15.61
C ALA A 1 -2.40 13.27 -15.09
N ALA A 2 -1.19 12.85 -15.37
CA ALA A 2 -0.75 11.52 -14.88
C ALA A 2 -1.61 10.42 -15.47
N LEU A 3 -1.63 9.30 -14.80
CA LEU A 3 -2.43 8.17 -15.31
C LEU A 3 -2.17 7.98 -16.78
N LYS A 4 -1.11 8.59 -17.21
CA LYS A 4 -0.72 8.50 -18.62
C LYS A 4 0.72 8.11 -18.70
N ALA A 5 1.32 8.05 -17.55
CA ALA A 5 2.74 7.68 -17.48
C ALA A 5 2.99 6.78 -16.28
N GLY A 6 1.93 6.25 -15.73
CA GLY A 6 2.09 5.35 -14.55
C GLY A 6 2.18 3.89 -15.00
N GLU A 7 3.28 3.24 -14.68
CA GLU A 7 3.43 1.83 -15.09
C GLU A 7 2.77 0.90 -14.08
N VAL A 8 1.49 1.03 -13.97
CA VAL A 8 0.71 0.19 -13.02
C VAL A 8 1.23 -1.26 -13.00
N ILE A 9 1.28 -1.83 -11.82
CA ILE A 9 1.76 -3.23 -11.69
C ILE A 9 0.58 -4.18 -11.57
N GLY A 10 -0.38 -3.80 -10.76
CA GLY A 10 -1.56 -4.67 -10.59
C GLY A 10 -2.80 -3.85 -10.27
N SER A 11 -3.79 -4.50 -9.75
CA SER A 11 -5.04 -3.80 -9.41
C SER A 11 -6.04 -4.78 -8.82
N ALA A 12 -6.56 -4.46 -7.66
CA ALA A 12 -7.54 -5.37 -7.02
C ALA A 12 -8.88 -4.71 -6.85
N LEU A 13 -9.36 -4.71 -5.64
CA LEU A 13 -10.67 -4.08 -5.37
C LEU A 13 -10.52 -2.68 -4.77
N PRO A 14 -11.34 -1.74 -5.22
CA PRO A 14 -11.27 -0.38 -4.71
C PRO A 14 -11.71 -0.32 -3.24
N ALA A 15 -10.75 -0.41 -2.35
CA ALA A 15 -11.11 -0.36 -0.92
C ALA A 15 -11.72 0.99 -0.58
N SER A 16 -10.91 2.01 -0.65
CA SER A 16 -11.40 3.37 -0.34
C SER A 16 -10.87 4.38 -1.38
N PRO A 17 -11.77 5.21 -1.93
CA PRO A 17 -11.36 6.20 -2.93
C PRO A 17 -10.28 7.14 -2.37
N GLY A 18 -9.03 6.79 -2.59
CA GLY A 18 -7.92 7.66 -2.08
C GLY A 18 -6.63 7.53 -2.91
N ALA A 19 -5.77 8.52 -2.81
CA ALA A 19 -4.49 8.48 -3.57
C ALA A 19 -3.33 8.67 -2.60
N ALA A 20 -2.29 7.89 -2.74
CA ALA A 20 -1.15 8.06 -1.81
C ALA A 20 0.19 7.69 -2.44
N ALA A 21 1.24 8.19 -1.82
CA ALA A 21 2.62 7.91 -2.32
C ALA A 21 3.57 7.88 -1.13
N GLY A 22 4.05 6.70 -0.81
CA GLY A 22 4.98 6.59 0.35
C GLY A 22 5.95 5.42 0.17
N LYS A 23 6.96 5.40 1.01
CA LYS A 23 7.96 4.30 0.92
C LYS A 23 7.45 3.10 1.69
N VAL A 24 7.55 1.96 1.07
CA VAL A 24 7.09 0.71 1.71
C VAL A 24 7.84 0.40 3.02
N TYR A 25 7.16 -0.35 3.88
CA TYR A 25 7.77 -0.74 5.18
C TYR A 25 6.99 -1.93 5.78
N PHE A 26 7.72 -2.90 6.30
CA PHE A 26 7.05 -4.10 6.90
C PHE A 26 7.01 -4.02 8.44
N THR A 27 6.99 -2.83 8.97
CA THR A 27 6.97 -2.72 10.44
C THR A 27 6.23 -1.47 10.89
N ALA A 28 5.53 -1.60 11.98
CA ALA A 28 4.79 -0.44 12.48
C ALA A 28 5.76 0.50 13.18
N ASP A 29 6.94 0.00 13.42
CA ASP A 29 7.96 0.84 14.08
C ASP A 29 8.55 1.81 13.08
N GLU A 30 8.82 1.31 11.90
CA GLU A 30 9.39 2.19 10.86
C GLU A 30 8.42 3.31 10.54
N ALA A 31 7.15 2.95 10.50
CA ALA A 31 6.13 3.97 10.20
C ALA A 31 6.06 4.96 11.33
N LYS A 32 6.20 4.47 12.54
CA LYS A 32 6.15 5.37 13.70
C LYS A 32 7.33 6.33 13.68
N ALA A 33 8.46 5.85 13.21
CA ALA A 33 9.65 6.73 13.16
C ALA A 33 9.69 7.48 11.86
N ALA A 34 9.07 6.93 10.89
CA ALA A 34 9.04 7.58 9.57
C ALA A 34 7.97 8.64 9.56
N HIS A 35 6.81 8.25 10.00
CA HIS A 35 5.72 9.23 10.02
C HIS A 35 6.18 10.52 10.68
N GLU A 36 7.15 10.40 11.57
CA GLU A 36 7.66 11.62 12.26
C GLU A 36 8.83 12.26 11.52
N LYS A 37 9.60 11.46 10.81
CA LYS A 37 10.78 12.02 10.07
C LYS A 37 10.65 11.83 8.56
N GLY A 38 10.08 10.75 8.18
CA GLY A 38 9.91 10.47 6.72
C GLY A 38 8.55 10.96 6.23
N GLU A 39 7.52 10.66 6.97
CA GLU A 39 6.16 11.11 6.56
C GLU A 39 5.74 10.40 5.26
N ARG A 40 4.45 10.34 5.04
CA ARG A 40 3.96 9.67 3.79
C ARG A 40 4.66 8.32 3.63
N VAL A 41 4.12 7.32 4.29
CA VAL A 41 4.71 5.96 4.20
C VAL A 41 3.67 4.92 3.85
N ILE A 42 4.12 3.78 3.37
CA ILE A 42 3.19 2.68 2.99
C ILE A 42 3.53 1.41 3.75
N LEU A 43 2.56 0.52 3.88
CA LEU A 43 2.81 -0.75 4.61
C LEU A 43 2.38 -1.95 3.79
N VAL A 44 3.24 -2.96 3.75
CA VAL A 44 2.92 -4.19 2.97
C VAL A 44 2.90 -5.40 3.88
N ARG A 45 1.80 -6.08 3.88
CA ARG A 45 1.68 -7.28 4.72
C ARG A 45 0.69 -8.25 4.10
N LEU A 46 0.78 -9.49 4.45
CA LEU A 46 -0.17 -10.47 3.86
C LEU A 46 -1.58 -10.11 4.27
N GLU A 47 -1.76 -9.91 5.55
CA GLU A 47 -3.11 -9.56 6.06
C GLU A 47 -3.06 -8.37 7.00
N THR A 48 -4.20 -7.96 7.47
CA THR A 48 -4.26 -6.81 8.40
C THR A 48 -3.94 -7.25 9.83
N SER A 49 -3.81 -6.28 10.71
CA SER A 49 -3.50 -6.63 12.12
C SER A 49 -4.01 -5.52 13.07
N PRO A 50 -4.51 -5.92 14.24
CA PRO A 50 -5.04 -4.96 15.21
C PRO A 50 -3.95 -4.00 15.70
N GLU A 51 -3.05 -4.50 16.51
CA GLU A 51 -1.96 -3.63 17.03
C GLU A 51 -1.29 -2.84 15.91
N ASP A 52 -1.61 -3.19 14.70
CA ASP A 52 -1.00 -2.48 13.56
C ASP A 52 -1.78 -1.22 13.22
N ILE A 53 -2.94 -1.06 13.82
CA ILE A 53 -3.75 0.14 13.53
C ILE A 53 -2.88 1.38 13.48
N GLU A 54 -2.20 1.67 14.57
CA GLU A 54 -1.34 2.86 14.56
C GLU A 54 -0.39 2.75 13.40
N GLY A 55 -0.03 1.54 13.09
CA GLY A 55 0.90 1.33 11.97
C GLY A 55 0.15 1.60 10.67
N MET A 56 -1.16 1.47 10.73
CA MET A 56 -1.95 1.71 9.50
C MET A 56 -2.04 3.20 9.20
N HIS A 57 -2.48 3.98 10.16
CA HIS A 57 -2.57 5.43 9.88
C HIS A 57 -1.21 5.97 9.50
N ALA A 58 -0.22 5.66 10.31
CA ALA A 58 1.15 6.15 9.99
C ALA A 58 1.41 5.89 8.53
N ALA A 59 0.71 4.91 8.02
CA ALA A 59 0.84 4.55 6.60
C ALA A 59 -0.40 5.01 5.86
N GLU A 60 -0.37 6.24 5.43
CA GLU A 60 -1.55 6.78 4.69
C GLU A 60 -1.86 5.96 3.44
N GLY A 61 -1.28 4.80 3.35
CA GLY A 61 -1.53 3.94 2.16
C GLY A 61 -1.11 2.50 2.52
N ILE A 62 -1.93 1.51 2.19
CA ILE A 62 -1.55 0.12 2.52
C ILE A 62 -1.90 -0.85 1.40
N LEU A 63 -1.13 -1.89 1.32
CA LEU A 63 -1.36 -2.92 0.28
C LEU A 63 -1.03 -4.27 0.83
N THR A 64 -1.93 -5.19 0.70
CA THR A 64 -1.64 -6.55 1.24
C THR A 64 -2.14 -7.67 0.35
N VAL A 65 -1.56 -8.82 0.55
CA VAL A 65 -1.95 -10.00 -0.26
C VAL A 65 -3.36 -10.47 0.09
N ARG A 66 -3.83 -10.09 1.26
CA ARG A 66 -5.20 -10.51 1.68
C ARG A 66 -6.12 -9.30 1.87
N GLY A 67 -7.08 -9.44 2.75
CA GLY A 67 -8.04 -8.32 2.98
C GLY A 67 -9.17 -8.37 1.94
N GLY A 68 -9.41 -9.57 1.45
CA GLY A 68 -10.49 -9.75 0.43
C GLY A 68 -11.75 -9.00 0.80
N MET A 69 -12.61 -8.80 -0.18
CA MET A 69 -13.87 -8.07 0.08
C MET A 69 -13.62 -6.83 0.90
N THR A 70 -13.91 -6.92 2.18
CA THR A 70 -13.70 -5.75 3.06
C THR A 70 -13.46 -6.18 4.50
N SER A 71 -12.25 -6.58 4.80
CA SER A 71 -11.97 -7.02 6.18
C SER A 71 -11.49 -5.85 7.03
N HIS A 72 -10.88 -6.17 8.14
CA HIS A 72 -10.40 -5.08 9.03
C HIS A 72 -9.62 -4.03 8.25
N ALA A 73 -8.83 -4.47 7.31
CA ALA A 73 -8.04 -3.50 6.50
C ALA A 73 -8.93 -2.50 5.76
N ALA A 74 -9.76 -2.99 4.90
CA ALA A 74 -10.66 -2.08 4.13
C ALA A 74 -11.67 -1.40 5.05
N VAL A 75 -12.42 -2.18 5.77
CA VAL A 75 -13.43 -1.59 6.68
C VAL A 75 -12.83 -0.43 7.47
N VAL A 76 -11.70 -0.67 8.04
CA VAL A 76 -11.05 0.41 8.84
C VAL A 76 -10.69 1.59 7.93
N ALA A 77 -10.29 1.28 6.72
CA ALA A 77 -9.92 2.37 5.79
C ALA A 77 -11.15 3.22 5.43
N ARG A 78 -12.23 2.56 5.10
CA ARG A 78 -13.45 3.31 4.75
C ARG A 78 -13.94 4.15 5.92
N GLY A 79 -13.70 3.67 7.11
CA GLY A 79 -14.14 4.43 8.32
C GLY A 79 -13.16 5.57 8.64
N MET A 80 -11.96 5.46 8.13
CA MET A 80 -10.95 6.51 8.40
C MET A 80 -10.94 7.55 7.28
N GLY A 81 -10.66 7.10 6.09
CA GLY A 81 -10.61 8.05 4.93
C GLY A 81 -9.26 7.97 4.21
N THR A 82 -8.56 6.89 4.42
CA THR A 82 -7.24 6.73 3.78
C THR A 82 -7.35 5.90 2.49
N CYS A 83 -6.30 5.91 1.70
CA CYS A 83 -6.33 5.14 0.44
C CYS A 83 -5.80 3.73 0.68
N CYS A 84 -6.53 2.74 0.29
CA CYS A 84 -6.03 1.36 0.53
C CYS A 84 -6.54 0.36 -0.50
N VAL A 85 -5.83 -0.72 -0.61
CA VAL A 85 -6.23 -1.79 -1.58
C VAL A 85 -6.08 -3.13 -0.91
N SER A 86 -6.70 -4.13 -1.46
CA SER A 86 -6.58 -5.48 -0.85
C SER A 86 -6.54 -6.60 -1.87
N GLY A 87 -6.05 -7.74 -1.44
CA GLY A 87 -5.96 -8.91 -2.36
C GLY A 87 -5.44 -8.51 -3.73
N CYS A 88 -4.14 -8.37 -3.83
CA CYS A 88 -3.56 -7.99 -5.14
C CYS A 88 -3.49 -9.20 -6.06
N GLY A 89 -2.90 -9.02 -7.21
CA GLY A 89 -2.79 -10.17 -8.17
C GLY A 89 -2.15 -11.39 -7.49
N GLU A 90 -0.86 -11.50 -7.66
CA GLU A 90 -0.13 -12.64 -7.05
C GLU A 90 1.21 -12.14 -6.50
N ILE A 91 1.12 -11.20 -5.61
CA ILE A 91 2.35 -10.64 -5.01
C ILE A 91 3.23 -11.68 -4.38
N LYS A 92 4.38 -11.85 -4.96
CA LYS A 92 5.32 -12.82 -4.41
C LYS A 92 6.33 -12.04 -3.59
N ILE A 93 6.47 -12.36 -2.34
CA ILE A 93 7.44 -11.60 -1.53
C ILE A 93 8.84 -12.16 -1.63
N ASN A 94 9.76 -11.29 -1.95
CA ASN A 94 11.16 -11.73 -2.09
C ASN A 94 11.94 -11.44 -0.81
N GLU A 95 12.34 -12.51 -0.16
CA GLU A 95 13.11 -12.38 1.10
C GLU A 95 14.47 -11.71 0.87
N GLU A 96 14.88 -11.56 -0.39
CA GLU A 96 16.19 -10.91 -0.64
C GLU A 96 16.27 -9.67 0.20
N ALA A 97 15.13 -9.31 0.61
CA ALA A 97 14.93 -8.13 1.45
C ALA A 97 13.49 -8.18 1.88
N LYS A 98 12.69 -7.45 1.19
CA LYS A 98 11.24 -7.42 1.51
C LYS A 98 10.50 -6.70 0.37
N THR A 99 10.43 -7.34 -0.79
CA THR A 99 9.73 -6.71 -1.96
C THR A 99 8.63 -7.61 -2.54
N PHE A 100 7.57 -7.02 -3.05
CA PHE A 100 6.44 -7.84 -3.64
C PHE A 100 6.58 -7.92 -5.15
N GLU A 101 6.11 -9.02 -5.70
CA GLU A 101 6.21 -9.21 -7.18
C GLU A 101 4.83 -9.14 -7.85
N LEU A 102 4.59 -8.07 -8.54
CA LEU A 102 3.28 -7.92 -9.23
C LEU A 102 3.46 -7.18 -10.54
N GLY A 103 2.56 -7.38 -11.45
CA GLY A 103 2.68 -6.70 -12.76
C GLY A 103 3.92 -7.17 -13.49
N GLY A 104 4.86 -6.29 -13.61
CA GLY A 104 6.13 -6.65 -14.33
C GLY A 104 7.35 -6.16 -13.54
N HIS A 105 7.20 -6.03 -12.25
CA HIS A 105 8.34 -5.56 -11.43
C HIS A 105 8.27 -6.13 -10.02
N THR A 106 9.42 -6.29 -9.39
CA THR A 106 9.45 -6.83 -8.00
C THR A 106 9.97 -5.81 -7.02
N PHE A 107 9.08 -5.15 -6.33
CA PHE A 107 9.57 -4.14 -5.35
C PHE A 107 8.60 -3.88 -4.18
N ALA A 108 9.18 -3.37 -3.12
CA ALA A 108 8.42 -3.04 -1.87
C ALA A 108 9.38 -2.47 -0.84
N GLU A 109 9.24 -2.88 0.39
CA GLU A 109 10.16 -2.35 1.45
C GLU A 109 11.54 -2.13 0.89
N GLY A 110 11.77 -0.93 0.47
CA GLY A 110 13.08 -0.59 -0.10
C GLY A 110 12.88 0.33 -1.30
N ASP A 111 11.62 0.69 -1.55
CA ASP A 111 11.34 1.58 -2.71
C ASP A 111 10.21 2.57 -2.42
N TYR A 112 9.83 3.31 -3.45
CA TYR A 112 8.74 4.32 -3.30
C TYR A 112 7.64 4.04 -4.34
N ILE A 113 6.41 3.80 -3.86
CA ILE A 113 5.30 3.51 -4.82
C ILE A 113 4.07 4.40 -4.58
N SER A 114 3.22 4.48 -5.59
CA SER A 114 1.99 5.33 -5.46
C SER A 114 0.73 4.49 -5.73
N LEU A 115 -0.04 4.24 -4.70
CA LEU A 115 -1.26 3.42 -4.89
C LEU A 115 -2.50 4.33 -5.10
N ASP A 116 -3.38 3.92 -6.00
CA ASP A 116 -4.60 4.73 -6.26
C ASP A 116 -5.81 4.19 -5.55
N GLY A 117 -6.77 5.04 -5.43
CA GLY A 117 -8.01 4.69 -4.78
C GLY A 117 -9.05 5.64 -5.32
N SER A 118 -9.70 5.16 -6.25
CA SER A 118 -10.78 5.91 -6.93
C SER A 118 -11.07 5.21 -8.24
N THR A 119 -10.38 4.14 -8.40
CA THR A 119 -10.51 3.30 -9.60
C THR A 119 -9.93 1.93 -9.28
N GLY A 120 -9.14 1.90 -8.24
CA GLY A 120 -8.50 0.63 -7.81
C GLY A 120 -7.37 0.25 -8.76
N LYS A 121 -6.28 0.93 -8.63
CA LYS A 121 -5.12 0.65 -9.49
C LYS A 121 -3.87 1.29 -8.92
N ILE A 122 -2.89 0.49 -8.59
CA ILE A 122 -1.65 1.08 -8.04
C ILE A 122 -0.55 1.22 -9.09
N TYR A 123 0.35 2.09 -8.80
CA TYR A 123 1.49 2.36 -9.72
C TYR A 123 2.65 2.82 -8.88
N LYS A 124 3.81 2.93 -9.44
CA LYS A 124 4.93 3.37 -8.60
C LYS A 124 4.91 4.89 -8.46
N GLY A 125 5.54 5.37 -7.43
CA GLY A 125 5.57 6.85 -7.20
C GLY A 125 6.41 7.58 -8.23
N ASP A 126 6.65 8.83 -7.94
CA ASP A 126 7.45 9.67 -8.86
C ASP A 126 6.64 10.07 -10.09
N ILE A 127 5.35 10.26 -9.90
CA ILE A 127 4.50 10.65 -11.02
C ILE A 127 4.18 12.14 -10.97
N GLU A 128 3.16 12.54 -11.69
CA GLU A 128 2.79 13.98 -11.70
C GLU A 128 1.80 14.27 -10.58
N ALA A 1 -1.93 14.35 -14.79
CA ALA A 1 -1.15 14.67 -16.01
C ALA A 1 -0.08 13.61 -16.27
N ALA A 2 -0.13 12.54 -15.50
CA ALA A 2 0.86 11.47 -15.68
C ALA A 2 0.22 10.10 -15.50
N LEU A 3 -1.08 10.08 -15.61
CA LEU A 3 -1.80 8.79 -15.46
C LEU A 3 -2.08 8.20 -16.81
N LYS A 4 -1.46 8.79 -17.80
CA LYS A 4 -1.63 8.31 -19.19
C LYS A 4 -0.28 7.92 -19.74
N ALA A 5 0.70 8.08 -18.92
CA ALA A 5 2.08 7.73 -19.35
C ALA A 5 2.90 7.28 -18.15
N GLY A 6 2.22 6.96 -17.09
CA GLY A 6 2.96 6.52 -15.87
C GLY A 6 3.51 5.10 -16.06
N GLU A 7 3.52 4.33 -15.01
CA GLU A 7 4.05 2.94 -15.13
C GLU A 7 3.31 2.01 -14.17
N VAL A 8 2.05 1.83 -14.40
CA VAL A 8 1.25 0.94 -13.52
C VAL A 8 1.75 -0.49 -13.61
N ILE A 9 1.85 -1.13 -12.47
CA ILE A 9 2.32 -2.53 -12.44
C ILE A 9 1.15 -3.49 -12.24
N GLY A 10 0.43 -3.32 -11.17
CA GLY A 10 -0.74 -4.22 -10.91
C GLY A 10 -1.91 -3.44 -10.30
N SER A 11 -2.98 -4.13 -10.07
CA SER A 11 -4.16 -3.46 -9.48
C SER A 11 -5.05 -4.46 -8.74
N ALA A 12 -5.58 -4.04 -7.63
CA ALA A 12 -6.47 -4.93 -6.83
C ALA A 12 -7.84 -4.29 -6.60
N LEU A 13 -8.53 -4.76 -5.59
CA LEU A 13 -9.88 -4.18 -5.31
C LEU A 13 -9.78 -2.85 -4.53
N PRO A 14 -10.41 -1.80 -5.03
CA PRO A 14 -10.38 -0.50 -4.37
C PRO A 14 -11.10 -0.57 -3.02
N ALA A 15 -10.35 -0.66 -1.96
CA ALA A 15 -10.99 -0.72 -0.62
C ALA A 15 -11.70 0.59 -0.26
N SER A 16 -10.95 1.67 -0.26
CA SER A 16 -11.57 2.98 0.07
C SER A 16 -11.06 4.08 -0.89
N PRO A 17 -11.96 4.97 -1.30
CA PRO A 17 -11.58 6.05 -2.21
C PRO A 17 -10.38 6.82 -1.66
N GLY A 18 -9.19 6.45 -2.10
CA GLY A 18 -7.99 7.16 -1.58
C GLY A 18 -6.82 7.14 -2.56
N ALA A 19 -5.89 8.04 -2.33
CA ALA A 19 -4.68 8.14 -3.18
C ALA A 19 -3.49 8.54 -2.31
N ALA A 20 -2.37 7.85 -2.45
CA ALA A 20 -1.21 8.22 -1.61
C ALA A 20 0.13 7.93 -2.27
N ALA A 21 1.14 8.59 -1.77
CA ALA A 21 2.51 8.41 -2.31
C ALA A 21 3.47 8.17 -1.16
N GLY A 22 3.85 6.95 -0.96
CA GLY A 22 4.78 6.64 0.17
C GLY A 22 5.64 5.42 -0.14
N LYS A 23 6.67 5.24 0.65
CA LYS A 23 7.55 4.07 0.43
C LYS A 23 6.94 2.86 1.12
N VAL A 24 7.29 1.70 0.66
CA VAL A 24 6.71 0.50 1.28
C VAL A 24 7.49 0.02 2.51
N TYR A 25 6.73 -0.38 3.51
CA TYR A 25 7.35 -0.87 4.77
C TYR A 25 6.58 -2.08 5.27
N PHE A 26 7.20 -2.89 6.11
CA PHE A 26 6.50 -4.11 6.63
C PHE A 26 6.44 -4.14 8.16
N THR A 27 6.33 -3.00 8.76
CA THR A 27 6.26 -2.98 10.24
C THR A 27 5.65 -1.71 10.75
N ALA A 28 4.90 -1.82 11.80
CA ALA A 28 4.27 -0.62 12.37
C ALA A 28 5.33 0.21 13.05
N ASP A 29 6.47 -0.40 13.25
CA ASP A 29 7.58 0.31 13.90
C ASP A 29 8.20 1.28 12.92
N GLU A 30 8.39 0.83 11.71
CA GLU A 30 8.99 1.71 10.69
C GLU A 30 8.08 2.90 10.46
N ALA A 31 6.79 2.65 10.49
CA ALA A 31 5.84 3.76 10.27
C ALA A 31 5.91 4.72 11.45
N LYS A 32 6.17 4.17 12.60
CA LYS A 32 6.27 5.02 13.80
C LYS A 32 7.49 5.91 13.70
N ALA A 33 8.55 5.36 13.16
CA ALA A 33 9.79 6.16 13.01
C ALA A 33 9.72 7.00 11.78
N ALA A 34 9.14 6.44 10.79
CA ALA A 34 9.00 7.16 9.50
C ALA A 34 8.05 8.32 9.69
N HIS A 35 6.88 8.00 10.15
CA HIS A 35 5.89 9.05 10.37
C HIS A 35 6.55 10.26 11.05
N GLU A 36 7.60 10.00 11.77
CA GLU A 36 8.30 11.10 12.46
C GLU A 36 9.43 11.66 11.58
N LYS A 37 9.89 10.87 10.66
CA LYS A 37 10.98 11.33 9.76
C LYS A 37 10.45 12.22 8.63
N GLY A 38 9.59 11.65 7.84
CA GLY A 38 9.02 12.43 6.71
C GLY A 38 7.66 11.88 6.31
N GLU A 39 7.18 10.91 7.04
CA GLU A 39 5.87 10.32 6.72
C GLU A 39 5.79 9.83 5.29
N ARG A 40 4.62 9.93 4.72
CA ARG A 40 4.48 9.46 3.32
C ARG A 40 5.02 8.05 3.24
N VAL A 41 4.34 7.17 3.93
CA VAL A 41 4.77 5.74 3.93
C VAL A 41 3.61 4.80 3.65
N ILE A 42 3.95 3.61 3.20
CA ILE A 42 2.90 2.60 2.88
C ILE A 42 3.22 1.31 3.64
N LEU A 43 2.23 0.45 3.81
CA LEU A 43 2.48 -0.83 4.55
C LEU A 43 2.08 -2.05 3.74
N VAL A 44 2.95 -3.05 3.72
CA VAL A 44 2.65 -4.30 2.95
C VAL A 44 2.63 -5.51 3.86
N ARG A 45 1.54 -6.18 3.89
CA ARG A 45 1.43 -7.37 4.74
C ARG A 45 0.43 -8.35 4.16
N LEU A 46 0.65 -9.60 4.38
CA LEU A 46 -0.31 -10.59 3.84
C LEU A 46 -1.72 -10.17 4.21
N GLU A 47 -1.93 -10.04 5.49
CA GLU A 47 -3.27 -9.62 5.99
C GLU A 47 -3.15 -8.36 6.83
N THR A 48 -4.27 -7.84 7.28
CA THR A 48 -4.26 -6.60 8.10
C THR A 48 -4.69 -6.88 9.55
N SER A 49 -4.58 -5.88 10.39
CA SER A 49 -4.98 -6.07 11.82
C SER A 49 -5.36 -4.73 12.46
N PRO A 50 -6.20 -4.80 13.50
CA PRO A 50 -6.64 -3.60 14.21
C PRO A 50 -5.48 -2.88 14.91
N GLU A 51 -4.93 -3.52 15.90
CA GLU A 51 -3.79 -2.88 16.65
C GLU A 51 -2.84 -2.12 15.71
N ASP A 52 -2.78 -2.53 14.48
CA ASP A 52 -1.88 -1.83 13.52
C ASP A 52 -2.44 -0.47 13.11
N ILE A 53 -3.65 -0.19 13.48
CA ILE A 53 -4.27 1.09 13.13
C ILE A 53 -3.28 2.24 13.26
N GLU A 54 -2.62 2.34 14.37
CA GLU A 54 -1.66 3.45 14.51
C GLU A 54 -0.71 3.41 13.34
N GLY A 55 -0.34 2.22 12.95
CA GLY A 55 0.58 2.07 11.81
C GLY A 55 -0.17 2.40 10.52
N MET A 56 -1.48 2.20 10.54
CA MET A 56 -2.25 2.50 9.32
C MET A 56 -2.29 3.99 9.08
N HIS A 57 -2.42 4.76 10.14
CA HIS A 57 -2.46 6.22 9.94
C HIS A 57 -1.11 6.68 9.44
N ALA A 58 -0.09 6.41 10.21
CA ALA A 58 1.26 6.83 9.80
C ALA A 58 1.47 6.47 8.35
N ALA A 59 0.97 5.32 7.98
CA ALA A 59 1.10 4.87 6.59
C ALA A 59 -0.18 5.19 5.84
N GLU A 60 -0.26 6.40 5.35
CA GLU A 60 -1.47 6.81 4.60
C GLU A 60 -1.67 5.97 3.33
N GLY A 61 -1.32 4.72 3.41
CA GLY A 61 -1.47 3.83 2.24
C GLY A 61 -1.27 2.38 2.68
N ILE A 62 -2.01 1.46 2.11
CA ILE A 62 -1.85 0.05 2.49
C ILE A 62 -2.04 -0.89 1.29
N LEU A 63 -1.12 -1.80 1.14
CA LEU A 63 -1.20 -2.76 0.01
C LEU A 63 -0.88 -4.15 0.52
N THR A 64 -1.92 -4.92 0.78
CA THR A 64 -1.71 -6.30 1.30
C THR A 64 -2.16 -7.36 0.32
N VAL A 65 -1.66 -8.57 0.53
CA VAL A 65 -2.03 -9.68 -0.37
C VAL A 65 -3.42 -10.21 -0.07
N ARG A 66 -3.86 -10.05 1.15
CA ARG A 66 -5.23 -10.54 1.53
C ARG A 66 -6.20 -9.40 1.73
N GLY A 67 -6.96 -9.49 2.79
CA GLY A 67 -7.95 -8.42 3.08
C GLY A 67 -9.10 -8.49 2.07
N GLY A 68 -9.91 -7.46 2.03
CA GLY A 68 -11.05 -7.46 1.07
C GLY A 68 -12.14 -8.44 1.52
N MET A 69 -11.74 -9.50 2.15
CA MET A 69 -12.74 -10.50 2.61
C MET A 69 -13.61 -9.92 3.73
N THR A 70 -14.00 -8.68 3.56
CA THR A 70 -14.85 -8.01 4.58
C THR A 70 -14.31 -8.21 6.00
N SER A 71 -13.59 -7.23 6.48
CA SER A 71 -13.03 -7.34 7.85
C SER A 71 -12.43 -6.00 8.27
N HIS A 72 -11.66 -6.03 9.32
CA HIS A 72 -11.03 -4.76 9.78
C HIS A 72 -10.36 -4.05 8.62
N ALA A 73 -9.58 -4.79 7.86
CA ALA A 73 -8.88 -4.17 6.70
C ALA A 73 -9.74 -3.14 5.97
N ALA A 74 -10.90 -3.56 5.54
CA ALA A 74 -11.78 -2.62 4.82
C ALA A 74 -12.53 -1.75 5.80
N VAL A 75 -13.18 -2.39 6.72
CA VAL A 75 -13.93 -1.63 7.72
C VAL A 75 -13.07 -0.49 8.26
N VAL A 76 -11.86 -0.81 8.62
CA VAL A 76 -10.96 0.23 9.15
C VAL A 76 -10.69 1.28 8.07
N ALA A 77 -10.43 0.80 6.88
CA ALA A 77 -10.16 1.74 5.76
C ALA A 77 -11.33 2.68 5.55
N ARG A 78 -12.52 2.15 5.57
CA ARG A 78 -13.71 3.01 5.37
C ARG A 78 -13.93 3.93 6.55
N GLY A 79 -13.34 3.58 7.66
CA GLY A 79 -13.50 4.44 8.88
C GLY A 79 -12.52 5.61 8.86
N MET A 80 -11.33 5.36 8.36
CA MET A 80 -10.32 6.45 8.31
C MET A 80 -10.35 7.17 6.96
N GLY A 81 -10.80 6.48 5.96
CA GLY A 81 -10.87 7.10 4.61
C GLY A 81 -9.53 6.95 3.87
N THR A 82 -8.49 6.65 4.62
CA THR A 82 -7.16 6.49 3.98
C THR A 82 -7.24 5.61 2.73
N CYS A 83 -6.22 5.66 1.92
CA CYS A 83 -6.22 4.83 0.68
C CYS A 83 -5.71 3.44 1.00
N CYS A 84 -6.45 2.44 0.60
CA CYS A 84 -5.97 1.07 0.89
C CYS A 84 -6.45 0.05 -0.14
N VAL A 85 -5.57 -0.85 -0.48
CA VAL A 85 -5.94 -1.91 -1.47
C VAL A 85 -6.02 -3.24 -0.78
N SER A 86 -6.67 -4.17 -1.41
CA SER A 86 -6.80 -5.48 -0.77
C SER A 86 -6.89 -6.62 -1.79
N GLY A 87 -6.38 -7.76 -1.40
CA GLY A 87 -6.43 -8.93 -2.32
C GLY A 87 -5.67 -8.65 -3.62
N CYS A 88 -4.41 -9.00 -3.64
CA CYS A 88 -3.59 -8.77 -4.86
C CYS A 88 -3.46 -10.07 -5.66
N GLY A 89 -2.84 -9.98 -6.81
CA GLY A 89 -2.68 -11.20 -7.64
C GLY A 89 -1.91 -12.28 -6.87
N GLU A 90 -0.61 -12.28 -7.04
CA GLU A 90 0.23 -13.28 -6.33
C GLU A 90 1.56 -12.67 -5.94
N ILE A 91 1.50 -11.64 -5.14
CA ILE A 91 2.75 -10.98 -4.71
C ILE A 91 3.74 -11.98 -4.13
N LYS A 92 4.78 -12.25 -4.86
CA LYS A 92 5.78 -13.20 -4.36
C LYS A 92 6.79 -12.39 -3.59
N ILE A 93 6.80 -12.55 -2.29
CA ILE A 93 7.77 -11.76 -1.51
C ILE A 93 9.11 -12.42 -1.35
N ASN A 94 10.13 -11.62 -1.56
CA ASN A 94 11.54 -12.13 -1.44
C ASN A 94 12.24 -11.50 -0.23
N GLU A 95 12.69 -12.35 0.64
CA GLU A 95 13.41 -11.89 1.87
C GLU A 95 14.64 -11.01 1.57
N GLU A 96 14.99 -10.86 0.31
CA GLU A 96 16.19 -10.01 0.02
C GLU A 96 16.04 -8.71 0.78
N ALA A 97 14.87 -8.54 1.22
CA ALA A 97 14.45 -7.37 1.99
C ALA A 97 12.98 -7.61 2.22
N LYS A 98 12.20 -7.12 1.34
CA LYS A 98 10.75 -7.32 1.48
C LYS A 98 10.08 -6.93 0.20
N THR A 99 10.57 -7.55 -0.78
CA THR A 99 10.09 -7.33 -2.15
C THR A 99 8.76 -8.00 -2.40
N PHE A 100 8.15 -7.63 -3.50
CA PHE A 100 6.84 -8.22 -3.86
C PHE A 100 6.65 -8.18 -5.40
N GLU A 101 6.64 -9.34 -6.02
CA GLU A 101 6.47 -9.37 -7.52
C GLU A 101 4.99 -9.44 -7.89
N LEU A 102 4.51 -8.45 -8.62
CA LEU A 102 3.08 -8.48 -9.01
C LEU A 102 2.87 -7.79 -10.35
N GLY A 103 1.79 -8.13 -11.01
CA GLY A 103 1.51 -7.51 -12.31
C GLY A 103 2.61 -7.85 -13.30
N GLY A 104 3.30 -6.84 -13.78
CA GLY A 104 4.39 -7.09 -14.76
C GLY A 104 5.68 -6.44 -14.29
N HIS A 105 5.85 -6.31 -13.00
CA HIS A 105 7.09 -5.69 -12.50
C HIS A 105 7.46 -6.22 -11.13
N THR A 106 8.73 -6.35 -10.89
CA THR A 106 9.18 -6.85 -9.58
C THR A 106 9.52 -5.69 -8.66
N PHE A 107 8.77 -5.58 -7.61
CA PHE A 107 9.02 -4.49 -6.64
C PHE A 107 10.01 -4.94 -5.61
N ALA A 108 10.62 -4.01 -4.93
CA ALA A 108 11.61 -4.37 -3.89
C ALA A 108 11.48 -3.45 -2.70
N GLU A 109 11.07 -3.98 -1.56
CA GLU A 109 10.93 -3.07 -0.39
C GLU A 109 12.16 -2.25 -0.28
N GLY A 110 12.07 -1.08 -0.75
CA GLY A 110 13.23 -0.22 -0.67
C GLY A 110 13.10 0.93 -1.70
N ASP A 111 11.86 1.24 -2.10
CA ASP A 111 11.66 2.34 -3.09
C ASP A 111 10.39 3.15 -2.82
N TYR A 112 10.15 4.14 -3.66
CA TYR A 112 8.94 5.01 -3.50
C TYR A 112 7.86 4.60 -4.50
N ILE A 113 6.61 4.56 -4.03
CA ILE A 113 5.51 4.17 -4.95
C ILE A 113 4.29 5.05 -4.80
N SER A 114 3.47 5.01 -5.81
CA SER A 114 2.22 5.82 -5.81
C SER A 114 1.06 4.87 -6.02
N LEU A 115 0.32 4.58 -4.96
CA LEU A 115 -0.79 3.67 -5.11
C LEU A 115 -2.11 4.41 -4.98
N ASP A 116 -3.02 4.11 -5.88
CA ASP A 116 -4.35 4.78 -5.83
C ASP A 116 -5.45 3.77 -5.56
N GLY A 117 -6.48 4.23 -4.90
CA GLY A 117 -7.59 3.34 -4.57
C GLY A 117 -8.87 4.14 -4.56
N SER A 118 -9.43 4.20 -5.68
CA SER A 118 -10.70 4.94 -5.90
C SER A 118 -11.27 4.44 -7.19
N THR A 119 -10.47 3.61 -7.75
CA THR A 119 -10.76 2.96 -9.02
C THR A 119 -10.01 1.66 -9.00
N GLY A 120 -9.10 1.59 -8.06
CA GLY A 120 -8.27 0.37 -7.89
C GLY A 120 -7.14 0.32 -8.92
N LYS A 121 -6.13 1.10 -8.67
CA LYS A 121 -4.97 1.13 -9.62
C LYS A 121 -3.72 1.60 -8.88
N ILE A 122 -2.61 0.94 -9.12
CA ILE A 122 -1.35 1.34 -8.44
C ILE A 122 -0.35 1.95 -9.42
N TYR A 123 0.61 2.67 -8.90
CA TYR A 123 1.64 3.31 -9.77
C TYR A 123 2.95 3.43 -9.00
N LYS A 124 4.04 3.61 -9.71
CA LYS A 124 5.34 3.75 -9.00
C LYS A 124 6.17 4.90 -9.54
N GLY A 125 7.09 5.38 -8.74
CA GLY A 125 7.94 6.52 -9.20
C GLY A 125 7.46 7.85 -8.61
N ASP A 126 8.13 8.91 -8.95
CA ASP A 126 7.73 10.24 -8.43
C ASP A 126 6.72 10.92 -9.35
N ILE A 127 5.77 11.60 -8.76
CA ILE A 127 4.75 12.28 -9.58
C ILE A 127 4.27 13.55 -8.88
N GLU A 128 3.49 14.34 -9.57
CA GLU A 128 2.98 15.58 -8.97
C GLU A 128 1.80 15.30 -8.05
N ALA A 1 -2.71 15.07 -17.45
CA ALA A 1 -1.84 14.78 -18.61
C ALA A 1 -0.90 13.61 -18.31
N ALA A 2 -1.43 12.61 -17.64
CA ALA A 2 -0.58 11.44 -17.30
C ALA A 2 -1.46 10.27 -16.91
N LEU A 3 -0.93 9.40 -16.09
CA LEU A 3 -1.72 8.23 -15.67
C LEU A 3 -2.31 7.54 -16.88
N LYS A 4 -1.85 7.95 -18.02
CA LYS A 4 -2.34 7.38 -19.29
C LYS A 4 -1.18 6.83 -20.05
N ALA A 5 -0.03 7.17 -19.57
CA ALA A 5 1.21 6.70 -20.21
C ALA A 5 2.29 6.50 -19.18
N GLY A 6 1.89 6.34 -17.94
CA GLY A 6 2.89 6.14 -16.86
C GLY A 6 3.37 4.68 -16.85
N GLU A 7 3.35 4.08 -15.69
CA GLU A 7 3.80 2.67 -15.59
C GLU A 7 3.20 2.01 -14.35
N VAL A 8 2.08 1.38 -14.53
CA VAL A 8 1.43 0.70 -13.38
C VAL A 8 1.83 -0.77 -13.30
N ILE A 9 1.70 -1.34 -12.13
CA ILE A 9 2.06 -2.76 -11.94
C ILE A 9 0.81 -3.64 -11.91
N GLY A 10 -0.27 -3.12 -11.37
CA GLY A 10 -1.52 -3.94 -11.31
C GLY A 10 -2.68 -3.14 -10.69
N SER A 11 -3.70 -3.84 -10.30
CA SER A 11 -4.88 -3.17 -9.68
C SER A 11 -5.77 -4.19 -8.98
N ALA A 12 -6.13 -3.91 -7.74
CA ALA A 12 -7.00 -4.86 -6.98
C ALA A 12 -8.36 -4.25 -6.67
N LEU A 13 -8.90 -4.65 -5.55
CA LEU A 13 -10.22 -4.13 -5.13
C LEU A 13 -10.09 -2.76 -4.46
N PRO A 14 -10.91 -1.80 -4.87
CA PRO A 14 -10.87 -0.45 -4.29
C PRO A 14 -11.33 -0.47 -2.83
N ALA A 15 -10.40 -0.61 -1.92
CA ALA A 15 -10.81 -0.63 -0.50
C ALA A 15 -11.55 0.64 -0.13
N SER A 16 -10.87 1.75 -0.25
CA SER A 16 -11.54 3.03 0.09
C SER A 16 -10.98 4.17 -0.78
N PRO A 17 -11.82 5.14 -1.11
CA PRO A 17 -11.40 6.26 -1.94
C PRO A 17 -10.19 6.98 -1.31
N GLY A 18 -9.01 6.73 -1.85
CA GLY A 18 -7.80 7.41 -1.26
C GLY A 18 -6.69 7.62 -2.30
N ALA A 19 -5.77 8.49 -1.99
CA ALA A 19 -4.64 8.76 -2.92
C ALA A 19 -3.39 9.05 -2.11
N ALA A 20 -2.36 8.24 -2.26
CA ALA A 20 -1.13 8.52 -1.46
C ALA A 20 0.16 8.06 -2.13
N ALA A 21 1.23 8.63 -1.65
CA ALA A 21 2.58 8.31 -2.18
C ALA A 21 3.52 8.18 -0.99
N GLY A 22 3.96 6.99 -0.70
CA GLY A 22 4.87 6.80 0.46
C GLY A 22 5.79 5.60 0.28
N LYS A 23 6.76 5.49 1.16
CA LYS A 23 7.69 4.35 1.07
C LYS A 23 6.99 3.17 1.69
N VAL A 24 7.54 1.99 1.57
CA VAL A 24 6.86 0.81 2.19
C VAL A 24 7.68 0.09 3.24
N TYR A 25 6.96 -0.64 4.07
CA TYR A 25 7.60 -1.41 5.16
C TYR A 25 6.68 -2.56 5.54
N PHE A 26 6.73 -2.99 6.77
CA PHE A 26 5.83 -4.12 7.17
C PHE A 26 5.41 -4.03 8.64
N THR A 27 6.33 -3.69 9.48
CA THR A 27 5.99 -3.60 10.92
C THR A 27 5.66 -2.17 11.31
N ALA A 28 4.64 -2.03 12.11
CA ALA A 28 4.25 -0.68 12.54
C ALA A 28 5.43 0.00 13.18
N ASP A 29 6.39 -0.78 13.58
CA ASP A 29 7.59 -0.20 14.21
C ASP A 29 8.32 0.65 13.21
N GLU A 30 8.55 0.09 12.04
CA GLU A 30 9.27 0.87 11.00
C GLU A 30 8.57 2.20 10.81
N ALA A 31 7.28 2.15 10.61
CA ALA A 31 6.52 3.40 10.40
C ALA A 31 6.89 4.40 11.49
N LYS A 32 7.08 3.90 12.69
CA LYS A 32 7.43 4.81 13.80
C LYS A 32 8.79 5.45 13.55
N ALA A 33 9.72 4.67 13.05
CA ALA A 33 11.05 5.22 12.78
C ALA A 33 11.12 5.79 11.37
N ALA A 34 10.12 5.52 10.63
CA ALA A 34 10.08 6.02 9.24
C ALA A 34 9.42 7.38 9.21
N HIS A 35 8.19 7.42 9.64
CA HIS A 35 7.47 8.70 9.65
C HIS A 35 8.24 9.73 10.47
N GLU A 36 9.10 9.25 11.34
CA GLU A 36 9.89 10.17 12.17
C GLU A 36 10.85 10.97 11.30
N LYS A 37 11.24 10.38 10.20
CA LYS A 37 12.17 11.07 9.29
C LYS A 37 11.46 12.20 8.55
N GLY A 38 10.17 12.27 8.73
CA GLY A 38 9.39 13.33 8.04
C GLY A 38 9.10 12.94 6.59
N GLU A 39 8.23 11.98 6.41
CA GLU A 39 7.90 11.54 5.03
C GLU A 39 6.72 10.58 5.02
N ARG A 40 5.99 10.57 3.94
CA ARG A 40 4.82 9.66 3.83
C ARG A 40 5.27 8.21 3.68
N VAL A 41 4.45 7.29 4.13
CA VAL A 41 4.82 5.86 4.02
C VAL A 41 3.60 4.98 3.77
N ILE A 42 3.86 3.79 3.25
CA ILE A 42 2.75 2.83 2.95
C ILE A 42 2.99 1.53 3.73
N LEU A 43 1.93 0.75 3.93
CA LEU A 43 2.10 -0.54 4.68
C LEU A 43 1.81 -1.75 3.80
N VAL A 44 2.62 -2.78 3.94
CA VAL A 44 2.43 -4.03 3.14
C VAL A 44 2.45 -5.25 4.05
N ARG A 45 1.37 -5.99 4.07
CA ARG A 45 1.35 -7.20 4.95
C ARG A 45 0.44 -8.29 4.39
N LEU A 46 0.73 -9.52 4.73
CA LEU A 46 -0.10 -10.63 4.23
C LEU A 46 -1.38 -10.77 5.07
N GLU A 47 -1.72 -9.74 5.74
CA GLU A 47 -2.95 -9.77 6.59
C GLU A 47 -3.17 -8.43 7.29
N THR A 48 -4.42 -8.14 7.59
CA THR A 48 -4.71 -6.85 8.27
C THR A 48 -4.50 -6.98 9.78
N SER A 49 -4.82 -5.94 10.50
CA SER A 49 -4.64 -5.99 11.97
C SER A 49 -5.15 -4.70 12.63
N PRO A 50 -5.82 -4.82 13.78
CA PRO A 50 -6.35 -3.65 14.49
C PRO A 50 -5.23 -2.74 14.98
N GLU A 51 -4.49 -3.21 15.94
CA GLU A 51 -3.38 -2.39 16.50
C GLU A 51 -2.53 -1.76 15.40
N ASP A 52 -2.49 -2.40 14.27
CA ASP A 52 -1.67 -1.85 13.16
C ASP A 52 -2.27 -0.55 12.63
N ILE A 53 -3.45 -0.23 13.07
CA ILE A 53 -4.08 1.00 12.60
C ILE A 53 -3.23 2.21 12.96
N GLU A 54 -2.84 2.32 14.18
CA GLU A 54 -2.03 3.48 14.54
C GLU A 54 -0.83 3.53 13.61
N GLY A 55 -0.41 2.37 13.17
CA GLY A 55 0.75 2.32 12.27
C GLY A 55 0.31 2.77 10.88
N MET A 56 -0.97 2.56 10.58
CA MET A 56 -1.47 2.98 9.26
C MET A 56 -1.48 4.50 9.17
N HIS A 57 -1.98 5.15 10.20
CA HIS A 57 -2.02 6.62 10.15
C HIS A 57 -0.61 7.15 10.02
N ALA A 58 0.31 6.54 10.71
CA ALA A 58 1.70 7.02 10.61
C ALA A 58 2.02 7.09 9.15
N ALA A 59 1.21 6.39 8.40
CA ALA A 59 1.34 6.34 6.94
C ALA A 59 0.04 6.81 6.32
N GLU A 60 -0.23 6.41 5.13
CA GLU A 60 -1.49 6.86 4.52
C GLU A 60 -1.78 6.07 3.25
N GLY A 61 -1.45 4.81 3.31
CA GLY A 61 -1.67 3.91 2.16
C GLY A 61 -1.44 2.46 2.61
N ILE A 62 -2.21 1.53 2.09
CA ILE A 62 -2.01 0.12 2.52
C ILE A 62 -2.20 -0.84 1.37
N LEU A 63 -1.15 -1.55 1.06
CA LEU A 63 -1.19 -2.53 -0.04
C LEU A 63 -0.85 -3.90 0.51
N THR A 64 -1.86 -4.69 0.78
CA THR A 64 -1.61 -6.05 1.34
C THR A 64 -2.05 -7.15 0.40
N VAL A 65 -1.51 -8.32 0.64
CA VAL A 65 -1.85 -9.49 -0.19
C VAL A 65 -3.17 -10.09 0.28
N ARG A 66 -3.51 -9.79 1.51
CA ARG A 66 -4.77 -10.31 2.09
C ARG A 66 -5.57 -9.16 2.70
N GLY A 67 -6.71 -9.48 3.23
CA GLY A 67 -7.55 -8.41 3.84
C GLY A 67 -8.53 -7.87 2.80
N GLY A 68 -9.37 -8.74 2.31
CA GLY A 68 -10.36 -8.32 1.29
C GLY A 68 -11.69 -9.04 1.54
N MET A 69 -12.38 -9.36 0.48
CA MET A 69 -13.67 -10.05 0.67
C MET A 69 -14.48 -9.37 1.75
N THR A 70 -14.10 -8.16 2.06
CA THR A 70 -14.81 -7.40 3.11
C THR A 70 -14.45 -7.93 4.50
N SER A 71 -13.42 -7.36 5.05
CA SER A 71 -13.00 -7.79 6.40
C SER A 71 -12.36 -6.61 7.13
N HIS A 72 -11.84 -6.87 8.30
CA HIS A 72 -11.21 -5.77 9.08
C HIS A 72 -10.41 -4.84 8.16
N ALA A 73 -9.65 -5.43 7.29
CA ALA A 73 -8.84 -4.62 6.35
C ALA A 73 -9.65 -3.51 5.70
N ALA A 74 -10.66 -3.90 4.96
CA ALA A 74 -11.50 -2.89 4.30
C ALA A 74 -12.46 -2.25 5.28
N VAL A 75 -13.14 -3.08 6.00
CA VAL A 75 -14.09 -2.54 7.00
C VAL A 75 -13.45 -1.42 7.79
N VAL A 76 -12.21 -1.58 8.13
CA VAL A 76 -11.52 -0.52 8.90
C VAL A 76 -11.26 0.69 8.03
N ALA A 77 -10.78 0.43 6.83
CA ALA A 77 -10.49 1.55 5.91
C ALA A 77 -11.78 2.26 5.51
N ARG A 78 -12.84 1.51 5.37
CA ARG A 78 -14.12 2.14 4.98
C ARG A 78 -14.66 3.01 6.11
N GLY A 79 -14.47 2.56 7.32
CA GLY A 79 -14.96 3.36 8.47
C GLY A 79 -14.06 4.57 8.72
N MET A 80 -12.84 4.47 8.28
CA MET A 80 -11.91 5.58 8.47
C MET A 80 -11.97 6.54 7.29
N GLY A 81 -11.27 6.18 6.25
CA GLY A 81 -11.26 7.05 5.03
C GLY A 81 -9.83 7.19 4.49
N THR A 82 -9.09 6.11 4.55
CA THR A 82 -7.69 6.14 4.05
C THR A 82 -7.56 5.34 2.76
N CYS A 83 -6.41 5.43 2.13
CA CYS A 83 -6.21 4.68 0.87
C CYS A 83 -5.72 3.28 1.18
N CYS A 84 -6.40 2.29 0.66
CA CYS A 84 -5.95 0.91 0.94
C CYS A 84 -6.32 -0.05 -0.17
N VAL A 85 -5.57 -1.12 -0.27
CA VAL A 85 -5.85 -2.14 -1.32
C VAL A 85 -5.76 -3.51 -0.72
N SER A 86 -6.32 -4.47 -1.40
CA SER A 86 -6.27 -5.83 -0.87
C SER A 86 -6.25 -6.89 -1.96
N GLY A 87 -5.66 -8.01 -1.63
CA GLY A 87 -5.58 -9.15 -2.61
C GLY A 87 -5.34 -8.66 -4.03
N CYS A 88 -4.10 -8.42 -4.35
CA CYS A 88 -3.77 -7.94 -5.72
C CYS A 88 -3.63 -9.12 -6.66
N GLY A 89 -2.76 -9.00 -7.61
CA GLY A 89 -2.56 -10.12 -8.57
C GLY A 89 -1.94 -11.33 -7.85
N GLU A 90 -0.65 -11.49 -8.04
CA GLU A 90 0.06 -12.62 -7.39
C GLU A 90 1.30 -12.10 -6.68
N ILE A 91 1.09 -11.14 -5.83
CA ILE A 91 2.20 -10.54 -5.08
C ILE A 91 3.17 -11.56 -4.50
N LYS A 92 4.36 -11.57 -5.05
CA LYS A 92 5.39 -12.51 -4.55
C LYS A 92 6.38 -11.71 -3.72
N ILE A 93 6.43 -11.98 -2.44
CA ILE A 93 7.38 -11.21 -1.60
C ILE A 93 8.75 -11.85 -1.55
N ASN A 94 9.77 -11.02 -1.70
CA ASN A 94 11.17 -11.53 -1.65
C ASN A 94 11.85 -11.15 -0.35
N GLU A 95 12.18 -12.15 0.42
CA GLU A 95 12.86 -11.92 1.73
C GLU A 95 14.29 -11.35 1.59
N GLU A 96 14.81 -11.31 0.39
CA GLU A 96 16.21 -10.76 0.22
C GLU A 96 16.28 -9.33 0.74
N ALA A 97 15.21 -8.95 1.32
CA ALA A 97 15.05 -7.61 1.89
C ALA A 97 13.60 -7.50 2.24
N LYS A 98 12.81 -7.27 1.23
CA LYS A 98 11.34 -7.16 1.40
C LYS A 98 10.76 -6.41 0.21
N THR A 99 10.51 -7.14 -0.84
CA THR A 99 9.94 -6.53 -2.06
C THR A 99 8.84 -7.41 -2.65
N PHE A 100 7.78 -6.80 -3.17
CA PHE A 100 6.66 -7.62 -3.76
C PHE A 100 6.79 -7.66 -5.27
N GLU A 101 6.31 -8.74 -5.84
CA GLU A 101 6.39 -8.88 -7.32
C GLU A 101 5.01 -8.76 -7.94
N LEU A 102 4.85 -7.74 -8.75
CA LEU A 102 3.56 -7.51 -9.42
C LEU A 102 3.79 -6.84 -10.76
N GLY A 103 2.83 -6.94 -11.63
CA GLY A 103 2.99 -6.31 -12.97
C GLY A 103 4.28 -6.78 -13.63
N GLY A 104 5.28 -5.92 -13.62
CA GLY A 104 6.58 -6.31 -14.26
C GLY A 104 7.79 -5.82 -13.43
N HIS A 105 7.61 -5.70 -12.15
CA HIS A 105 8.76 -5.23 -11.31
C HIS A 105 8.66 -5.81 -9.89
N THR A 106 9.80 -6.15 -9.32
CA THR A 106 9.78 -6.73 -7.94
C THR A 106 10.31 -5.72 -6.93
N PHE A 107 9.41 -5.05 -6.24
CA PHE A 107 9.89 -4.06 -5.24
C PHE A 107 8.90 -3.79 -4.10
N ALA A 108 9.42 -3.35 -2.98
CA ALA A 108 8.60 -3.02 -1.77
C ALA A 108 9.48 -2.37 -0.74
N GLU A 109 9.46 -2.84 0.48
CA GLU A 109 10.34 -2.20 1.50
C GLU A 109 11.72 -2.02 0.92
N GLY A 110 11.92 -0.91 0.31
CA GLY A 110 13.22 -0.62 -0.30
C GLY A 110 12.99 0.44 -1.39
N ASP A 111 11.74 0.85 -1.51
CA ASP A 111 11.36 1.88 -2.53
C ASP A 111 10.03 2.53 -2.14
N TYR A 112 9.40 3.21 -3.09
CA TYR A 112 8.09 3.86 -2.77
C TYR A 112 7.13 3.78 -3.93
N ILE A 113 5.86 3.63 -3.60
CA ILE A 113 4.81 3.53 -4.65
C ILE A 113 3.72 4.57 -4.50
N SER A 114 3.02 4.78 -5.59
CA SER A 114 1.91 5.77 -5.59
C SER A 114 0.64 4.98 -5.84
N LEU A 115 -0.10 4.72 -4.79
CA LEU A 115 -1.33 3.94 -4.95
C LEU A 115 -2.57 4.84 -5.01
N ASP A 116 -3.52 4.43 -5.83
CA ASP A 116 -4.77 5.22 -5.96
C ASP A 116 -5.91 4.57 -5.21
N GLY A 117 -6.86 5.36 -4.89
CA GLY A 117 -8.00 4.87 -4.16
C GLY A 117 -9.20 5.64 -4.64
N SER A 118 -9.81 5.04 -5.53
CA SER A 118 -11.01 5.58 -6.18
C SER A 118 -11.22 4.81 -7.44
N THR A 119 -10.39 3.81 -7.55
CA THR A 119 -10.40 2.91 -8.71
C THR A 119 -9.61 1.67 -8.31
N GLY A 120 -8.77 1.84 -7.32
CA GLY A 120 -7.92 0.71 -6.82
C GLY A 120 -6.64 0.55 -7.65
N LYS A 121 -6.56 1.24 -8.74
CA LYS A 121 -5.35 1.12 -9.58
C LYS A 121 -4.16 1.80 -8.90
N ILE A 122 -3.12 1.04 -8.63
CA ILE A 122 -1.94 1.63 -7.99
C ILE A 122 -0.86 1.99 -9.00
N TYR A 123 0.03 2.84 -8.59
CA TYR A 123 1.14 3.28 -9.48
C TYR A 123 2.44 3.34 -8.69
N LYS A 124 3.55 3.36 -9.37
CA LYS A 124 4.85 3.42 -8.63
C LYS A 124 5.68 4.61 -9.06
N GLY A 125 6.50 5.10 -8.15
CA GLY A 125 7.34 6.26 -8.50
C GLY A 125 6.46 7.46 -8.87
N ASP A 126 6.28 8.34 -7.93
CA ASP A 126 5.43 9.55 -8.19
C ASP A 126 5.60 10.06 -9.63
N ILE A 127 4.63 9.78 -10.45
CA ILE A 127 4.70 10.23 -11.86
C ILE A 127 4.58 11.73 -11.94
N GLU A 128 3.93 12.24 -10.98
CA GLU A 128 3.73 13.71 -10.91
C GLU A 128 4.88 14.39 -10.18
#